data_2FAD
# 
_entry.id   2FAD 
# 
_audit_conform.dict_name       mmcif_pdbx.dic 
_audit_conform.dict_version    5.397 
_audit_conform.dict_location   http://mmcif.pdb.org/dictionaries/ascii/mmcif_pdbx.dic 
# 
loop_
_database_2.database_id 
_database_2.database_code 
_database_2.pdbx_database_accession 
_database_2.pdbx_DOI 
PDB   2FAD         pdb_00002fad 10.2210/pdb2fad/pdb 
RCSB  RCSB035649   ?            ?                   
WWPDB D_1000035649 ?            ?                   
# 
loop_
_pdbx_audit_revision_history.ordinal 
_pdbx_audit_revision_history.data_content_type 
_pdbx_audit_revision_history.major_revision 
_pdbx_audit_revision_history.minor_revision 
_pdbx_audit_revision_history.revision_date 
1 'Structure model' 1 0 2006-09-26 
2 'Structure model' 1 1 2008-05-01 
3 'Structure model' 1 2 2011-07-13 
4 'Structure model' 1 3 2023-08-30 
5 'Structure model' 1 4 2024-10-30 
# 
_pdbx_audit_revision_details.ordinal             1 
_pdbx_audit_revision_details.revision_ordinal    1 
_pdbx_audit_revision_details.data_content_type   'Structure model' 
_pdbx_audit_revision_details.provider            repository 
_pdbx_audit_revision_details.type                'Initial release' 
_pdbx_audit_revision_details.description         ? 
_pdbx_audit_revision_details.details             ? 
# 
loop_
_pdbx_audit_revision_group.ordinal 
_pdbx_audit_revision_group.revision_ordinal 
_pdbx_audit_revision_group.data_content_type 
_pdbx_audit_revision_group.group 
1 2 'Structure model' 'Version format compliance' 
2 3 'Structure model' 'Derived calculations'      
3 3 'Structure model' 'Version format compliance' 
4 4 'Structure model' 'Data collection'           
5 4 'Structure model' 'Database references'       
6 4 'Structure model' 'Derived calculations'      
7 4 'Structure model' 'Refinement description'    
8 5 'Structure model' 'Structure summary'         
# 
loop_
_pdbx_audit_revision_category.ordinal 
_pdbx_audit_revision_category.revision_ordinal 
_pdbx_audit_revision_category.data_content_type 
_pdbx_audit_revision_category.category 
1 4 'Structure model' chem_comp_atom                
2 4 'Structure model' chem_comp_bond                
3 4 'Structure model' database_2                    
4 4 'Structure model' pdbx_initial_refinement_model 
5 4 'Structure model' pdbx_struct_conn_angle        
6 4 'Structure model' struct_conn                   
7 4 'Structure model' struct_site                   
8 5 'Structure model' pdbx_entry_details            
9 5 'Structure model' pdbx_modification_feature     
# 
loop_
_pdbx_audit_revision_item.ordinal 
_pdbx_audit_revision_item.revision_ordinal 
_pdbx_audit_revision_item.data_content_type 
_pdbx_audit_revision_item.item 
1  4 'Structure model' '_database_2.pdbx_DOI'                      
2  4 'Structure model' '_database_2.pdbx_database_accession'       
3  4 'Structure model' '_pdbx_struct_conn_angle.ptnr1_auth_seq_id' 
4  4 'Structure model' '_pdbx_struct_conn_angle.ptnr3_auth_seq_id' 
5  4 'Structure model' '_pdbx_struct_conn_angle.value'             
6  4 'Structure model' '_struct_conn.pdbx_dist_value'              
7  4 'Structure model' '_struct_conn.pdbx_leaving_atom_flag'       
8  4 'Structure model' '_struct_conn.ptnr1_auth_asym_id'           
9  4 'Structure model' '_struct_conn.ptnr1_auth_comp_id'           
10 4 'Structure model' '_struct_conn.ptnr1_auth_seq_id'            
11 4 'Structure model' '_struct_conn.ptnr1_label_asym_id'          
12 4 'Structure model' '_struct_conn.ptnr1_label_atom_id'          
13 4 'Structure model' '_struct_conn.ptnr1_label_comp_id'          
14 4 'Structure model' '_struct_conn.ptnr1_label_seq_id'           
15 4 'Structure model' '_struct_conn.ptnr2_auth_asym_id'           
16 4 'Structure model' '_struct_conn.ptnr2_auth_comp_id'           
17 4 'Structure model' '_struct_conn.ptnr2_auth_seq_id'            
18 4 'Structure model' '_struct_conn.ptnr2_label_asym_id'          
19 4 'Structure model' '_struct_conn.ptnr2_label_atom_id'          
20 4 'Structure model' '_struct_conn.ptnr2_label_comp_id'          
21 4 'Structure model' '_struct_conn.ptnr2_label_seq_id'           
22 4 'Structure model' '_struct_site.pdbx_auth_asym_id'            
23 4 'Structure model' '_struct_site.pdbx_auth_comp_id'            
24 4 'Structure model' '_struct_site.pdbx_auth_seq_id'             
# 
_pdbx_database_status.entry_id                        2FAD 
_pdbx_database_status.deposit_site                    RCSB 
_pdbx_database_status.process_site                    RCSB 
_pdbx_database_status.recvd_initial_deposition_date   2005-12-07 
_pdbx_database_status.status_code                     REL 
_pdbx_database_status.status_code_sf                  REL 
_pdbx_database_status.status_code_mr                  ? 
_pdbx_database_status.SG_entry                        ? 
_pdbx_database_status.pdb_format_compatible           Y 
_pdbx_database_status.status_code_cs                  ? 
_pdbx_database_status.status_code_nmr_data            ? 
_pdbx_database_status.methods_development_category    ? 
# 
loop_
_pdbx_database_related.db_name 
_pdbx_database_related.db_id 
_pdbx_database_related.details 
_pdbx_database_related.content_type 
PDB 1L0H 'Crystal structure of buturyl-ACP from E. coli' unspecified 
PDB 1L0I 'Crystal structure of butyryl-ACP I62M mutant'  unspecified 
# 
_audit_author.name           'Roujeinikova, A.' 
_audit_author.pdbx_ordinal   1 
# 
_citation.id                        primary 
_citation.title                     
;Structural Studies of Fatty Acyl-(Acyl Carrier Protein) Thioesters Reveal a Hydrophobic Binding Cavity that Can Expand to Fit Longer Substrates.
;
_citation.journal_abbrev            J.Mol.Biol. 
_citation.journal_volume            365 
_citation.page_first                135 
_citation.page_last                 145 
_citation.year                      2007 
_citation.journal_id_ASTM           JMOBAK 
_citation.country                   UK 
_citation.journal_id_ISSN           0022-2836 
_citation.journal_id_CSD            0070 
_citation.book_publisher            ? 
_citation.pdbx_database_id_PubMed   17059829 
_citation.pdbx_database_id_DOI      10.1016/j.jmb.2006.09.049 
# 
loop_
_citation_author.citation_id 
_citation_author.name 
_citation_author.ordinal 
_citation_author.identifier_ORCID 
primary 'Roujeinikova, A.' 1 ? 
primary 'Simon, W.J.'      2 ? 
primary 'Gilroy, J.'       3 ? 
primary 'Rice, D.W.'       4 ? 
primary 'Rafferty, J.B.'   5 ? 
primary 'Slabas, A.R.'     6 ? 
# 
loop_
_entity.id 
_entity.type 
_entity.src_method 
_entity.pdbx_description 
_entity.formula_weight 
_entity.pdbx_number_of_molecules 
_entity.pdbx_ec 
_entity.pdbx_mutation 
_entity.pdbx_fragment 
_entity.details 
1 polymer     man 'Acyl carrier protein' 8514.264 2   ? ? ? ? 
2 non-polymer syn 'SODIUM ION' 22.990   1   ? ? ? ? 
3 non-polymer syn 'ZINC ION' 65.409   8   ? ? ? ? 
4 non-polymer syn 
'S-(2-{[N-(2-HYDROXY-4-{[HYDROXY(OXIDO)PHOSPHINO]OXY}-3,3-DIMETHYLBUTANOYL)-BETA-ALANYL]AMINO}ETHYL) HEPTANETHIOATE' 454.518  2   
? ? ? ? 
5 water       nat water 18.015   191 ? ? ? ? 
# 
_entity_name_com.entity_id   1 
_entity_name_com.name        'ACP, Cytosolic-activating factor, CAF, Fatty acid synthase acyl carrier protein' 
# 
_entity_poly.entity_id                      1 
_entity_poly.type                           'polypeptide(L)' 
_entity_poly.nstd_linkage                   no 
_entity_poly.nstd_monomer                   no 
_entity_poly.pdbx_seq_one_letter_code       STIEERVKKIIGEQLGVKQEEVTNNASFVEDLGADSLDTVELVMALEEEFDTEIPDEEAEKITTVQAAIDYINGHQA 
_entity_poly.pdbx_seq_one_letter_code_can   STIEERVKKIIGEQLGVKQEEVTNNASFVEDLGADSLDTVELVMALEEEFDTEIPDEEAEKITTVQAAIDYINGHQA 
_entity_poly.pdbx_strand_id                 A,B 
_entity_poly.pdbx_target_identifier         ? 
# 
loop_
_pdbx_entity_nonpoly.entity_id 
_pdbx_entity_nonpoly.name 
_pdbx_entity_nonpoly.comp_id 
2 'SODIUM ION'                                                                                                         NA  
3 'ZINC ION'                                                                                                           ZN  
4 'S-(2-{[N-(2-HYDROXY-4-{[HYDROXY(OXIDO)PHOSPHINO]OXY}-3,3-DIMETHYLBUTANOYL)-BETA-ALANYL]AMINO}ETHYL) HEPTANETHIOATE' PM5 
5 water                                                                                                                HOH 
# 
loop_
_entity_poly_seq.entity_id 
_entity_poly_seq.num 
_entity_poly_seq.mon_id 
_entity_poly_seq.hetero 
1 1  SER n 
1 2  THR n 
1 3  ILE n 
1 4  GLU n 
1 5  GLU n 
1 6  ARG n 
1 7  VAL n 
1 8  LYS n 
1 9  LYS n 
1 10 ILE n 
1 11 ILE n 
1 12 GLY n 
1 13 GLU n 
1 14 GLN n 
1 15 LEU n 
1 16 GLY n 
1 17 VAL n 
1 18 LYS n 
1 19 GLN n 
1 20 GLU n 
1 21 GLU n 
1 22 VAL n 
1 23 THR n 
1 24 ASN n 
1 25 ASN n 
1 26 ALA n 
1 27 SER n 
1 28 PHE n 
1 29 VAL n 
1 30 GLU n 
1 31 ASP n 
1 32 LEU n 
1 33 GLY n 
1 34 ALA n 
1 35 ASP n 
1 36 SER n 
1 37 LEU n 
1 38 ASP n 
1 39 THR n 
1 40 VAL n 
1 41 GLU n 
1 42 LEU n 
1 43 VAL n 
1 44 MET n 
1 45 ALA n 
1 46 LEU n 
1 47 GLU n 
1 48 GLU n 
1 49 GLU n 
1 50 PHE n 
1 51 ASP n 
1 52 THR n 
1 53 GLU n 
1 54 ILE n 
1 55 PRO n 
1 56 ASP n 
1 57 GLU n 
1 58 GLU n 
1 59 ALA n 
1 60 GLU n 
1 61 LYS n 
1 62 ILE n 
1 63 THR n 
1 64 THR n 
1 65 VAL n 
1 66 GLN n 
1 67 ALA n 
1 68 ALA n 
1 69 ILE n 
1 70 ASP n 
1 71 TYR n 
1 72 ILE n 
1 73 ASN n 
1 74 GLY n 
1 75 HIS n 
1 76 GLN n 
1 77 ALA n 
# 
_entity_src_gen.entity_id                          1 
_entity_src_gen.pdbx_src_id                        1 
_entity_src_gen.pdbx_alt_source_flag               sample 
_entity_src_gen.pdbx_seq_type                      ? 
_entity_src_gen.pdbx_beg_seq_num                   ? 
_entity_src_gen.pdbx_end_seq_num                   ? 
_entity_src_gen.gene_src_common_name               ? 
_entity_src_gen.gene_src_genus                     Escherichia 
_entity_src_gen.pdbx_gene_src_gene                 acpP 
_entity_src_gen.gene_src_species                   ? 
_entity_src_gen.gene_src_strain                    ? 
_entity_src_gen.gene_src_tissue                    ? 
_entity_src_gen.gene_src_tissue_fraction           ? 
_entity_src_gen.gene_src_details                   ? 
_entity_src_gen.pdbx_gene_src_fragment             ? 
_entity_src_gen.pdbx_gene_src_scientific_name      'Escherichia coli' 
_entity_src_gen.pdbx_gene_src_ncbi_taxonomy_id     562 
_entity_src_gen.pdbx_gene_src_variant              ? 
_entity_src_gen.pdbx_gene_src_cell_line            ? 
_entity_src_gen.pdbx_gene_src_atcc                 ? 
_entity_src_gen.pdbx_gene_src_organ                ? 
_entity_src_gen.pdbx_gene_src_organelle            ? 
_entity_src_gen.pdbx_gene_src_cell                 ? 
_entity_src_gen.pdbx_gene_src_cellular_location    ? 
_entity_src_gen.host_org_common_name               ? 
_entity_src_gen.pdbx_host_org_scientific_name      'Escherichia coli BL21(DE3)' 
_entity_src_gen.pdbx_host_org_ncbi_taxonomy_id     469008 
_entity_src_gen.host_org_genus                     Escherichia 
_entity_src_gen.pdbx_host_org_gene                 ? 
_entity_src_gen.pdbx_host_org_organ                ? 
_entity_src_gen.host_org_species                   'Escherichia coli' 
_entity_src_gen.pdbx_host_org_tissue               ? 
_entity_src_gen.pdbx_host_org_tissue_fraction      ? 
_entity_src_gen.pdbx_host_org_strain               'BL21(DE3)' 
_entity_src_gen.pdbx_host_org_variant              ? 
_entity_src_gen.pdbx_host_org_cell_line            ? 
_entity_src_gen.pdbx_host_org_atcc                 ? 
_entity_src_gen.pdbx_host_org_culture_collection   ? 
_entity_src_gen.pdbx_host_org_cell                 ? 
_entity_src_gen.pdbx_host_org_organelle            ? 
_entity_src_gen.pdbx_host_org_cellular_location    ? 
_entity_src_gen.pdbx_host_org_vector_type          ? 
_entity_src_gen.pdbx_host_org_vector               ? 
_entity_src_gen.host_org_details                   ? 
_entity_src_gen.expression_system_id               ? 
_entity_src_gen.plasmid_name                       ? 
_entity_src_gen.plasmid_details                    ? 
_entity_src_gen.pdbx_description                   ? 
# 
loop_
_chem_comp.id 
_chem_comp.type 
_chem_comp.mon_nstd_flag 
_chem_comp.name 
_chem_comp.pdbx_synonyms 
_chem_comp.formula 
_chem_comp.formula_weight 
ALA 'L-peptide linking' y ALANINE ? 'C3 H7 N O2'        89.093  
ARG 'L-peptide linking' y ARGININE ? 'C6 H15 N4 O2 1'    175.209 
ASN 'L-peptide linking' y ASPARAGINE ? 'C4 H8 N2 O3'       132.118 
ASP 'L-peptide linking' y 'ASPARTIC ACID' ? 'C4 H7 N O4'        133.103 
GLN 'L-peptide linking' y GLUTAMINE ? 'C5 H10 N2 O3'      146.144 
GLU 'L-peptide linking' y 'GLUTAMIC ACID' ? 'C5 H9 N O4'        147.129 
GLY 'peptide linking'   y GLYCINE ? 'C2 H5 N O2'        75.067  
HIS 'L-peptide linking' y HISTIDINE ? 'C6 H10 N3 O2 1'    156.162 
HOH non-polymer         . WATER ? 'H2 O'              18.015  
ILE 'L-peptide linking' y ISOLEUCINE ? 'C6 H13 N O2'       131.173 
LEU 'L-peptide linking' y LEUCINE ? 'C6 H13 N O2'       131.173 
LYS 'L-peptide linking' y LYSINE ? 'C6 H15 N2 O2 1'    147.195 
MET 'L-peptide linking' y METHIONINE ? 'C5 H11 N O2 S'     149.211 
NA  non-polymer         . 'SODIUM ION' ? 'Na 1'              22.990  
PHE 'L-peptide linking' y PHENYLALANINE ? 'C9 H11 N O2'       165.189 
PM5 non-polymer         . 
'S-(2-{[N-(2-HYDROXY-4-{[HYDROXY(OXIDO)PHOSPHINO]OXY}-3,3-DIMETHYLBUTANOYL)-BETA-ALANYL]AMINO}ETHYL) HEPTANETHIOATE' ? 
'C18 H35 N2 O7 P S' 454.518 
PRO 'L-peptide linking' y PROLINE ? 'C5 H9 N O2'        115.130 
SER 'L-peptide linking' y SERINE ? 'C3 H7 N O3'        105.093 
THR 'L-peptide linking' y THREONINE ? 'C4 H9 N O3'        119.119 
TYR 'L-peptide linking' y TYROSINE ? 'C9 H11 N O3'       181.189 
VAL 'L-peptide linking' y VALINE ? 'C5 H11 N O2'       117.146 
ZN  non-polymer         . 'ZINC ION' ? 'Zn 2'              65.409  
# 
loop_
_pdbx_poly_seq_scheme.asym_id 
_pdbx_poly_seq_scheme.entity_id 
_pdbx_poly_seq_scheme.seq_id 
_pdbx_poly_seq_scheme.mon_id 
_pdbx_poly_seq_scheme.ndb_seq_num 
_pdbx_poly_seq_scheme.pdb_seq_num 
_pdbx_poly_seq_scheme.auth_seq_num 
_pdbx_poly_seq_scheme.pdb_mon_id 
_pdbx_poly_seq_scheme.auth_mon_id 
_pdbx_poly_seq_scheme.pdb_strand_id 
_pdbx_poly_seq_scheme.pdb_ins_code 
_pdbx_poly_seq_scheme.hetero 
A 1 1  SER 1  1  1  SER SER A . n 
A 1 2  THR 2  2  2  THR THR A . n 
A 1 3  ILE 3  3  3  ILE ILE A . n 
A 1 4  GLU 4  4  4  GLU GLU A . n 
A 1 5  GLU 5  5  5  GLU GLU A . n 
A 1 6  ARG 6  6  6  ARG ARG A . n 
A 1 7  VAL 7  7  7  VAL VAL A . n 
A 1 8  LYS 8  8  8  LYS LYS A . n 
A 1 9  LYS 9  9  9  LYS LYS A . n 
A 1 10 ILE 10 10 10 ILE ILE A . n 
A 1 11 ILE 11 11 11 ILE ILE A . n 
A 1 12 GLY 12 12 12 GLY GLY A . n 
A 1 13 GLU 13 13 13 GLU GLU A . n 
A 1 14 GLN 14 14 14 GLN GLN A . n 
A 1 15 LEU 15 15 15 LEU LEU A . n 
A 1 16 GLY 16 16 16 GLY GLY A . n 
A 1 17 VAL 17 17 17 VAL VAL A . n 
A 1 18 LYS 18 18 18 LYS LYS A . n 
A 1 19 GLN 19 19 19 GLN GLN A . n 
A 1 20 GLU 20 20 20 GLU GLU A . n 
A 1 21 GLU 21 21 21 GLU GLU A . n 
A 1 22 VAL 22 22 22 VAL VAL A . n 
A 1 23 THR 23 23 23 THR THR A . n 
A 1 24 ASN 24 24 24 ASN ASN A . n 
A 1 25 ASN 25 25 25 ASN ASN A . n 
A 1 26 ALA 26 26 26 ALA ALA A . n 
A 1 27 SER 27 27 27 SER SER A . n 
A 1 28 PHE 28 28 28 PHE PHE A . n 
A 1 29 VAL 29 29 29 VAL VAL A . n 
A 1 30 GLU 30 30 30 GLU GLU A . n 
A 1 31 ASP 31 31 31 ASP ASP A . n 
A 1 32 LEU 32 32 32 LEU LEU A . n 
A 1 33 GLY 33 33 33 GLY GLY A . n 
A 1 34 ALA 34 34 34 ALA ALA A . n 
A 1 35 ASP 35 35 35 ASP ASP A . n 
A 1 36 SER 36 36 36 SER SER A . n 
A 1 37 LEU 37 37 37 LEU LEU A . n 
A 1 38 ASP 38 38 38 ASP ASP A . n 
A 1 39 THR 39 39 39 THR THR A . n 
A 1 40 VAL 40 40 40 VAL VAL A . n 
A 1 41 GLU 41 41 41 GLU GLU A . n 
A 1 42 LEU 42 42 42 LEU LEU A . n 
A 1 43 VAL 43 43 43 VAL VAL A . n 
A 1 44 MET 44 44 44 MET MET A . n 
A 1 45 ALA 45 45 45 ALA ALA A . n 
A 1 46 LEU 46 46 46 LEU LEU A . n 
A 1 47 GLU 47 47 47 GLU GLU A . n 
A 1 48 GLU 48 48 48 GLU GLU A . n 
A 1 49 GLU 49 49 49 GLU GLU A . n 
A 1 50 PHE 50 50 50 PHE PHE A . n 
A 1 51 ASP 51 51 51 ASP ASP A . n 
A 1 52 THR 52 52 52 THR THR A . n 
A 1 53 GLU 53 53 53 GLU GLU A . n 
A 1 54 ILE 54 54 54 ILE ILE A . n 
A 1 55 PRO 55 55 55 PRO PRO A . n 
A 1 56 ASP 56 56 56 ASP ASP A . n 
A 1 57 GLU 57 57 57 GLU GLU A . n 
A 1 58 GLU 58 58 58 GLU GLU A . n 
A 1 59 ALA 59 59 59 ALA ALA A . n 
A 1 60 GLU 60 60 60 GLU GLU A . n 
A 1 61 LYS 61 61 61 LYS LYS A . n 
A 1 62 ILE 62 62 62 ILE ILE A . n 
A 1 63 THR 63 63 63 THR THR A . n 
A 1 64 THR 64 64 64 THR THR A . n 
A 1 65 VAL 65 65 65 VAL VAL A . n 
A 1 66 GLN 66 66 66 GLN GLN A . n 
A 1 67 ALA 67 67 67 ALA ALA A . n 
A 1 68 ALA 68 68 68 ALA ALA A . n 
A 1 69 ILE 69 69 69 ILE ILE A . n 
A 1 70 ASP 70 70 70 ASP ASP A . n 
A 1 71 TYR 71 71 71 TYR TYR A . n 
A 1 72 ILE 72 72 72 ILE ILE A . n 
A 1 73 ASN 73 73 73 ASN ASN A . n 
A 1 74 GLY 74 74 74 GLY GLY A . n 
A 1 75 HIS 75 75 75 HIS HIS A . n 
A 1 76 GLN 76 76 76 GLN GLN A . n 
A 1 77 ALA 77 77 77 ALA ALA A . n 
B 1 1  SER 1  1  1  SER SER B . n 
B 1 2  THR 2  2  2  THR THR B . n 
B 1 3  ILE 3  3  3  ILE ILE B . n 
B 1 4  GLU 4  4  4  GLU GLU B . n 
B 1 5  GLU 5  5  5  GLU GLU B . n 
B 1 6  ARG 6  6  6  ARG ARG B . n 
B 1 7  VAL 7  7  7  VAL VAL B . n 
B 1 8  LYS 8  8  8  LYS LYS B . n 
B 1 9  LYS 9  9  9  LYS LYS B . n 
B 1 10 ILE 10 10 10 ILE ILE B . n 
B 1 11 ILE 11 11 11 ILE ILE B . n 
B 1 12 GLY 12 12 12 GLY GLY B . n 
B 1 13 GLU 13 13 13 GLU GLU B . n 
B 1 14 GLN 14 14 14 GLN GLN B . n 
B 1 15 LEU 15 15 15 LEU LEU B . n 
B 1 16 GLY 16 16 16 GLY GLY B . n 
B 1 17 VAL 17 17 17 VAL VAL B . n 
B 1 18 LYS 18 18 18 LYS LYS B . n 
B 1 19 GLN 19 19 19 GLN GLN B . n 
B 1 20 GLU 20 20 20 GLU GLU B . n 
B 1 21 GLU 21 21 21 GLU GLU B . n 
B 1 22 VAL 22 22 22 VAL VAL B . n 
B 1 23 THR 23 23 23 THR THR B . n 
B 1 24 ASN 24 24 24 ASN ASN B . n 
B 1 25 ASN 25 25 25 ASN ASN B . n 
B 1 26 ALA 26 26 26 ALA ALA B . n 
B 1 27 SER 27 27 27 SER SER B . n 
B 1 28 PHE 28 28 28 PHE PHE B . n 
B 1 29 VAL 29 29 29 VAL VAL B . n 
B 1 30 GLU 30 30 30 GLU GLU B . n 
B 1 31 ASP 31 31 31 ASP ASP B . n 
B 1 32 LEU 32 32 32 LEU LEU B . n 
B 1 33 GLY 33 33 33 GLY GLY B . n 
B 1 34 ALA 34 34 34 ALA ALA B . n 
B 1 35 ASP 35 35 35 ASP ASP B . n 
B 1 36 SER 36 36 36 SER SER B . n 
B 1 37 LEU 37 37 37 LEU LEU B . n 
B 1 38 ASP 38 38 38 ASP ASP B . n 
B 1 39 THR 39 39 39 THR THR B . n 
B 1 40 VAL 40 40 40 VAL VAL B . n 
B 1 41 GLU 41 41 41 GLU GLU B . n 
B 1 42 LEU 42 42 42 LEU LEU B . n 
B 1 43 VAL 43 43 43 VAL VAL B . n 
B 1 44 MET 44 44 44 MET MET B . n 
B 1 45 ALA 45 45 45 ALA ALA B . n 
B 1 46 LEU 46 46 46 LEU LEU B . n 
B 1 47 GLU 47 47 47 GLU GLU B . n 
B 1 48 GLU 48 48 48 GLU GLU B . n 
B 1 49 GLU 49 49 49 GLU GLU B . n 
B 1 50 PHE 50 50 50 PHE PHE B . n 
B 1 51 ASP 51 51 51 ASP ASP B . n 
B 1 52 THR 52 52 52 THR THR B . n 
B 1 53 GLU 53 53 53 GLU GLU B . n 
B 1 54 ILE 54 54 54 ILE ILE B . n 
B 1 55 PRO 55 55 55 PRO PRO B . n 
B 1 56 ASP 56 56 56 ASP ASP B . n 
B 1 57 GLU 57 57 57 GLU GLU B . n 
B 1 58 GLU 58 58 58 GLU GLU B . n 
B 1 59 ALA 59 59 59 ALA ALA B . n 
B 1 60 GLU 60 60 60 GLU GLU B . n 
B 1 61 LYS 61 61 61 LYS LYS B . n 
B 1 62 ILE 62 62 62 ILE ILE B . n 
B 1 63 THR 63 63 63 THR THR B . n 
B 1 64 THR 64 64 64 THR THR B . n 
B 1 65 VAL 65 65 65 VAL VAL B . n 
B 1 66 GLN 66 66 66 GLN GLN B . n 
B 1 67 ALA 67 67 67 ALA ALA B . n 
B 1 68 ALA 68 68 68 ALA ALA B . n 
B 1 69 ILE 69 69 69 ILE ILE B . n 
B 1 70 ASP 70 70 70 ASP ASP B . n 
B 1 71 TYR 71 71 71 TYR TYR B . n 
B 1 72 ILE 72 72 72 ILE ILE B . n 
B 1 73 ASN 73 73 73 ASN ASN B . n 
B 1 74 GLY 74 74 74 GLY GLY B . n 
B 1 75 HIS 75 75 75 HIS HIS B . n 
B 1 76 GLN 76 76 76 GLN GLN B . n 
B 1 77 ALA 77 77 77 ALA ALA B . n 
# 
loop_
_pdbx_nonpoly_scheme.asym_id 
_pdbx_nonpoly_scheme.entity_id 
_pdbx_nonpoly_scheme.mon_id 
_pdbx_nonpoly_scheme.ndb_seq_num 
_pdbx_nonpoly_scheme.pdb_seq_num 
_pdbx_nonpoly_scheme.auth_seq_num 
_pdbx_nonpoly_scheme.pdb_mon_id 
_pdbx_nonpoly_scheme.auth_mon_id 
_pdbx_nonpoly_scheme.pdb_strand_id 
_pdbx_nonpoly_scheme.pdb_ins_code 
C 2 NA  1   401 401  NA  NA  A . 
D 3 ZN  1   402 402  ZN  ZN  A . 
E 3 ZN  1   403 403  ZN  ZN  A . 
F 3 ZN  1   404 404  ZN  ZN  A . 
G 3 ZN  1   405 405  ZN  ZN  A . 
H 3 ZN  1   406 406  ZN  ZN  A . 
I 3 ZN  1   407 407  ZN  ZN  A . 
J 3 ZN  1   408 408  ZN  ZN  A . 
K 4 PM5 1   301 301  PM5 PM5 A . 
L 3 ZN  1   409 409  ZN  ZN  B . 
M 4 PM5 1   302 302  PM5 PM5 B . 
N 5 HOH 1   409 4    HOH WAT A . 
N 5 HOH 2   410 5    HOH WAT A . 
N 5 HOH 3   411 6    HOH WAT A . 
N 5 HOH 4   412 7    HOH WAT A . 
N 5 HOH 5   413 8    HOH WAT A . 
N 5 HOH 6   414 10   HOH WAT A . 
N 5 HOH 7   415 12   HOH WAT A . 
N 5 HOH 8   416 13   HOH WAT A . 
N 5 HOH 9   417 14   HOH WAT A . 
N 5 HOH 10  418 15   HOH WAT A . 
N 5 HOH 11  419 16   HOH WAT A . 
N 5 HOH 12  420 17   HOH WAT A . 
N 5 HOH 13  421 18   HOH WAT A . 
N 5 HOH 14  422 20   HOH WAT A . 
N 5 HOH 15  423 21   HOH WAT A . 
N 5 HOH 16  424 23   HOH WAT A . 
N 5 HOH 17  425 24   HOH WAT A . 
N 5 HOH 18  426 26   HOH WAT A . 
N 5 HOH 19  427 27   HOH WAT A . 
N 5 HOH 20  428 30   HOH WAT A . 
N 5 HOH 21  429 32   HOH WAT A . 
N 5 HOH 22  430 33   HOH WAT A . 
N 5 HOH 23  431 34   HOH WAT A . 
N 5 HOH 24  432 39   HOH WAT A . 
N 5 HOH 25  433 41   HOH WAT A . 
N 5 HOH 26  434 42   HOH WAT A . 
N 5 HOH 27  435 43   HOH WAT A . 
N 5 HOH 28  436 45   HOH WAT A . 
N 5 HOH 29  437 46   HOH WAT A . 
N 5 HOH 30  438 47   HOH WAT A . 
N 5 HOH 31  439 48   HOH WAT A . 
N 5 HOH 32  440 49   HOH WAT A . 
N 5 HOH 33  441 50   HOH WAT A . 
N 5 HOH 34  442 51   HOH WAT A . 
N 5 HOH 35  443 52   HOH WAT A . 
N 5 HOH 36  444 64   HOH WAT A . 
N 5 HOH 37  445 65   HOH WAT A . 
N 5 HOH 38  446 66   HOH WAT A . 
N 5 HOH 39  447 67   HOH WAT A . 
N 5 HOH 40  448 68   HOH WAT A . 
N 5 HOH 41  449 69   HOH WAT A . 
N 5 HOH 42  450 70   HOH WAT A . 
N 5 HOH 43  451 72   HOH WAT A . 
N 5 HOH 44  452 74   HOH WAT A . 
N 5 HOH 45  453 75   HOH WAT A . 
N 5 HOH 46  454 76   HOH WAT A . 
N 5 HOH 47  455 77   HOH WAT A . 
N 5 HOH 48  456 78   HOH WAT A . 
N 5 HOH 49  457 79   HOH WAT A . 
N 5 HOH 50  458 80   HOH WAT A . 
N 5 HOH 51  459 81   HOH WAT A . 
N 5 HOH 52  460 82   HOH WAT A . 
N 5 HOH 53  461 87   HOH WAT A . 
N 5 HOH 54  462 88   HOH WAT A . 
N 5 HOH 55  463 89   HOH WAT A . 
N 5 HOH 56  464 90   HOH WAT A . 
N 5 HOH 57  465 92   HOH WAT A . 
N 5 HOH 58  466 93   HOH WAT A . 
N 5 HOH 59  467 94   HOH WAT A . 
N 5 HOH 60  468 100  HOH WAT A . 
N 5 HOH 61  469 101  HOH WAT A . 
N 5 HOH 62  470 103  HOH WAT A . 
N 5 HOH 63  471 104  HOH WAT A . 
N 5 HOH 64  472 124  HOH WAT A . 
N 5 HOH 65  473 129  HOH WAT A . 
N 5 HOH 66  474 130  HOH WAT A . 
N 5 HOH 67  475 131  HOH WAT A . 
N 5 HOH 68  476 132  HOH WAT A . 
N 5 HOH 69  477 133  HOH WAT A . 
N 5 HOH 70  478 134  HOH WAT A . 
N 5 HOH 71  479 135  HOH WAT A . 
N 5 HOH 72  480 136  HOH WAT A . 
N 5 HOH 73  481 137  HOH WAT A . 
N 5 HOH 74  482 139  HOH WAT A . 
N 5 HOH 75  483 140  HOH WAT A . 
N 5 HOH 76  484 141  HOH WAT A . 
N 5 HOH 77  485 142  HOH WAT A . 
N 5 HOH 78  486 143  HOH WAT A . 
N 5 HOH 79  487 144  HOH WAT A . 
N 5 HOH 80  488 145  HOH WAT A . 
N 5 HOH 81  489 146  HOH WAT A . 
N 5 HOH 82  490 147  HOH WAT A . 
N 5 HOH 83  491 148  HOH WAT A . 
N 5 HOH 84  492 149  HOH WAT A . 
N 5 HOH 85  493 151  HOH WAT A . 
N 5 HOH 86  494 152  HOH WAT A . 
N 5 HOH 87  495 153  HOH WAT A . 
N 5 HOH 88  496 154  HOH WAT A . 
N 5 HOH 89  497 159  HOH WAT A . 
N 5 HOH 90  498 163  HOH WAT A . 
N 5 HOH 91  499 166  HOH WAT A . 
N 5 HOH 92  500 168  HOH WAT A . 
N 5 HOH 93  501 170  HOH WAT A . 
N 5 HOH 94  502 171  HOH WAT A . 
N 5 HOH 95  503 172  HOH WAT A . 
N 5 HOH 96  504 174  HOH WAT A . 
N 5 HOH 97  505 187  HOH WAT A . 
N 5 HOH 98  506 188  HOH WAT A . 
N 5 HOH 99  507 189  HOH WAT A . 
N 5 HOH 100 508 190  HOH WAT A . 
N 5 HOH 101 509 191  HOH WAT A . 
N 5 HOH 102 510 192  HOH WAT A . 
N 5 HOH 103 511 198  HOH WAT A . 
N 5 HOH 104 512 202  HOH WAT A . 
N 5 HOH 105 513 208  HOH WAT A . 
N 5 HOH 106 514 1000 HOH WAT A . 
N 5 HOH 107 515 1001 HOH WAT A . 
N 5 HOH 108 516 1002 HOH WAT A . 
N 5 HOH 109 517 1003 HOH WAT A . 
N 5 HOH 110 518 1004 HOH WAT A . 
N 5 HOH 111 519 1005 HOH WAT A . 
N 5 HOH 112 520 1006 HOH WAT A . 
N 5 HOH 113 521 1007 HOH WAT A . 
N 5 HOH 114 522 1008 HOH WAT A . 
N 5 HOH 115 523 1020 HOH WAT A . 
N 5 HOH 116 524 1022 HOH WAT A . 
N 5 HOH 117 525 1031 HOH WAT A . 
N 5 HOH 118 526 1034 HOH WAT A . 
N 5 HOH 119 527 1035 HOH WAT A . 
N 5 HOH 120 528 1036 HOH WAT A . 
N 5 HOH 121 529 1037 HOH WAT A . 
N 5 HOH 122 530 1039 HOH WAT A . 
O 5 HOH 1   410 3    HOH WAT B . 
O 5 HOH 2   411 9    HOH WAT B . 
O 5 HOH 3   412 11   HOH WAT B . 
O 5 HOH 4   413 36   HOH WAT B . 
O 5 HOH 5   414 37   HOH WAT B . 
O 5 HOH 6   415 38   HOH WAT B . 
O 5 HOH 7   416 53   HOH WAT B . 
O 5 HOH 8   417 54   HOH WAT B . 
O 5 HOH 9   418 56   HOH WAT B . 
O 5 HOH 10  419 57   HOH WAT B . 
O 5 HOH 11  420 58   HOH WAT B . 
O 5 HOH 12  421 59   HOH WAT B . 
O 5 HOH 13  422 60   HOH WAT B . 
O 5 HOH 14  423 61   HOH WAT B . 
O 5 HOH 15  424 62   HOH WAT B . 
O 5 HOH 16  425 63   HOH WAT B . 
O 5 HOH 17  426 71   HOH WAT B . 
O 5 HOH 18  427 73   HOH WAT B . 
O 5 HOH 19  428 95   HOH WAT B . 
O 5 HOH 20  429 102  HOH WAT B . 
O 5 HOH 21  430 105  HOH WAT B . 
O 5 HOH 22  431 106  HOH WAT B . 
O 5 HOH 23  432 107  HOH WAT B . 
O 5 HOH 24  433 108  HOH WAT B . 
O 5 HOH 25  434 109  HOH WAT B . 
O 5 HOH 26  435 110  HOH WAT B . 
O 5 HOH 27  436 111  HOH WAT B . 
O 5 HOH 28  437 112  HOH WAT B . 
O 5 HOH 29  438 113  HOH WAT B . 
O 5 HOH 30  439 120  HOH WAT B . 
O 5 HOH 31  440 121  HOH WAT B . 
O 5 HOH 32  441 122  HOH WAT B . 
O 5 HOH 33  442 123  HOH WAT B . 
O 5 HOH 34  443 125  HOH WAT B . 
O 5 HOH 35  444 126  HOH WAT B . 
O 5 HOH 36  445 127  HOH WAT B . 
O 5 HOH 37  446 128  HOH WAT B . 
O 5 HOH 38  447 138  HOH WAT B . 
O 5 HOH 39  448 157  HOH WAT B . 
O 5 HOH 40  449 158  HOH WAT B . 
O 5 HOH 41  450 162  HOH WAT B . 
O 5 HOH 42  451 175  HOH WAT B . 
O 5 HOH 43  452 176  HOH WAT B . 
O 5 HOH 44  453 177  HOH WAT B . 
O 5 HOH 45  454 178  HOH WAT B . 
O 5 HOH 46  455 179  HOH WAT B . 
O 5 HOH 47  456 180  HOH WAT B . 
O 5 HOH 48  457 181  HOH WAT B . 
O 5 HOH 49  458 193  HOH WAT B . 
O 5 HOH 50  459 199  HOH WAT B . 
O 5 HOH 51  460 200  HOH WAT B . 
O 5 HOH 52  461 201  HOH WAT B . 
O 5 HOH 53  462 203  HOH WAT B . 
O 5 HOH 54  463 204  HOH WAT B . 
O 5 HOH 55  464 205  HOH WAT B . 
O 5 HOH 56  465 206  HOH WAT B . 
O 5 HOH 57  466 207  HOH WAT B . 
O 5 HOH 58  467 1023 HOH WAT B . 
O 5 HOH 59  468 1024 HOH WAT B . 
O 5 HOH 60  469 1025 HOH WAT B . 
O 5 HOH 61  470 1026 HOH WAT B . 
O 5 HOH 62  471 1027 HOH WAT B . 
O 5 HOH 63  472 1028 HOH WAT B . 
O 5 HOH 64  473 1029 HOH WAT B . 
O 5 HOH 65  474 1030 HOH WAT B . 
O 5 HOH 66  475 1032 HOH WAT B . 
O 5 HOH 67  476 1033 HOH WAT B . 
O 5 HOH 68  477 1038 HOH WAT B . 
O 5 HOH 69  478 1040 HOH WAT B . 
# 
loop_
_software.name 
_software.version 
_software.date 
_software.type 
_software.contact_author 
_software.contact_author_email 
_software.classification 
_software.location 
_software.language 
_software.citation_id 
_software.pdbx_ordinal 
CNS         .     ?               package 'Axel T. Brunger' axel.brunger@yale.edu    refinement        
http://cns.csb.yale.edu/v1.1/    Fortran_77 ? 1 
PDB_EXTRACT 1.701 'OCT. 28, 2005' package PDB               sw-help@rcsb.rutgers.edu 'data extraction' 
http://pdb.rutgers.edu/software/ C++        ? 2 
DENZO       .     ?               ?       ?                 ?                        'data reduction'  ? ?          ? 3 
SCALEPACK   .     ?               ?       ?                 ?                        'data scaling'    ? ?          ? 4 
CNS         .     ?               ?       ?                 ?                        phasing           ? ?          ? 5 
# 
_cell.length_a           49.257 
_cell.length_b           106.244 
_cell.length_c           28.195 
_cell.angle_alpha        90.00 
_cell.angle_beta         90.00 
_cell.angle_gamma        90.00 
_cell.entry_id           2FAD 
_cell.pdbx_unique_axis   ? 
_cell.Z_PDB              8 
_cell.length_a_esd       ? 
_cell.length_b_esd       ? 
_cell.length_c_esd       ? 
_cell.angle_alpha_esd    ? 
_cell.angle_beta_esd     ? 
_cell.angle_gamma_esd    ? 
# 
_symmetry.space_group_name_H-M             'P 21 21 2' 
_symmetry.entry_id                         2FAD 
_symmetry.pdbx_full_space_group_name_H-M   ? 
_symmetry.Int_Tables_number                18 
_symmetry.cell_setting                     ? 
_symmetry.space_group_name_Hall            ? 
# 
_exptl.entry_id          2FAD 
_exptl.crystals_number   1 
_exptl.method            'X-RAY DIFFRACTION' 
# 
_exptl_crystal.id                    1 
_exptl_crystal.density_Matthews      2.17 
_exptl_crystal.density_meas          ? 
_exptl_crystal.density_percent_sol   43.21 
_exptl_crystal.description           ? 
_exptl_crystal.F_000                 ? 
_exptl_crystal.preparation           ? 
# 
_exptl_crystal_grow.crystal_id      1 
_exptl_crystal_grow.method          'VAPOR DIFFUSION, HANGING DROP' 
_exptl_crystal_grow.pH              6.0 
_exptl_crystal_grow.temp            290 
_exptl_crystal_grow.temp_details    ? 
_exptl_crystal_grow.pdbx_details    
'8-12% PEG 4000, 30 mM zinc acetate, 50 mM sodium cocadylate, pH 6.0, VAPOR DIFFUSION, HANGING DROP, temperature 290K' 
_exptl_crystal_grow.pdbx_pH_range   . 
# 
_diffrn.id                     1 
_diffrn.ambient_temp           100 
_diffrn.ambient_temp_details   ? 
_diffrn.crystal_id             1 
# 
_diffrn_radiation.diffrn_id                        1 
_diffrn_radiation.wavelength_id                    1 
_diffrn_radiation.pdbx_diffrn_protocol             'SINGLE WAVELENGTH' 
_diffrn_radiation.monochromator                    ? 
_diffrn_radiation.pdbx_monochromatic_or_laue_m_l   M 
_diffrn_radiation.pdbx_scattering_type             x-ray 
# 
_diffrn_radiation_wavelength.id           1 
_diffrn_radiation_wavelength.wavelength   0.933 
_diffrn_radiation_wavelength.wt           1.0 
# 
_diffrn_source.diffrn_id                   1 
_diffrn_source.source                      SYNCHROTRON 
_diffrn_source.type                        'ESRF BEAMLINE ID14-2' 
_diffrn_source.pdbx_wavelength             ? 
_diffrn_source.pdbx_wavelength_list        0.933 
_diffrn_source.pdbx_synchrotron_site       ESRF 
_diffrn_source.pdbx_synchrotron_beamline   ID14-2 
# 
_reflns.entry_id                     2FAD 
_reflns.observed_criterion_sigma_F   0 
_reflns.observed_criterion_sigma_I   0 
_reflns.d_resolution_high            1.6 
_reflns.d_resolution_low             15 
_reflns.number_all                   ? 
_reflns.number_obs                   16351 
_reflns.percent_possible_obs         80 
_reflns.pdbx_Rmerge_I_obs            0.056 
_reflns.pdbx_Rsym_value              ? 
_reflns.pdbx_netI_over_sigmaI        19.3 
_reflns.B_iso_Wilson_estimate        16 
_reflns.pdbx_redundancy              2.7 
_reflns.R_free_details               ? 
_reflns.limit_h_max                  ? 
_reflns.limit_h_min                  ? 
_reflns.limit_k_max                  ? 
_reflns.limit_k_min                  ? 
_reflns.limit_l_max                  ? 
_reflns.limit_l_min                  ? 
_reflns.observed_criterion_F_max     ? 
_reflns.observed_criterion_F_min     ? 
_reflns.pdbx_chi_squared             ? 
_reflns.pdbx_scaling_rejects         ? 
_reflns.pdbx_ordinal                 1 
_reflns.pdbx_diffrn_id               1 
# 
_reflns_shell.d_res_high             1.60 
_reflns_shell.d_res_low              1.66 
_reflns_shell.percent_possible_obs   ? 
_reflns_shell.percent_possible_all   74 
_reflns_shell.Rmerge_I_obs           0.4 
_reflns_shell.meanI_over_sigI_obs    2.2 
_reflns_shell.pdbx_Rsym_value        ? 
_reflns_shell.pdbx_redundancy        ? 
_reflns_shell.number_unique_all      1477 
_reflns_shell.number_measured_all    ? 
_reflns_shell.number_measured_obs    ? 
_reflns_shell.number_unique_obs      ? 
_reflns_shell.pdbx_chi_squared       ? 
_reflns_shell.pdbx_ordinal           1 
_reflns_shell.pdbx_diffrn_id         1 
# 
_refine.ls_d_res_high                            1.600 
_refine.ls_d_res_low                             10.000 
_refine.pdbx_ls_sigma_F                          0.00 
_refine.ls_percent_reflns_obs                    78.800 
_refine.ls_number_reflns_obs                     15929 
_refine.ls_R_factor_R_work                       0.209 
_refine.ls_R_factor_R_free                       0.256 
_refine.ls_percent_reflns_R_free                 3.800 
_refine.ls_number_reflns_R_free                  773 
_refine.B_iso_mean                               21.289 
_refine.solvent_model_param_bsol                 60.276 
_refine.aniso_B[1][1]                            -5.574 
_refine.aniso_B[2][2]                            1.663 
_refine.aniso_B[3][3]                            3.911 
_refine.aniso_B[1][2]                            0.000 
_refine.aniso_B[1][3]                            0.000 
_refine.aniso_B[2][3]                            0.000 
_refine.entry_id                                 2FAD 
_refine.pdbx_ls_sigma_I                          ? 
_refine.ls_number_reflns_all                     ? 
_refine.ls_R_factor_all                          ? 
_refine.ls_R_factor_obs                          ? 
_refine.ls_redundancy_reflns_obs                 ? 
_refine.pdbx_data_cutoff_high_absF               ? 
_refine.pdbx_data_cutoff_low_absF                ? 
_refine.ls_number_parameters                     ? 
_refine.ls_number_restraints                     ? 
_refine.ls_R_factor_R_free_error                 ? 
_refine.ls_R_factor_R_free_error_details         ? 
_refine.pdbx_method_to_determine_struct          'MOLECULAR REPLACEMENT' 
_refine.pdbx_starting_model                      'PDB 1L0I' 
_refine.pdbx_ls_cross_valid_method               ? 
_refine.pdbx_R_Free_selection_details            '5% omitted at random' 
_refine.pdbx_stereochem_target_val_spec_case     ? 
_refine.pdbx_stereochemistry_target_values       ? 
_refine.solvent_model_details                    ? 
_refine.solvent_model_param_ksol                 ? 
_refine.occupancy_max                            ? 
_refine.occupancy_min                            ? 
_refine.pdbx_isotropic_thermal_model             ? 
_refine.details                                  ? 
_refine.B_iso_min                                ? 
_refine.B_iso_max                                ? 
_refine.correlation_coeff_Fo_to_Fc               ? 
_refine.correlation_coeff_Fo_to_Fc_free          ? 
_refine.pdbx_solvent_vdw_probe_radii             ? 
_refine.pdbx_solvent_ion_probe_radii             ? 
_refine.pdbx_solvent_shrinkage_radii             ? 
_refine.overall_SU_R_Cruickshank_DPI             ? 
_refine.overall_SU_R_free                        ? 
_refine.overall_SU_ML                            ? 
_refine.overall_SU_B                             ? 
_refine.pdbx_overall_ESU_R_Free                  ? 
_refine.pdbx_data_cutoff_high_rms_absF           ? 
_refine.pdbx_overall_ESU_R                       ? 
_refine.ls_wR_factor_R_free                      ? 
_refine.ls_wR_factor_R_work                      ? 
_refine.overall_FOM_free_R_set                   ? 
_refine.overall_FOM_work_R_set                   ? 
_refine.pdbx_refine_id                           'X-RAY DIFFRACTION' 
_refine.pdbx_diffrn_id                           1 
_refine.pdbx_TLS_residual_ADP_flag               ? 
_refine.pdbx_overall_phase_error                 ? 
_refine.pdbx_overall_SU_R_free_Cruickshank_DPI   ? 
_refine.pdbx_overall_SU_R_Blow_DPI               ? 
_refine.pdbx_overall_SU_R_free_Blow_DPI          ? 
# 
_refine_hist.pdbx_refine_id                   'X-RAY DIFFRACTION' 
_refine_hist.cycle_id                         LAST 
_refine_hist.pdbx_number_atoms_protein        1194 
_refine_hist.pdbx_number_atoms_nucleic_acid   0 
_refine_hist.pdbx_number_atoms_ligand         67 
_refine_hist.number_atoms_solvent             191 
_refine_hist.number_atoms_total               1452 
_refine_hist.d_res_high                       1.600 
_refine_hist.d_res_low                        10.000 
# 
loop_
_refine_ls_restr.type 
_refine_ls_restr.dev_ideal 
_refine_ls_restr.dev_ideal_target 
_refine_ls_restr.number 
_refine_ls_restr.weight 
_refine_ls_restr.pdbx_refine_id 
_refine_ls_restr.pdbx_restraint_function 
c_angle_deg 2.0  ? ? ? 'X-RAY DIFFRACTION' ? 
c_bond_d    0.01 ? ? ? 'X-RAY DIFFRACTION' ? 
# 
loop_
_pdbx_xplor_file.serial_no 
_pdbx_xplor_file.param_file 
_pdbx_xplor_file.topol_file 
_pdbx_xplor_file.pdbx_refine_id 
1 protein_rep.param          ? 'X-RAY DIFFRACTION' 
2 CNS_TOPPAR:water_rep.param ? 'X-RAY DIFFRACTION' 
3 CNS_TOPPAR:ion.param       ? 'X-RAY DIFFRACTION' 
# 
_struct.entry_id                  2FAD 
_struct.title                     'Crystal structure of E. coli heptanoyl-ACP' 
_struct.pdbx_model_details        ? 
_struct.pdbx_CASP_flag            ? 
_struct.pdbx_model_type_details   ? 
# 
_struct_keywords.entry_id        2FAD 
_struct_keywords.pdbx_keywords   'BIOSYNTHETIC PROTEIN' 
_struct_keywords.text            'acyl carrier protein, acyl chain binding, fatty acid biosynthesis, BIOSYNTHETIC PROTEIN' 
# 
loop_
_struct_asym.id 
_struct_asym.pdbx_blank_PDB_chainid_flag 
_struct_asym.pdbx_modified 
_struct_asym.entity_id 
_struct_asym.details 
A N N 1 ? 
B N N 1 ? 
C N N 2 ? 
D N N 3 ? 
E N N 3 ? 
F N N 3 ? 
G N N 3 ? 
H N N 3 ? 
I N N 3 ? 
J N N 3 ? 
K N N 4 ? 
L N N 3 ? 
M N N 4 ? 
N N N 5 ? 
O N N 5 ? 
# 
_struct_ref.id                         1 
_struct_ref.db_name                    UNP 
_struct_ref.db_code                    ACP_ECOLI 
_struct_ref.pdbx_db_accession          P0A6A8 
_struct_ref.entity_id                  1 
_struct_ref.pdbx_seq_one_letter_code   STIEERVKKIIGEQLGVKQEEVTNNASFVEDLGADSLDTVELVMALEEEFDTEIPDEEAEKITTVQAAIDYINGHQA 
_struct_ref.pdbx_align_begin           1 
_struct_ref.pdbx_db_isoform            ? 
# 
loop_
_struct_ref_seq.align_id 
_struct_ref_seq.ref_id 
_struct_ref_seq.pdbx_PDB_id_code 
_struct_ref_seq.pdbx_strand_id 
_struct_ref_seq.seq_align_beg 
_struct_ref_seq.pdbx_seq_align_beg_ins_code 
_struct_ref_seq.seq_align_end 
_struct_ref_seq.pdbx_seq_align_end_ins_code 
_struct_ref_seq.pdbx_db_accession 
_struct_ref_seq.db_align_beg 
_struct_ref_seq.pdbx_db_align_beg_ins_code 
_struct_ref_seq.db_align_end 
_struct_ref_seq.pdbx_db_align_end_ins_code 
_struct_ref_seq.pdbx_auth_seq_align_beg 
_struct_ref_seq.pdbx_auth_seq_align_end 
1 1 2FAD A 1 ? 77 ? P0A6A8 1 ? 77 ? 1 77 
2 1 2FAD B 1 ? 77 ? P0A6A8 1 ? 77 ? 1 77 
# 
loop_
_pdbx_struct_assembly.id 
_pdbx_struct_assembly.details 
_pdbx_struct_assembly.method_details 
_pdbx_struct_assembly.oligomeric_details 
_pdbx_struct_assembly.oligomeric_count 
1 author_and_software_defined_assembly PQS  monomeric  1 
2 author_and_software_defined_assembly PQS  monomeric  1 
3 software_defined_assembly            PISA tetrameric 4 
# 
loop_
_pdbx_struct_assembly_prop.biol_id 
_pdbx_struct_assembly_prop.type 
_pdbx_struct_assembly_prop.value 
_pdbx_struct_assembly_prop.details 
3 'ABSA (A^2)' 7520  ? 
3 MORE         -349  ? 
3 'SSA (A^2)'  16920 ? 
# 
loop_
_pdbx_struct_assembly_gen.assembly_id 
_pdbx_struct_assembly_gen.oper_expression 
_pdbx_struct_assembly_gen.asym_id_list 
1 1   A,C,D,E,F,G,H,I,J,K,N         
2 1   B,L,M,O                       
3 1,2 A,B,C,D,E,F,G,H,I,J,K,L,M,N,O 
# 
loop_
_pdbx_struct_oper_list.id 
_pdbx_struct_oper_list.type 
_pdbx_struct_oper_list.name 
_pdbx_struct_oper_list.symmetry_operation 
_pdbx_struct_oper_list.matrix[1][1] 
_pdbx_struct_oper_list.matrix[1][2] 
_pdbx_struct_oper_list.matrix[1][3] 
_pdbx_struct_oper_list.vector[1] 
_pdbx_struct_oper_list.matrix[2][1] 
_pdbx_struct_oper_list.matrix[2][2] 
_pdbx_struct_oper_list.matrix[2][3] 
_pdbx_struct_oper_list.vector[2] 
_pdbx_struct_oper_list.matrix[3][1] 
_pdbx_struct_oper_list.matrix[3][2] 
_pdbx_struct_oper_list.matrix[3][3] 
_pdbx_struct_oper_list.vector[3] 
1 'identity operation'         1_555 x,y,z       1.0000000000  0.0000000000  0.0000000000 0.0000000000   0.0000000000  1.0000000000 0.0000000000  0.0000000000 0.0000000000 0.0000000000  1.0000000000  0.0000000000  
2 'crystal symmetry operation' 2_665 -x+1,-y+1,z -0.9730743262 -0.1979195918 0.1181278585 -18.0167159271 -0.1979195918 0.4548257938 -0.8683094681 7.7296671897 0.1181278585 -0.8683094681 -0.4817514677 17.0574902267 
# 
_struct_biol.id   1 
# 
loop_
_struct_conf.conf_type_id 
_struct_conf.id 
_struct_conf.pdbx_PDB_helix_id 
_struct_conf.beg_label_comp_id 
_struct_conf.beg_label_asym_id 
_struct_conf.beg_label_seq_id 
_struct_conf.pdbx_beg_PDB_ins_code 
_struct_conf.end_label_comp_id 
_struct_conf.end_label_asym_id 
_struct_conf.end_label_seq_id 
_struct_conf.pdbx_end_PDB_ins_code 
_struct_conf.beg_auth_comp_id 
_struct_conf.beg_auth_asym_id 
_struct_conf.beg_auth_seq_id 
_struct_conf.end_auth_comp_id 
_struct_conf.end_auth_asym_id 
_struct_conf.end_auth_seq_id 
_struct_conf.pdbx_PDB_helix_class 
_struct_conf.details 
_struct_conf.pdbx_PDB_helix_length 
HELX_P HELX_P1  1  THR A 2  ? GLY A 16 ? THR A 2  GLY A 16 1 ? 15 
HELX_P HELX_P2  2  LYS A 18 ? VAL A 22 ? LYS A 18 VAL A 22 5 ? 5  
HELX_P HELX_P3  3  ASP A 35 ? PHE A 50 ? ASP A 35 PHE A 50 1 ? 16 
HELX_P HELX_P4  4  PRO A 55 ? ILE A 62 ? PRO A 55 ILE A 62 1 ? 8  
HELX_P HELX_P5  5  THR A 64 ? GLN A 76 ? THR A 64 GLN A 76 1 ? 13 
HELX_P HELX_P6  6  THR B 2  ? GLY B 16 ? THR B 2  GLY B 16 1 ? 15 
HELX_P HELX_P7  7  LYS B 18 ? VAL B 22 ? LYS B 18 VAL B 22 5 ? 5  
HELX_P HELX_P8  8  ASP B 35 ? ASP B 51 ? ASP B 35 ASP B 51 1 ? 17 
HELX_P HELX_P9  9  PRO B 55 ? GLU B 60 ? PRO B 55 GLU B 60 1 ? 6  
HELX_P HELX_P10 10 THR B 64 ? GLN B 76 ? THR B 64 GLN B 76 1 ? 13 
# 
_struct_conf_type.id          HELX_P 
_struct_conf_type.criteria    ? 
_struct_conf_type.reference   ? 
# 
loop_
_struct_conn.id 
_struct_conn.conn_type_id 
_struct_conn.pdbx_leaving_atom_flag 
_struct_conn.pdbx_PDB_id 
_struct_conn.ptnr1_label_asym_id 
_struct_conn.ptnr1_label_comp_id 
_struct_conn.ptnr1_label_seq_id 
_struct_conn.ptnr1_label_atom_id 
_struct_conn.pdbx_ptnr1_label_alt_id 
_struct_conn.pdbx_ptnr1_PDB_ins_code 
_struct_conn.pdbx_ptnr1_standard_comp_id 
_struct_conn.ptnr1_symmetry 
_struct_conn.ptnr2_label_asym_id 
_struct_conn.ptnr2_label_comp_id 
_struct_conn.ptnr2_label_seq_id 
_struct_conn.ptnr2_label_atom_id 
_struct_conn.pdbx_ptnr2_label_alt_id 
_struct_conn.pdbx_ptnr2_PDB_ins_code 
_struct_conn.ptnr1_auth_asym_id 
_struct_conn.ptnr1_auth_comp_id 
_struct_conn.ptnr1_auth_seq_id 
_struct_conn.ptnr2_auth_asym_id 
_struct_conn.ptnr2_auth_comp_id 
_struct_conn.ptnr2_auth_seq_id 
_struct_conn.ptnr2_symmetry 
_struct_conn.pdbx_ptnr3_label_atom_id 
_struct_conn.pdbx_ptnr3_label_seq_id 
_struct_conn.pdbx_ptnr3_label_comp_id 
_struct_conn.pdbx_ptnr3_label_asym_id 
_struct_conn.pdbx_ptnr3_label_alt_id 
_struct_conn.pdbx_ptnr3_PDB_ins_code 
_struct_conn.details 
_struct_conn.pdbx_dist_value 
_struct_conn.pdbx_value_order 
_struct_conn.pdbx_role 
covale1  covale none ? A SER 36 OG  ? ? ? 1_555 K PM5 .  P24 ? ? A SER 36  A PM5 301 1_555 ? ? ? ? ? ? ? 1.547 ? ? 
covale2  covale none ? B SER 36 OG  ? ? ? 1_555 M PM5 .  P24 ? ? B SER 36  B PM5 302 1_555 ? ? ? ? ? ? ? 1.546 ? ? 
metalc1  metalc ?    ? A SER 1  N   ? ? ? 1_555 C NA  .  NA  ? ? A SER 1   A NA  401 1_555 ? ? ? ? ? ? ? 2.491 ? ? 
metalc2  metalc ?    ? A SER 1  O   ? ? ? 1_555 C NA  .  NA  ? ? A SER 1   A NA  401 1_555 ? ? ? ? ? ? ? 2.663 ? ? 
metalc3  metalc ?    ? A GLU 5  OE2 ? ? ? 1_555 D ZN  .  ZN  ? ? A GLU 5   A ZN  402 1_555 ? ? ? ? ? ? ? 2.139 ? ? 
metalc4  metalc ?    ? A GLU 21 OE1 ? ? ? 1_555 E ZN  .  ZN  ? ? A GLU 21  A ZN  403 1_555 ? ? ? ? ? ? ? 2.071 ? ? 
metalc5  metalc ?    ? A ASP 35 OD2 ? ? ? 1_555 F ZN  .  ZN  ? ? A ASP 35  A ZN  404 1_555 ? ? ? ? ? ? ? 1.847 ? ? 
metalc6  metalc ?    ? A GLU 48 OE2 ? ? ? 1_555 H ZN  .  ZN  ? ? A GLU 48  A ZN  406 1_555 ? ? ? ? ? ? ? 2.206 ? ? 
metalc7  metalc ?    ? A ASP 56 OD1 ? ? ? 1_555 G ZN  .  ZN  ? ? A ASP 56  A ZN  405 1_555 ? ? ? ? ? ? ? 2.129 ? ? 
metalc8  metalc ?    ? A GLU 57 OE2 ? ? ? 1_555 J ZN  .  ZN  ? ? A GLU 57  A ZN  408 1_555 ? ? ? ? ? ? ? 2.326 ? ? 
metalc9  metalc ?    ? A GLU 60 OE1 ? ? ? 1_555 J ZN  .  ZN  ? ? A GLU 60  A ZN  408 1_555 ? ? ? ? ? ? ? 2.187 ? ? 
metalc10 metalc ?    ? A ALA 77 OXT ? ? ? 1_555 I ZN  .  ZN  ? ? A ALA 77  A ZN  407 1_555 ? ? ? ? ? ? ? 2.100 ? ? 
metalc11 metalc ?    ? C NA  .  NA  ? ? ? 1_555 B ASP 51 OD2 ? ? A NA  401 B ASP 51  1_555 ? ? ? ? ? ? ? 2.883 ? ? 
metalc12 metalc ?    ? C NA  .  NA  ? ? ? 1_555 O HOH .  O   ? ? A NA  401 B HOH 472 1_555 ? ? ? ? ? ? ? 2.112 ? ? 
metalc13 metalc ?    ? D ZN  .  ZN  ? ? ? 1_555 B GLU 48 OE2 ? ? A ZN  402 B GLU 48  1_555 ? ? ? ? ? ? ? 2.136 ? ? 
metalc14 metalc ?    ? D ZN  .  ZN  ? ? ? 1_555 O HOH .  O   ? ? A ZN  402 B HOH 411 1_555 ? ? ? ? ? ? ? 2.225 ? ? 
metalc15 metalc ?    ? E ZN  .  ZN  ? ? ? 1_555 N HOH .  O   ? ? A ZN  403 A HOH 459 1_555 ? ? ? ? ? ? ? 2.058 ? ? 
metalc16 metalc ?    ? F ZN  .  ZN  ? ? ? 1_555 N HOH .  O   ? ? A ZN  404 A HOH 464 1_555 ? ? ? ? ? ? ? 2.161 ? ? 
metalc17 metalc ?    ? F ZN  .  ZN  ? ? ? 1_555 N HOH .  O   ? ? A ZN  404 A HOH 513 1_555 ? ? ? ? ? ? ? 2.124 ? ? 
metalc18 metalc ?    ? G ZN  .  ZN  ? ? ? 1_555 N HOH .  O   ? ? A ZN  405 A HOH 427 1_555 ? ? ? ? ? ? ? 2.105 ? ? 
metalc19 metalc ?    ? G ZN  .  ZN  ? ? ? 1_555 N HOH .  O   ? ? A ZN  405 A HOH 428 1_555 ? ? ? ? ? ? ? 2.029 ? ? 
metalc20 metalc ?    ? H ZN  .  ZN  ? ? ? 1_555 B GLU 5  OE2 ? ? A ZN  406 B GLU 5   1_555 ? ? ? ? ? ? ? 2.328 ? ? 
metalc21 metalc ?    ? H ZN  .  ZN  ? ? ? 1_555 O HOH .  O   ? ? A ZN  406 B HOH 428 1_555 ? ? ? ? ? ? ? 2.104 ? ? 
metalc22 metalc ?    ? I ZN  .  ZN  ? ? ? 1_555 N HOH .  O   ? ? A ZN  407 A HOH 433 1_555 ? ? ? ? ? ? ? 1.829 ? ? 
metalc23 metalc ?    ? I ZN  .  ZN  ? ? ? 1_555 N HOH .  O   ? ? A ZN  407 A HOH 434 1_555 ? ? ? ? ? ? ? 2.022 ? ? 
metalc24 metalc ?    ? I ZN  .  ZN  ? ? ? 1_555 N HOH .  O   ? ? A ZN  407 A HOH 496 1_555 ? ? ? ? ? ? ? 1.992 ? ? 
# 
loop_
_struct_conn_type.id 
_struct_conn_type.criteria 
_struct_conn_type.reference 
covale ? ? 
metalc ? ? 
# 
loop_
_pdbx_struct_conn_angle.id 
_pdbx_struct_conn_angle.ptnr1_label_atom_id 
_pdbx_struct_conn_angle.ptnr1_label_alt_id 
_pdbx_struct_conn_angle.ptnr1_label_asym_id 
_pdbx_struct_conn_angle.ptnr1_label_comp_id 
_pdbx_struct_conn_angle.ptnr1_label_seq_id 
_pdbx_struct_conn_angle.ptnr1_auth_atom_id 
_pdbx_struct_conn_angle.ptnr1_auth_asym_id 
_pdbx_struct_conn_angle.ptnr1_auth_comp_id 
_pdbx_struct_conn_angle.ptnr1_auth_seq_id 
_pdbx_struct_conn_angle.ptnr1_PDB_ins_code 
_pdbx_struct_conn_angle.ptnr1_symmetry 
_pdbx_struct_conn_angle.ptnr2_label_atom_id 
_pdbx_struct_conn_angle.ptnr2_label_alt_id 
_pdbx_struct_conn_angle.ptnr2_label_asym_id 
_pdbx_struct_conn_angle.ptnr2_label_comp_id 
_pdbx_struct_conn_angle.ptnr2_label_seq_id 
_pdbx_struct_conn_angle.ptnr2_auth_atom_id 
_pdbx_struct_conn_angle.ptnr2_auth_asym_id 
_pdbx_struct_conn_angle.ptnr2_auth_comp_id 
_pdbx_struct_conn_angle.ptnr2_auth_seq_id 
_pdbx_struct_conn_angle.ptnr2_PDB_ins_code 
_pdbx_struct_conn_angle.ptnr2_symmetry 
_pdbx_struct_conn_angle.ptnr3_label_atom_id 
_pdbx_struct_conn_angle.ptnr3_label_alt_id 
_pdbx_struct_conn_angle.ptnr3_label_asym_id 
_pdbx_struct_conn_angle.ptnr3_label_comp_id 
_pdbx_struct_conn_angle.ptnr3_label_seq_id 
_pdbx_struct_conn_angle.ptnr3_auth_atom_id 
_pdbx_struct_conn_angle.ptnr3_auth_asym_id 
_pdbx_struct_conn_angle.ptnr3_auth_comp_id 
_pdbx_struct_conn_angle.ptnr3_auth_seq_id 
_pdbx_struct_conn_angle.ptnr3_PDB_ins_code 
_pdbx_struct_conn_angle.ptnr3_symmetry 
_pdbx_struct_conn_angle.value 
_pdbx_struct_conn_angle.value_esd 
1  N   ? A SER 1  ? A SER 1   ? 1_555 NA ? C NA . ? A NA 401 ? 1_555 O   ? A SER 1  ? A SER 1   ? 1_555 64.0  ? 
2  N   ? A SER 1  ? A SER 1   ? 1_555 NA ? C NA . ? A NA 401 ? 1_555 OD2 ? B ASP 51 ? B ASP 51  ? 1_555 70.6  ? 
3  O   ? A SER 1  ? A SER 1   ? 1_555 NA ? C NA . ? A NA 401 ? 1_555 OD2 ? B ASP 51 ? B ASP 51  ? 1_555 132.3 ? 
4  N   ? A SER 1  ? A SER 1   ? 1_555 NA ? C NA . ? A NA 401 ? 1_555 O   ? O HOH .  ? B HOH 472 ? 1_555 113.1 ? 
5  O   ? A SER 1  ? A SER 1   ? 1_555 NA ? C NA . ? A NA 401 ? 1_555 O   ? O HOH .  ? B HOH 472 ? 1_555 83.5  ? 
6  OD2 ? B ASP 51 ? B ASP 51  ? 1_555 NA ? C NA . ? A NA 401 ? 1_555 O   ? O HOH .  ? B HOH 472 ? 1_555 129.1 ? 
7  OE2 ? A GLU 5  ? A GLU 5   ? 1_555 ZN ? D ZN . ? A ZN 402 ? 1_555 OE2 ? B GLU 48 ? B GLU 48  ? 1_555 97.9  ? 
8  OE2 ? A GLU 5  ? A GLU 5   ? 1_555 ZN ? D ZN . ? A ZN 402 ? 1_555 O   ? O HOH .  ? B HOH 411 ? 1_555 104.1 ? 
9  OE2 ? B GLU 48 ? B GLU 48  ? 1_555 ZN ? D ZN . ? A ZN 402 ? 1_555 O   ? O HOH .  ? B HOH 411 ? 1_555 95.0  ? 
10 OE1 ? A GLU 21 ? A GLU 21  ? 1_555 ZN ? E ZN . ? A ZN 403 ? 1_555 O   ? N HOH .  ? A HOH 459 ? 1_555 93.5  ? 
11 OD2 ? A ASP 35 ? A ASP 35  ? 1_555 ZN ? F ZN . ? A ZN 404 ? 1_555 O   ? N HOH .  ? A HOH 464 ? 1_555 97.9  ? 
12 OD2 ? A ASP 35 ? A ASP 35  ? 1_555 ZN ? F ZN . ? A ZN 404 ? 1_555 O   ? N HOH .  ? A HOH 513 ? 1_555 113.8 ? 
13 O   ? N HOH .  ? A HOH 464 ? 1_555 ZN ? F ZN . ? A ZN 404 ? 1_555 O   ? N HOH .  ? A HOH 513 ? 1_555 99.2  ? 
14 OE2 ? A GLU 48 ? A GLU 48  ? 1_555 ZN ? H ZN . ? A ZN 406 ? 1_555 OE2 ? B GLU 5  ? B GLU 5   ? 1_555 110.2 ? 
15 OE2 ? A GLU 48 ? A GLU 48  ? 1_555 ZN ? H ZN . ? A ZN 406 ? 1_555 O   ? O HOH .  ? B HOH 428 ? 1_555 100.8 ? 
16 OE2 ? B GLU 5  ? B GLU 5   ? 1_555 ZN ? H ZN . ? A ZN 406 ? 1_555 O   ? O HOH .  ? B HOH 428 ? 1_555 90.1  ? 
17 OD1 ? A ASP 56 ? A ASP 56  ? 1_555 ZN ? G ZN . ? A ZN 405 ? 1_555 O   ? N HOH .  ? A HOH 427 ? 1_555 96.0  ? 
18 OD1 ? A ASP 56 ? A ASP 56  ? 1_555 ZN ? G ZN . ? A ZN 405 ? 1_555 O   ? N HOH .  ? A HOH 428 ? 1_555 86.9  ? 
19 O   ? N HOH .  ? A HOH 427 ? 1_555 ZN ? G ZN . ? A ZN 405 ? 1_555 O   ? N HOH .  ? A HOH 428 ? 1_555 99.4  ? 
20 OE2 ? A GLU 57 ? A GLU 57  ? 1_555 ZN ? J ZN . ? A ZN 408 ? 1_555 OE1 ? A GLU 60 ? A GLU 60  ? 1_555 97.5  ? 
21 OXT ? A ALA 77 ? A ALA 77  ? 1_555 ZN ? I ZN . ? A ZN 407 ? 1_555 O   ? N HOH .  ? A HOH 433 ? 1_555 93.6  ? 
22 OXT ? A ALA 77 ? A ALA 77  ? 1_555 ZN ? I ZN . ? A ZN 407 ? 1_555 O   ? N HOH .  ? A HOH 434 ? 1_555 85.7  ? 
23 O   ? N HOH .  ? A HOH 433 ? 1_555 ZN ? I ZN . ? A ZN 407 ? 1_555 O   ? N HOH .  ? A HOH 434 ? 1_555 179.3 ? 
24 OXT ? A ALA 77 ? A ALA 77  ? 1_555 ZN ? I ZN . ? A ZN 407 ? 1_555 O   ? N HOH .  ? A HOH 496 ? 1_555 81.1  ? 
25 O   ? N HOH .  ? A HOH 433 ? 1_555 ZN ? I ZN . ? A ZN 407 ? 1_555 O   ? N HOH .  ? A HOH 496 ? 1_555 87.7  ? 
26 O   ? N HOH .  ? A HOH 434 ? 1_555 ZN ? I ZN . ? A ZN 407 ? 1_555 O   ? N HOH .  ? A HOH 496 ? 1_555 92.1  ? 
# 
loop_
_pdbx_modification_feature.ordinal 
_pdbx_modification_feature.label_comp_id 
_pdbx_modification_feature.label_asym_id 
_pdbx_modification_feature.label_seq_id 
_pdbx_modification_feature.label_alt_id 
_pdbx_modification_feature.modified_residue_label_comp_id 
_pdbx_modification_feature.modified_residue_label_asym_id 
_pdbx_modification_feature.modified_residue_label_seq_id 
_pdbx_modification_feature.modified_residue_label_alt_id 
_pdbx_modification_feature.auth_comp_id 
_pdbx_modification_feature.auth_asym_id 
_pdbx_modification_feature.auth_seq_id 
_pdbx_modification_feature.PDB_ins_code 
_pdbx_modification_feature.symmetry 
_pdbx_modification_feature.modified_residue_auth_comp_id 
_pdbx_modification_feature.modified_residue_auth_asym_id 
_pdbx_modification_feature.modified_residue_auth_seq_id 
_pdbx_modification_feature.modified_residue_PDB_ins_code 
_pdbx_modification_feature.modified_residue_symmetry 
_pdbx_modification_feature.comp_id_linking_atom 
_pdbx_modification_feature.modified_residue_id_linking_atom 
_pdbx_modification_feature.modified_residue_id 
_pdbx_modification_feature.ref_pcm_id 
_pdbx_modification_feature.ref_comp_id 
_pdbx_modification_feature.type 
_pdbx_modification_feature.category 
1 PM5 K . ? SER A 36 ? PM5 A 301 ? 1_555 SER A 36 ? 1_555 P24 OG SER 1 PM5 None Lipid/lipid-like 
2 PM5 M . ? SER B 36 ? PM5 B 302 ? 1_555 SER B 36 ? 1_555 P24 OG SER 1 PM5 None Lipid/lipid-like 
# 
loop_
_struct_site.id 
_struct_site.pdbx_evidence_code 
_struct_site.pdbx_auth_asym_id 
_struct_site.pdbx_auth_comp_id 
_struct_site.pdbx_auth_seq_id 
_struct_site.pdbx_auth_ins_code 
_struct_site.pdbx_num_residues 
_struct_site.details 
AC1 Software A NA  401 ? 4  'BINDING SITE FOR RESIDUE NA A 401'  
AC2 Software A ZN  402 ? 4  'BINDING SITE FOR RESIDUE ZN A 402'  
AC3 Software A ZN  403 ? 5  'BINDING SITE FOR RESIDUE ZN A 403'  
AC4 Software A ZN  404 ? 4  'BINDING SITE FOR RESIDUE ZN A 404'  
AC5 Software A ZN  405 ? 6  'BINDING SITE FOR RESIDUE ZN A 405'  
AC6 Software A ZN  406 ? 4  'BINDING SITE FOR RESIDUE ZN A 406'  
AC7 Software A ZN  407 ? 8  'BINDING SITE FOR RESIDUE ZN A 407'  
AC8 Software A ZN  408 ? 4  'BINDING SITE FOR RESIDUE ZN A 408'  
AC9 Software B ZN  409 ? 4  'BINDING SITE FOR RESIDUE ZN B 409'  
BC1 Software A PM5 301 ? 10 'BINDING SITE FOR RESIDUE PM5 A 301' 
BC2 Software B PM5 302 ? 11 'BINDING SITE FOR RESIDUE PM5 B 302' 
# 
loop_
_struct_site_gen.id 
_struct_site_gen.site_id 
_struct_site_gen.pdbx_num_res 
_struct_site_gen.label_comp_id 
_struct_site_gen.label_asym_id 
_struct_site_gen.label_seq_id 
_struct_site_gen.pdbx_auth_ins_code 
_struct_site_gen.auth_comp_id 
_struct_site_gen.auth_asym_id 
_struct_site_gen.auth_seq_id 
_struct_site_gen.label_atom_id 
_struct_site_gen.label_alt_id 
_struct_site_gen.symmetry 
_struct_site_gen.details 
1  AC1 4  SER A 1  ? SER A 1   . ? 1_555 ? 
2  AC1 4  ASP B 51 ? ASP B 51  . ? 1_555 ? 
3  AC1 4  ALA B 77 ? ALA B 77  . ? 2_665 ? 
4  AC1 4  HOH O .  ? HOH B 472 . ? 1_555 ? 
5  AC2 4  GLU A 5  ? GLU A 5   . ? 1_555 ? 
6  AC2 4  GLU A 53 ? GLU A 53  . ? 1_554 ? 
7  AC2 4  GLU B 48 ? GLU B 48  . ? 1_555 ? 
8  AC2 4  HOH O .  ? HOH B 411 . ? 1_555 ? 
9  AC3 5  GLU A 21 ? GLU A 21  . ? 1_555 ? 
10 AC3 5  HOH N .  ? HOH A 459 . ? 1_555 ? 
11 AC3 5  HOH N .  ? HOH A 507 . ? 1_555 ? 
12 AC3 5  ASP B 35 ? ASP B 35  . ? 4_455 ? 
13 AC3 5  ASP B 38 ? ASP B 38  . ? 4_455 ? 
14 AC4 4  ASP A 35 ? ASP A 35  . ? 1_555 ? 
15 AC4 4  HOH N .  ? HOH A 464 . ? 1_555 ? 
16 AC4 4  HOH N .  ? HOH A 513 . ? 1_555 ? 
17 AC4 4  GLU B 21 ? GLU B 21  . ? 4_456 ? 
18 AC5 6  ASP A 56 ? ASP A 56  . ? 1_555 ? 
19 AC5 6  HOH N .  ? HOH A 427 . ? 1_555 ? 
20 AC5 6  HOH N .  ? HOH A 428 . ? 1_555 ? 
21 AC5 6  HOH N .  ? HOH A 478 . ? 1_556 ? 
22 AC5 6  HOH N .  ? HOH A 479 . ? 1_556 ? 
23 AC5 6  HOH N .  ? HOH A 480 . ? 1_556 ? 
24 AC6 4  GLU A 48 ? GLU A 48  . ? 1_555 ? 
25 AC6 4  GLU B 5  ? GLU B 5   . ? 1_555 ? 
26 AC6 4  GLU B 53 ? GLU B 53  . ? 1_556 ? 
27 AC6 4  HOH O .  ? HOH B 428 . ? 1_555 ? 
28 AC7 8  ALA A 77 ? ALA A 77  . ? 1_555 ? 
29 AC7 8  ALA A 77 ? ALA A 77  . ? 2_665 ? 
30 AC7 8  HOH N .  ? HOH A 433 . ? 1_555 ? 
31 AC7 8  HOH N .  ? HOH A 433 . ? 2_665 ? 
32 AC7 8  HOH N .  ? HOH A 434 . ? 2_665 ? 
33 AC7 8  HOH N .  ? HOH A 434 . ? 1_555 ? 
34 AC7 8  HOH N .  ? HOH A 496 . ? 1_555 ? 
35 AC7 8  HOH N .  ? HOH A 496 . ? 2_665 ? 
36 AC8 4  ASN A 25 ? ASN A 25  . ? 1_556 ? 
37 AC8 4  GLU A 57 ? GLU A 57  . ? 1_555 ? 
38 AC8 4  GLU A 60 ? GLU A 60  . ? 1_555 ? 
39 AC8 4  GLU B 30 ? GLU B 30  . ? 1_456 ? 
40 AC9 4  ASP B 56 ? ASP B 56  . ? 1_556 ? 
41 AC9 4  HOH O .  ? HOH B 446 . ? 1_556 ? 
42 AC9 4  HOH O .  ? HOH B 464 . ? 1_556 ? 
43 AC9 4  HOH O .  ? HOH B 476 . ? 1_555 ? 
44 BC1 10 PHE A 28 ? PHE A 28  . ? 1_555 ? 
45 BC1 10 SER A 36 ? SER A 36  . ? 1_555 ? 
46 BC1 10 THR A 39 ? THR A 39  . ? 1_555 ? 
47 BC1 10 VAL A 43 ? VAL A 43  . ? 1_555 ? 
48 BC1 10 LEU A 46 ? LEU A 46  . ? 1_555 ? 
49 BC1 10 THR A 52 ? THR A 52  . ? 1_555 ? 
50 BC1 10 ALA A 59 ? ALA A 59  . ? 1_555 ? 
51 BC1 10 GLU A 60 ? GLU A 60  . ? 1_555 ? 
52 BC1 10 ILE A 62 ? ILE A 62  . ? 1_555 ? 
53 BC1 10 HOH N .  ? HOH A 520 . ? 1_555 ? 
54 BC2 11 HOH N .  ? HOH A 526 . ? 1_654 ? 
55 BC2 11 PHE B 28 ? PHE B 28  . ? 1_555 ? 
56 BC2 11 VAL B 29 ? VAL B 29  . ? 1_555 ? 
57 BC2 11 SER B 36 ? SER B 36  . ? 1_555 ? 
58 BC2 11 LEU B 46 ? LEU B 46  . ? 1_555 ? 
59 BC2 11 ILE B 54 ? ILE B 54  . ? 1_555 ? 
60 BC2 11 ALA B 59 ? ALA B 59  . ? 1_555 ? 
61 BC2 11 GLU B 60 ? GLU B 60  . ? 1_555 ? 
62 BC2 11 ILE B 62 ? ILE B 62  . ? 1_555 ? 
63 BC2 11 HOH O .  ? HOH B 453 . ? 1_554 ? 
64 BC2 11 HOH O .  ? HOH B 470 . ? 1_555 ? 
# 
_pdbx_entry_details.entry_id                   2FAD 
_pdbx_entry_details.compound_details           ? 
_pdbx_entry_details.source_details             ? 
_pdbx_entry_details.nonpolymer_details         ? 
_pdbx_entry_details.sequence_details           ? 
_pdbx_entry_details.has_ligand_of_interest     ? 
_pdbx_entry_details.has_protein_modification   Y 
# 
loop_
_pdbx_validate_close_contact.id 
_pdbx_validate_close_contact.PDB_model_num 
_pdbx_validate_close_contact.auth_atom_id_1 
_pdbx_validate_close_contact.auth_asym_id_1 
_pdbx_validate_close_contact.auth_comp_id_1 
_pdbx_validate_close_contact.auth_seq_id_1 
_pdbx_validate_close_contact.PDB_ins_code_1 
_pdbx_validate_close_contact.label_alt_id_1 
_pdbx_validate_close_contact.auth_atom_id_2 
_pdbx_validate_close_contact.auth_asym_id_2 
_pdbx_validate_close_contact.auth_comp_id_2 
_pdbx_validate_close_contact.auth_seq_id_2 
_pdbx_validate_close_contact.PDB_ins_code_2 
_pdbx_validate_close_contact.label_alt_id_2 
_pdbx_validate_close_contact.dist 
1 1 O   B HOH 424 ? ? O B HOH 445 ? ? 2.06 
2 1 O   A HOH 423 ? ? O A HOH 462 ? ? 2.11 
3 1 O   A HOH 424 ? ? O A HOH 464 ? ? 2.13 
4 1 OE2 A GLU 13  ? ? O A HOH 499 ? ? 2.16 
5 1 OE2 A GLU 21  ? ? O A HOH 459 ? ? 2.17 
# 
_pdbx_validate_chiral.id              1 
_pdbx_validate_chiral.PDB_model_num   1 
_pdbx_validate_chiral.auth_atom_id    C32 
_pdbx_validate_chiral.label_alt_id    ? 
_pdbx_validate_chiral.auth_asym_id    B 
_pdbx_validate_chiral.auth_comp_id    PM5 
_pdbx_validate_chiral.auth_seq_id     302 
_pdbx_validate_chiral.PDB_ins_code    ? 
_pdbx_validate_chiral.details         'WRONG HAND' 
_pdbx_validate_chiral.omega           . 
# 
loop_
_pdbx_struct_special_symmetry.id 
_pdbx_struct_special_symmetry.PDB_model_num 
_pdbx_struct_special_symmetry.auth_asym_id 
_pdbx_struct_special_symmetry.auth_comp_id 
_pdbx_struct_special_symmetry.auth_seq_id 
_pdbx_struct_special_symmetry.PDB_ins_code 
_pdbx_struct_special_symmetry.label_asym_id 
_pdbx_struct_special_symmetry.label_comp_id 
_pdbx_struct_special_symmetry.label_seq_id 
1 1 A ZN  407 ? I ZN  . 
2 1 A HOH 433 ? N HOH . 
3 1 A HOH 434 ? N HOH . 
4 1 B HOH 439 ? O HOH . 
5 1 B HOH 442 ? O HOH . 
# 
loop_
_chem_comp_atom.comp_id 
_chem_comp_atom.atom_id 
_chem_comp_atom.type_symbol 
_chem_comp_atom.pdbx_aromatic_flag 
_chem_comp_atom.pdbx_stereo_config 
_chem_comp_atom.pdbx_ordinal 
ALA N    N  N N 1   
ALA CA   C  N S 2   
ALA C    C  N N 3   
ALA O    O  N N 4   
ALA CB   C  N N 5   
ALA OXT  O  N N 6   
ALA H    H  N N 7   
ALA H2   H  N N 8   
ALA HA   H  N N 9   
ALA HB1  H  N N 10  
ALA HB2  H  N N 11  
ALA HB3  H  N N 12  
ALA HXT  H  N N 13  
ARG N    N  N N 14  
ARG CA   C  N S 15  
ARG C    C  N N 16  
ARG O    O  N N 17  
ARG CB   C  N N 18  
ARG CG   C  N N 19  
ARG CD   C  N N 20  
ARG NE   N  N N 21  
ARG CZ   C  N N 22  
ARG NH1  N  N N 23  
ARG NH2  N  N N 24  
ARG OXT  O  N N 25  
ARG H    H  N N 26  
ARG H2   H  N N 27  
ARG HA   H  N N 28  
ARG HB2  H  N N 29  
ARG HB3  H  N N 30  
ARG HG2  H  N N 31  
ARG HG3  H  N N 32  
ARG HD2  H  N N 33  
ARG HD3  H  N N 34  
ARG HE   H  N N 35  
ARG HH11 H  N N 36  
ARG HH12 H  N N 37  
ARG HH21 H  N N 38  
ARG HH22 H  N N 39  
ARG HXT  H  N N 40  
ASN N    N  N N 41  
ASN CA   C  N S 42  
ASN C    C  N N 43  
ASN O    O  N N 44  
ASN CB   C  N N 45  
ASN CG   C  N N 46  
ASN OD1  O  N N 47  
ASN ND2  N  N N 48  
ASN OXT  O  N N 49  
ASN H    H  N N 50  
ASN H2   H  N N 51  
ASN HA   H  N N 52  
ASN HB2  H  N N 53  
ASN HB3  H  N N 54  
ASN HD21 H  N N 55  
ASN HD22 H  N N 56  
ASN HXT  H  N N 57  
ASP N    N  N N 58  
ASP CA   C  N S 59  
ASP C    C  N N 60  
ASP O    O  N N 61  
ASP CB   C  N N 62  
ASP CG   C  N N 63  
ASP OD1  O  N N 64  
ASP OD2  O  N N 65  
ASP OXT  O  N N 66  
ASP H    H  N N 67  
ASP H2   H  N N 68  
ASP HA   H  N N 69  
ASP HB2  H  N N 70  
ASP HB3  H  N N 71  
ASP HD2  H  N N 72  
ASP HXT  H  N N 73  
GLN N    N  N N 74  
GLN CA   C  N S 75  
GLN C    C  N N 76  
GLN O    O  N N 77  
GLN CB   C  N N 78  
GLN CG   C  N N 79  
GLN CD   C  N N 80  
GLN OE1  O  N N 81  
GLN NE2  N  N N 82  
GLN OXT  O  N N 83  
GLN H    H  N N 84  
GLN H2   H  N N 85  
GLN HA   H  N N 86  
GLN HB2  H  N N 87  
GLN HB3  H  N N 88  
GLN HG2  H  N N 89  
GLN HG3  H  N N 90  
GLN HE21 H  N N 91  
GLN HE22 H  N N 92  
GLN HXT  H  N N 93  
GLU N    N  N N 94  
GLU CA   C  N S 95  
GLU C    C  N N 96  
GLU O    O  N N 97  
GLU CB   C  N N 98  
GLU CG   C  N N 99  
GLU CD   C  N N 100 
GLU OE1  O  N N 101 
GLU OE2  O  N N 102 
GLU OXT  O  N N 103 
GLU H    H  N N 104 
GLU H2   H  N N 105 
GLU HA   H  N N 106 
GLU HB2  H  N N 107 
GLU HB3  H  N N 108 
GLU HG2  H  N N 109 
GLU HG3  H  N N 110 
GLU HE2  H  N N 111 
GLU HXT  H  N N 112 
GLY N    N  N N 113 
GLY CA   C  N N 114 
GLY C    C  N N 115 
GLY O    O  N N 116 
GLY OXT  O  N N 117 
GLY H    H  N N 118 
GLY H2   H  N N 119 
GLY HA2  H  N N 120 
GLY HA3  H  N N 121 
GLY HXT  H  N N 122 
HIS N    N  N N 123 
HIS CA   C  N S 124 
HIS C    C  N N 125 
HIS O    O  N N 126 
HIS CB   C  N N 127 
HIS CG   C  Y N 128 
HIS ND1  N  Y N 129 
HIS CD2  C  Y N 130 
HIS CE1  C  Y N 131 
HIS NE2  N  Y N 132 
HIS OXT  O  N N 133 
HIS H    H  N N 134 
HIS H2   H  N N 135 
HIS HA   H  N N 136 
HIS HB2  H  N N 137 
HIS HB3  H  N N 138 
HIS HD1  H  N N 139 
HIS HD2  H  N N 140 
HIS HE1  H  N N 141 
HIS HE2  H  N N 142 
HIS HXT  H  N N 143 
HOH O    O  N N 144 
HOH H1   H  N N 145 
HOH H2   H  N N 146 
ILE N    N  N N 147 
ILE CA   C  N S 148 
ILE C    C  N N 149 
ILE O    O  N N 150 
ILE CB   C  N S 151 
ILE CG1  C  N N 152 
ILE CG2  C  N N 153 
ILE CD1  C  N N 154 
ILE OXT  O  N N 155 
ILE H    H  N N 156 
ILE H2   H  N N 157 
ILE HA   H  N N 158 
ILE HB   H  N N 159 
ILE HG12 H  N N 160 
ILE HG13 H  N N 161 
ILE HG21 H  N N 162 
ILE HG22 H  N N 163 
ILE HG23 H  N N 164 
ILE HD11 H  N N 165 
ILE HD12 H  N N 166 
ILE HD13 H  N N 167 
ILE HXT  H  N N 168 
LEU N    N  N N 169 
LEU CA   C  N S 170 
LEU C    C  N N 171 
LEU O    O  N N 172 
LEU CB   C  N N 173 
LEU CG   C  N N 174 
LEU CD1  C  N N 175 
LEU CD2  C  N N 176 
LEU OXT  O  N N 177 
LEU H    H  N N 178 
LEU H2   H  N N 179 
LEU HA   H  N N 180 
LEU HB2  H  N N 181 
LEU HB3  H  N N 182 
LEU HG   H  N N 183 
LEU HD11 H  N N 184 
LEU HD12 H  N N 185 
LEU HD13 H  N N 186 
LEU HD21 H  N N 187 
LEU HD22 H  N N 188 
LEU HD23 H  N N 189 
LEU HXT  H  N N 190 
LYS N    N  N N 191 
LYS CA   C  N S 192 
LYS C    C  N N 193 
LYS O    O  N N 194 
LYS CB   C  N N 195 
LYS CG   C  N N 196 
LYS CD   C  N N 197 
LYS CE   C  N N 198 
LYS NZ   N  N N 199 
LYS OXT  O  N N 200 
LYS H    H  N N 201 
LYS H2   H  N N 202 
LYS HA   H  N N 203 
LYS HB2  H  N N 204 
LYS HB3  H  N N 205 
LYS HG2  H  N N 206 
LYS HG3  H  N N 207 
LYS HD2  H  N N 208 
LYS HD3  H  N N 209 
LYS HE2  H  N N 210 
LYS HE3  H  N N 211 
LYS HZ1  H  N N 212 
LYS HZ2  H  N N 213 
LYS HZ3  H  N N 214 
LYS HXT  H  N N 215 
MET N    N  N N 216 
MET CA   C  N S 217 
MET C    C  N N 218 
MET O    O  N N 219 
MET CB   C  N N 220 
MET CG   C  N N 221 
MET SD   S  N N 222 
MET CE   C  N N 223 
MET OXT  O  N N 224 
MET H    H  N N 225 
MET H2   H  N N 226 
MET HA   H  N N 227 
MET HB2  H  N N 228 
MET HB3  H  N N 229 
MET HG2  H  N N 230 
MET HG3  H  N N 231 
MET HE1  H  N N 232 
MET HE2  H  N N 233 
MET HE3  H  N N 234 
MET HXT  H  N N 235 
NA  NA   NA N N 236 
PHE N    N  N N 237 
PHE CA   C  N S 238 
PHE C    C  N N 239 
PHE O    O  N N 240 
PHE CB   C  N N 241 
PHE CG   C  Y N 242 
PHE CD1  C  Y N 243 
PHE CD2  C  Y N 244 
PHE CE1  C  Y N 245 
PHE CE2  C  Y N 246 
PHE CZ   C  Y N 247 
PHE OXT  O  N N 248 
PHE H    H  N N 249 
PHE H2   H  N N 250 
PHE HA   H  N N 251 
PHE HB2  H  N N 252 
PHE HB3  H  N N 253 
PHE HD1  H  N N 254 
PHE HD2  H  N N 255 
PHE HE1  H  N N 256 
PHE HE2  H  N N 257 
PHE HZ   H  N N 258 
PHE HXT  H  N N 259 
PM5 O23  O  N N 260 
PM5 P24  P  N S 261 
PM5 O26  O  N N 262 
PM5 O27  O  N N 263 
PM5 C28  C  N N 264 
PM5 C29  C  N N 265 
PM5 C30  C  N N 266 
PM5 C31  C  N N 267 
PM5 C32  C  N R 268 
PM5 O33  O  N N 269 
PM5 C34  C  N N 270 
PM5 O35  O  N N 271 
PM5 N36  N  N N 272 
PM5 C37  C  N N 273 
PM5 C38  C  N N 274 
PM5 C39  C  N N 275 
PM5 O40  O  N N 276 
PM5 N41  N  N N 277 
PM5 C42  C  N N 278 
PM5 C43  C  N N 279 
PM5 S1   S  N N 280 
PM5 C1   C  N N 281 
PM5 O1   O  N N 282 
PM5 C2   C  N N 283 
PM5 C3   C  N N 284 
PM5 C4   C  N N 285 
PM5 C5   C  N N 286 
PM5 C6   C  N N 287 
PM5 C7   C  N N 288 
PM5 H23  H  N N 289 
PM5 H24  H  N N 290 
PM5 H281 H  N N 291 
PM5 H282 H  N N 292 
PM5 H301 H  N N 293 
PM5 H302 H  N N 294 
PM5 H303 H  N N 295 
PM5 H311 H  N N 296 
PM5 H312 H  N N 297 
PM5 H313 H  N N 298 
PM5 H32  H  N N 299 
PM5 H33  H  N N 300 
PM5 H36  H  N N 301 
PM5 H371 H  N N 302 
PM5 H372 H  N N 303 
PM5 H381 H  N N 304 
PM5 H382 H  N N 305 
PM5 H41  H  N N 306 
PM5 H421 H  N N 307 
PM5 H422 H  N N 308 
PM5 H431 H  N N 309 
PM5 H432 H  N N 310 
PM5 H21  H  N N 311 
PM5 H22  H  N N 312 
PM5 H31  H  N N 313 
PM5 H32A H  N N 314 
PM5 H41A H  N N 315 
PM5 H42  H  N N 316 
PM5 H51  H  N N 317 
PM5 H52  H  N N 318 
PM5 H61  H  N N 319 
PM5 H62  H  N N 320 
PM5 H71  H  N N 321 
PM5 H72  H  N N 322 
PM5 H73  H  N N 323 
PRO N    N  N N 324 
PRO CA   C  N S 325 
PRO C    C  N N 326 
PRO O    O  N N 327 
PRO CB   C  N N 328 
PRO CG   C  N N 329 
PRO CD   C  N N 330 
PRO OXT  O  N N 331 
PRO H    H  N N 332 
PRO HA   H  N N 333 
PRO HB2  H  N N 334 
PRO HB3  H  N N 335 
PRO HG2  H  N N 336 
PRO HG3  H  N N 337 
PRO HD2  H  N N 338 
PRO HD3  H  N N 339 
PRO HXT  H  N N 340 
SER N    N  N N 341 
SER CA   C  N S 342 
SER C    C  N N 343 
SER O    O  N N 344 
SER CB   C  N N 345 
SER OG   O  N N 346 
SER OXT  O  N N 347 
SER H    H  N N 348 
SER H2   H  N N 349 
SER HA   H  N N 350 
SER HB2  H  N N 351 
SER HB3  H  N N 352 
SER HG   H  N N 353 
SER HXT  H  N N 354 
THR N    N  N N 355 
THR CA   C  N S 356 
THR C    C  N N 357 
THR O    O  N N 358 
THR CB   C  N R 359 
THR OG1  O  N N 360 
THR CG2  C  N N 361 
THR OXT  O  N N 362 
THR H    H  N N 363 
THR H2   H  N N 364 
THR HA   H  N N 365 
THR HB   H  N N 366 
THR HG1  H  N N 367 
THR HG21 H  N N 368 
THR HG22 H  N N 369 
THR HG23 H  N N 370 
THR HXT  H  N N 371 
TYR N    N  N N 372 
TYR CA   C  N S 373 
TYR C    C  N N 374 
TYR O    O  N N 375 
TYR CB   C  N N 376 
TYR CG   C  Y N 377 
TYR CD1  C  Y N 378 
TYR CD2  C  Y N 379 
TYR CE1  C  Y N 380 
TYR CE2  C  Y N 381 
TYR CZ   C  Y N 382 
TYR OH   O  N N 383 
TYR OXT  O  N N 384 
TYR H    H  N N 385 
TYR H2   H  N N 386 
TYR HA   H  N N 387 
TYR HB2  H  N N 388 
TYR HB3  H  N N 389 
TYR HD1  H  N N 390 
TYR HD2  H  N N 391 
TYR HE1  H  N N 392 
TYR HE2  H  N N 393 
TYR HH   H  N N 394 
TYR HXT  H  N N 395 
VAL N    N  N N 396 
VAL CA   C  N S 397 
VAL C    C  N N 398 
VAL O    O  N N 399 
VAL CB   C  N N 400 
VAL CG1  C  N N 401 
VAL CG2  C  N N 402 
VAL OXT  O  N N 403 
VAL H    H  N N 404 
VAL H2   H  N N 405 
VAL HA   H  N N 406 
VAL HB   H  N N 407 
VAL HG11 H  N N 408 
VAL HG12 H  N N 409 
VAL HG13 H  N N 410 
VAL HG21 H  N N 411 
VAL HG22 H  N N 412 
VAL HG23 H  N N 413 
VAL HXT  H  N N 414 
ZN  ZN   ZN N N 415 
# 
loop_
_chem_comp_bond.comp_id 
_chem_comp_bond.atom_id_1 
_chem_comp_bond.atom_id_2 
_chem_comp_bond.value_order 
_chem_comp_bond.pdbx_aromatic_flag 
_chem_comp_bond.pdbx_stereo_config 
_chem_comp_bond.pdbx_ordinal 
ALA N   CA   sing N N 1   
ALA N   H    sing N N 2   
ALA N   H2   sing N N 3   
ALA CA  C    sing N N 4   
ALA CA  CB   sing N N 5   
ALA CA  HA   sing N N 6   
ALA C   O    doub N N 7   
ALA C   OXT  sing N N 8   
ALA CB  HB1  sing N N 9   
ALA CB  HB2  sing N N 10  
ALA CB  HB3  sing N N 11  
ALA OXT HXT  sing N N 12  
ARG N   CA   sing N N 13  
ARG N   H    sing N N 14  
ARG N   H2   sing N N 15  
ARG CA  C    sing N N 16  
ARG CA  CB   sing N N 17  
ARG CA  HA   sing N N 18  
ARG C   O    doub N N 19  
ARG C   OXT  sing N N 20  
ARG CB  CG   sing N N 21  
ARG CB  HB2  sing N N 22  
ARG CB  HB3  sing N N 23  
ARG CG  CD   sing N N 24  
ARG CG  HG2  sing N N 25  
ARG CG  HG3  sing N N 26  
ARG CD  NE   sing N N 27  
ARG CD  HD2  sing N N 28  
ARG CD  HD3  sing N N 29  
ARG NE  CZ   sing N N 30  
ARG NE  HE   sing N N 31  
ARG CZ  NH1  sing N N 32  
ARG CZ  NH2  doub N N 33  
ARG NH1 HH11 sing N N 34  
ARG NH1 HH12 sing N N 35  
ARG NH2 HH21 sing N N 36  
ARG NH2 HH22 sing N N 37  
ARG OXT HXT  sing N N 38  
ASN N   CA   sing N N 39  
ASN N   H    sing N N 40  
ASN N   H2   sing N N 41  
ASN CA  C    sing N N 42  
ASN CA  CB   sing N N 43  
ASN CA  HA   sing N N 44  
ASN C   O    doub N N 45  
ASN C   OXT  sing N N 46  
ASN CB  CG   sing N N 47  
ASN CB  HB2  sing N N 48  
ASN CB  HB3  sing N N 49  
ASN CG  OD1  doub N N 50  
ASN CG  ND2  sing N N 51  
ASN ND2 HD21 sing N N 52  
ASN ND2 HD22 sing N N 53  
ASN OXT HXT  sing N N 54  
ASP N   CA   sing N N 55  
ASP N   H    sing N N 56  
ASP N   H2   sing N N 57  
ASP CA  C    sing N N 58  
ASP CA  CB   sing N N 59  
ASP CA  HA   sing N N 60  
ASP C   O    doub N N 61  
ASP C   OXT  sing N N 62  
ASP CB  CG   sing N N 63  
ASP CB  HB2  sing N N 64  
ASP CB  HB3  sing N N 65  
ASP CG  OD1  doub N N 66  
ASP CG  OD2  sing N N 67  
ASP OD2 HD2  sing N N 68  
ASP OXT HXT  sing N N 69  
GLN N   CA   sing N N 70  
GLN N   H    sing N N 71  
GLN N   H2   sing N N 72  
GLN CA  C    sing N N 73  
GLN CA  CB   sing N N 74  
GLN CA  HA   sing N N 75  
GLN C   O    doub N N 76  
GLN C   OXT  sing N N 77  
GLN CB  CG   sing N N 78  
GLN CB  HB2  sing N N 79  
GLN CB  HB3  sing N N 80  
GLN CG  CD   sing N N 81  
GLN CG  HG2  sing N N 82  
GLN CG  HG3  sing N N 83  
GLN CD  OE1  doub N N 84  
GLN CD  NE2  sing N N 85  
GLN NE2 HE21 sing N N 86  
GLN NE2 HE22 sing N N 87  
GLN OXT HXT  sing N N 88  
GLU N   CA   sing N N 89  
GLU N   H    sing N N 90  
GLU N   H2   sing N N 91  
GLU CA  C    sing N N 92  
GLU CA  CB   sing N N 93  
GLU CA  HA   sing N N 94  
GLU C   O    doub N N 95  
GLU C   OXT  sing N N 96  
GLU CB  CG   sing N N 97  
GLU CB  HB2  sing N N 98  
GLU CB  HB3  sing N N 99  
GLU CG  CD   sing N N 100 
GLU CG  HG2  sing N N 101 
GLU CG  HG3  sing N N 102 
GLU CD  OE1  doub N N 103 
GLU CD  OE2  sing N N 104 
GLU OE2 HE2  sing N N 105 
GLU OXT HXT  sing N N 106 
GLY N   CA   sing N N 107 
GLY N   H    sing N N 108 
GLY N   H2   sing N N 109 
GLY CA  C    sing N N 110 
GLY CA  HA2  sing N N 111 
GLY CA  HA3  sing N N 112 
GLY C   O    doub N N 113 
GLY C   OXT  sing N N 114 
GLY OXT HXT  sing N N 115 
HIS N   CA   sing N N 116 
HIS N   H    sing N N 117 
HIS N   H2   sing N N 118 
HIS CA  C    sing N N 119 
HIS CA  CB   sing N N 120 
HIS CA  HA   sing N N 121 
HIS C   O    doub N N 122 
HIS C   OXT  sing N N 123 
HIS CB  CG   sing N N 124 
HIS CB  HB2  sing N N 125 
HIS CB  HB3  sing N N 126 
HIS CG  ND1  sing Y N 127 
HIS CG  CD2  doub Y N 128 
HIS ND1 CE1  doub Y N 129 
HIS ND1 HD1  sing N N 130 
HIS CD2 NE2  sing Y N 131 
HIS CD2 HD2  sing N N 132 
HIS CE1 NE2  sing Y N 133 
HIS CE1 HE1  sing N N 134 
HIS NE2 HE2  sing N N 135 
HIS OXT HXT  sing N N 136 
HOH O   H1   sing N N 137 
HOH O   H2   sing N N 138 
ILE N   CA   sing N N 139 
ILE N   H    sing N N 140 
ILE N   H2   sing N N 141 
ILE CA  C    sing N N 142 
ILE CA  CB   sing N N 143 
ILE CA  HA   sing N N 144 
ILE C   O    doub N N 145 
ILE C   OXT  sing N N 146 
ILE CB  CG1  sing N N 147 
ILE CB  CG2  sing N N 148 
ILE CB  HB   sing N N 149 
ILE CG1 CD1  sing N N 150 
ILE CG1 HG12 sing N N 151 
ILE CG1 HG13 sing N N 152 
ILE CG2 HG21 sing N N 153 
ILE CG2 HG22 sing N N 154 
ILE CG2 HG23 sing N N 155 
ILE CD1 HD11 sing N N 156 
ILE CD1 HD12 sing N N 157 
ILE CD1 HD13 sing N N 158 
ILE OXT HXT  sing N N 159 
LEU N   CA   sing N N 160 
LEU N   H    sing N N 161 
LEU N   H2   sing N N 162 
LEU CA  C    sing N N 163 
LEU CA  CB   sing N N 164 
LEU CA  HA   sing N N 165 
LEU C   O    doub N N 166 
LEU C   OXT  sing N N 167 
LEU CB  CG   sing N N 168 
LEU CB  HB2  sing N N 169 
LEU CB  HB3  sing N N 170 
LEU CG  CD1  sing N N 171 
LEU CG  CD2  sing N N 172 
LEU CG  HG   sing N N 173 
LEU CD1 HD11 sing N N 174 
LEU CD1 HD12 sing N N 175 
LEU CD1 HD13 sing N N 176 
LEU CD2 HD21 sing N N 177 
LEU CD2 HD22 sing N N 178 
LEU CD2 HD23 sing N N 179 
LEU OXT HXT  sing N N 180 
LYS N   CA   sing N N 181 
LYS N   H    sing N N 182 
LYS N   H2   sing N N 183 
LYS CA  C    sing N N 184 
LYS CA  CB   sing N N 185 
LYS CA  HA   sing N N 186 
LYS C   O    doub N N 187 
LYS C   OXT  sing N N 188 
LYS CB  CG   sing N N 189 
LYS CB  HB2  sing N N 190 
LYS CB  HB3  sing N N 191 
LYS CG  CD   sing N N 192 
LYS CG  HG2  sing N N 193 
LYS CG  HG3  sing N N 194 
LYS CD  CE   sing N N 195 
LYS CD  HD2  sing N N 196 
LYS CD  HD3  sing N N 197 
LYS CE  NZ   sing N N 198 
LYS CE  HE2  sing N N 199 
LYS CE  HE3  sing N N 200 
LYS NZ  HZ1  sing N N 201 
LYS NZ  HZ2  sing N N 202 
LYS NZ  HZ3  sing N N 203 
LYS OXT HXT  sing N N 204 
MET N   CA   sing N N 205 
MET N   H    sing N N 206 
MET N   H2   sing N N 207 
MET CA  C    sing N N 208 
MET CA  CB   sing N N 209 
MET CA  HA   sing N N 210 
MET C   O    doub N N 211 
MET C   OXT  sing N N 212 
MET CB  CG   sing N N 213 
MET CB  HB2  sing N N 214 
MET CB  HB3  sing N N 215 
MET CG  SD   sing N N 216 
MET CG  HG2  sing N N 217 
MET CG  HG3  sing N N 218 
MET SD  CE   sing N N 219 
MET CE  HE1  sing N N 220 
MET CE  HE2  sing N N 221 
MET CE  HE3  sing N N 222 
MET OXT HXT  sing N N 223 
PHE N   CA   sing N N 224 
PHE N   H    sing N N 225 
PHE N   H2   sing N N 226 
PHE CA  C    sing N N 227 
PHE CA  CB   sing N N 228 
PHE CA  HA   sing N N 229 
PHE C   O    doub N N 230 
PHE C   OXT  sing N N 231 
PHE CB  CG   sing N N 232 
PHE CB  HB2  sing N N 233 
PHE CB  HB3  sing N N 234 
PHE CG  CD1  doub Y N 235 
PHE CG  CD2  sing Y N 236 
PHE CD1 CE1  sing Y N 237 
PHE CD1 HD1  sing N N 238 
PHE CD2 CE2  doub Y N 239 
PHE CD2 HD2  sing N N 240 
PHE CE1 CZ   doub Y N 241 
PHE CE1 HE1  sing N N 242 
PHE CE2 CZ   sing Y N 243 
PHE CE2 HE2  sing N N 244 
PHE CZ  HZ   sing N N 245 
PHE OXT HXT  sing N N 246 
PM5 O23 P24  sing N N 247 
PM5 O23 H23  sing N N 248 
PM5 P24 O26  doub N N 249 
PM5 P24 O27  sing N N 250 
PM5 P24 H24  sing N N 251 
PM5 O27 C28  sing N N 252 
PM5 C28 C29  sing N N 253 
PM5 C28 H281 sing N N 254 
PM5 C28 H282 sing N N 255 
PM5 C29 C30  sing N N 256 
PM5 C29 C31  sing N N 257 
PM5 C29 C32  sing N N 258 
PM5 C30 H301 sing N N 259 
PM5 C30 H302 sing N N 260 
PM5 C30 H303 sing N N 261 
PM5 C31 H311 sing N N 262 
PM5 C31 H312 sing N N 263 
PM5 C31 H313 sing N N 264 
PM5 C32 O33  sing N N 265 
PM5 C32 C34  sing N N 266 
PM5 C32 H32  sing N N 267 
PM5 O33 H33  sing N N 268 
PM5 C34 O35  doub N N 269 
PM5 C34 N36  sing N N 270 
PM5 N36 C37  sing N N 271 
PM5 N36 H36  sing N N 272 
PM5 C37 C38  sing N N 273 
PM5 C37 H371 sing N N 274 
PM5 C37 H372 sing N N 275 
PM5 C38 C39  sing N N 276 
PM5 C38 H381 sing N N 277 
PM5 C38 H382 sing N N 278 
PM5 C39 O40  doub N N 279 
PM5 C39 N41  sing N N 280 
PM5 N41 C42  sing N N 281 
PM5 N41 H41  sing N N 282 
PM5 C42 C43  sing N N 283 
PM5 C42 H421 sing N N 284 
PM5 C42 H422 sing N N 285 
PM5 C43 S1   sing N N 286 
PM5 C43 H431 sing N N 287 
PM5 C43 H432 sing N N 288 
PM5 S1  C1   sing N N 289 
PM5 C1  O1   doub N N 290 
PM5 C1  C2   sing N N 291 
PM5 C2  C3   sing N N 292 
PM5 C2  H21  sing N N 293 
PM5 C2  H22  sing N N 294 
PM5 C3  C4   sing N N 295 
PM5 C3  H31  sing N N 296 
PM5 C3  H32A sing N N 297 
PM5 C4  C5   sing N N 298 
PM5 C4  H41A sing N N 299 
PM5 C4  H42  sing N N 300 
PM5 C5  C6   sing N N 301 
PM5 C5  H51  sing N N 302 
PM5 C5  H52  sing N N 303 
PM5 C6  C7   sing N N 304 
PM5 C6  H61  sing N N 305 
PM5 C6  H62  sing N N 306 
PM5 C7  H71  sing N N 307 
PM5 C7  H72  sing N N 308 
PM5 C7  H73  sing N N 309 
PRO N   CA   sing N N 310 
PRO N   CD   sing N N 311 
PRO N   H    sing N N 312 
PRO CA  C    sing N N 313 
PRO CA  CB   sing N N 314 
PRO CA  HA   sing N N 315 
PRO C   O    doub N N 316 
PRO C   OXT  sing N N 317 
PRO CB  CG   sing N N 318 
PRO CB  HB2  sing N N 319 
PRO CB  HB3  sing N N 320 
PRO CG  CD   sing N N 321 
PRO CG  HG2  sing N N 322 
PRO CG  HG3  sing N N 323 
PRO CD  HD2  sing N N 324 
PRO CD  HD3  sing N N 325 
PRO OXT HXT  sing N N 326 
SER N   CA   sing N N 327 
SER N   H    sing N N 328 
SER N   H2   sing N N 329 
SER CA  C    sing N N 330 
SER CA  CB   sing N N 331 
SER CA  HA   sing N N 332 
SER C   O    doub N N 333 
SER C   OXT  sing N N 334 
SER CB  OG   sing N N 335 
SER CB  HB2  sing N N 336 
SER CB  HB3  sing N N 337 
SER OG  HG   sing N N 338 
SER OXT HXT  sing N N 339 
THR N   CA   sing N N 340 
THR N   H    sing N N 341 
THR N   H2   sing N N 342 
THR CA  C    sing N N 343 
THR CA  CB   sing N N 344 
THR CA  HA   sing N N 345 
THR C   O    doub N N 346 
THR C   OXT  sing N N 347 
THR CB  OG1  sing N N 348 
THR CB  CG2  sing N N 349 
THR CB  HB   sing N N 350 
THR OG1 HG1  sing N N 351 
THR CG2 HG21 sing N N 352 
THR CG2 HG22 sing N N 353 
THR CG2 HG23 sing N N 354 
THR OXT HXT  sing N N 355 
TYR N   CA   sing N N 356 
TYR N   H    sing N N 357 
TYR N   H2   sing N N 358 
TYR CA  C    sing N N 359 
TYR CA  CB   sing N N 360 
TYR CA  HA   sing N N 361 
TYR C   O    doub N N 362 
TYR C   OXT  sing N N 363 
TYR CB  CG   sing N N 364 
TYR CB  HB2  sing N N 365 
TYR CB  HB3  sing N N 366 
TYR CG  CD1  doub Y N 367 
TYR CG  CD2  sing Y N 368 
TYR CD1 CE1  sing Y N 369 
TYR CD1 HD1  sing N N 370 
TYR CD2 CE2  doub Y N 371 
TYR CD2 HD2  sing N N 372 
TYR CE1 CZ   doub Y N 373 
TYR CE1 HE1  sing N N 374 
TYR CE2 CZ   sing Y N 375 
TYR CE2 HE2  sing N N 376 
TYR CZ  OH   sing N N 377 
TYR OH  HH   sing N N 378 
TYR OXT HXT  sing N N 379 
VAL N   CA   sing N N 380 
VAL N   H    sing N N 381 
VAL N   H2   sing N N 382 
VAL CA  C    sing N N 383 
VAL CA  CB   sing N N 384 
VAL CA  HA   sing N N 385 
VAL C   O    doub N N 386 
VAL C   OXT  sing N N 387 
VAL CB  CG1  sing N N 388 
VAL CB  CG2  sing N N 389 
VAL CB  HB   sing N N 390 
VAL CG1 HG11 sing N N 391 
VAL CG1 HG12 sing N N 392 
VAL CG1 HG13 sing N N 393 
VAL CG2 HG21 sing N N 394 
VAL CG2 HG22 sing N N 395 
VAL CG2 HG23 sing N N 396 
VAL OXT HXT  sing N N 397 
# 
_pdbx_initial_refinement_model.id               1 
_pdbx_initial_refinement_model.entity_id_list   ? 
_pdbx_initial_refinement_model.type             'experimental model' 
_pdbx_initial_refinement_model.source_name      PDB 
_pdbx_initial_refinement_model.accession_code   1L0I 
_pdbx_initial_refinement_model.details          'PDB 1L0I' 
# 
_atom_sites.entry_id                    2FAD 
_atom_sites.fract_transf_matrix[1][1]   0.01655821 
_atom_sites.fract_transf_matrix[1][2]   0.00759927 
_atom_sites.fract_transf_matrix[1][3]   0.00895812 
_atom_sites.fract_transf_matrix[2][1]   -0.00533538 
_atom_sites.fract_transf_matrix[2][2]   0.00342574 
_atom_sites.fract_transf_matrix[2][3]   0.00695585 
_atom_sites.fract_transf_matrix[3][1]   0.00411522 
_atom_sites.fract_transf_matrix[3][2]   -0.03024927 
_atom_sites.fract_transf_matrix[3][3]   0.01805421 
_atom_sites.fract_transf_vector[1]      0.543399 
_atom_sites.fract_transf_vector[2]      0.379357 
_atom_sites.fract_transf_vector[3]      0.243285 
# 
loop_
_atom_type.symbol 
C  
N  
NA 
O  
P  
S  
ZN 
# 
loop_
_atom_site.group_PDB 
_atom_site.id 
_atom_site.type_symbol 
_atom_site.label_atom_id 
_atom_site.label_alt_id 
_atom_site.label_comp_id 
_atom_site.label_asym_id 
_atom_site.label_entity_id 
_atom_site.label_seq_id 
_atom_site.pdbx_PDB_ins_code 
_atom_site.Cartn_x 
_atom_site.Cartn_y 
_atom_site.Cartn_z 
_atom_site.occupancy 
_atom_site.B_iso_or_equiv 
_atom_site.pdbx_formal_charge 
_atom_site.auth_seq_id 
_atom_site.auth_comp_id 
_atom_site.auth_asym_id 
_atom_site.auth_atom_id 
_atom_site.pdbx_PDB_model_num 
ATOM   1    N  N   . SER A 1 1  ? -6.589  7.689   0.057   1.00 17.20 ? 1   SER A N   1 
ATOM   2    C  CA  . SER A 1 1  ? -6.891  6.544   -0.855  1.00 16.49 ? 1   SER A CA  1 
ATOM   3    C  C   . SER A 1 1  ? -8.091  5.755   -0.321  1.00 25.02 ? 1   SER A C   1 
ATOM   4    O  O   . SER A 1 1  ? -8.358  5.770   0.877   1.00 23.95 ? 1   SER A O   1 
ATOM   5    C  CB  . SER A 1 1  ? -5.664  5.621   -0.998  1.00 17.57 ? 1   SER A CB  1 
ATOM   6    O  OG  . SER A 1 1  ? -5.415  4.923   0.203   1.00 21.06 ? 1   SER A OG  1 
ATOM   7    N  N   . THR A 1 2  ? -8.808  5.091   -1.228  1.00 15.02 ? 2   THR A N   1 
ATOM   8    C  CA  . THR A 1 2  ? -9.994  4.306   -0.919  1.00 13.29 ? 2   THR A CA  1 
ATOM   9    C  C   . THR A 1 2  ? -9.669  2.811   -0.767  1.00 16.04 ? 2   THR A C   1 
ATOM   10   O  O   . THR A 1 2  ? -8.611  2.355   -1.181  1.00 12.58 ? 2   THR A O   1 
ATOM   11   C  CB  . THR A 1 2  ? -11.027 4.422   -2.038  1.00 18.12 ? 2   THR A CB  1 
ATOM   12   O  OG1 . THR A 1 2  ? -10.489 3.812   -3.223  1.00 10.28 ? 2   THR A OG1 1 
ATOM   13   C  CG2 . THR A 1 2  ? -11.342 5.907   -2.346  1.00 19.46 ? 2   THR A CG2 1 
ATOM   14   N  N   . ILE A 1 3  ? -10.578 2.051   -0.171  1.00 13.49 ? 3   ILE A N   1 
ATOM   15   C  CA  . ILE A 1 3  ? -10.350 0.618   -0.035  1.00 8.86  ? 3   ILE A CA  1 
ATOM   16   C  C   . ILE A 1 3  ? -10.195 0.009   -1.462  1.00 12.78 ? 3   ILE A C   1 
ATOM   17   O  O   . ILE A 1 3  ? -9.394  -0.932  -1.700  1.00 12.49 ? 3   ILE A O   1 
ATOM   18   C  CB  . ILE A 1 3  ? -11.523 -0.041  0.670   1.00 8.86  ? 3   ILE A CB  1 
ATOM   19   C  CG1 . ILE A 1 3  ? -11.538 0.381   2.145   1.00 14.09 ? 3   ILE A CG1 1 
ATOM   20   C  CG2 . ILE A 1 3  ? -11.398 -1.559  0.549   1.00 17.52 ? 3   ILE A CG2 1 
ATOM   21   C  CD1 . ILE A 1 3  ? -10.327 -0.109  2.901   1.00 17.96 ? 3   ILE A CD1 1 
ATOM   22   N  N   . GLU A 1 4  ? -10.976 0.525   -2.408  1.00 8.13  ? 4   GLU A N   1 
ATOM   23   C  CA  . GLU A 1 4  ? -10.889 0.019   -3.794  1.00 15.46 ? 4   GLU A CA  1 
ATOM   24   C  C   . GLU A 1 4  ? -9.479  0.191   -4.327  1.00 16.60 ? 4   GLU A C   1 
ATOM   25   O  O   . GLU A 1 4  ? -8.901  -0.731  -4.917  1.00 16.88 ? 4   GLU A O   1 
ATOM   26   C  CB  . GLU A 1 4  ? -11.900 0.751   -4.695  1.00 14.30 ? 4   GLU A CB  1 
ATOM   27   C  CG  . GLU A 1 4  ? -11.666 0.641   -6.198  1.00 19.34 ? 4   GLU A CG  1 
ATOM   28   C  CD  . GLU A 1 4  ? -12.823 1.253   -6.982  1.00 13.75 ? 4   GLU A CD  1 
ATOM   29   O  OE1 . GLU A 1 4  ? -13.814 0.548   -7.220  1.00 22.78 ? 4   GLU A OE1 1 
ATOM   30   O  OE2 . GLU A 1 4  ? -12.759 2.458   -7.314  1.00 18.18 ? 4   GLU A OE2 1 
ATOM   31   N  N   . GLU A 1 5  ? -8.908  1.369   -4.114  1.00 9.46  ? 5   GLU A N   1 
ATOM   32   C  CA  . GLU A 1 5  ? -7.546  1.622   -4.592  1.00 8.96  ? 5   GLU A CA  1 
ATOM   33   C  C   . GLU A 1 5  ? -6.495  0.778   -3.891  1.00 14.82 ? 5   GLU A C   1 
ATOM   34   O  O   . GLU A 1 5  ? -5.530  0.338   -4.525  1.00 16.77 ? 5   GLU A O   1 
ATOM   35   C  CB  . GLU A 1 5  ? -7.176  3.091   -4.409  1.00 21.31 ? 5   GLU A CB  1 
ATOM   36   C  CG  . GLU A 1 5  ? -7.918  4.056   -5.305  1.00 17.71 ? 5   GLU A CG  1 
ATOM   37   C  CD  . GLU A 1 5  ? -7.594  5.495   -4.964  1.00 14.16 ? 5   GLU A CD  1 
ATOM   38   O  OE1 . GLU A 1 5  ? -7.785  5.843   -3.775  1.00 15.11 ? 5   GLU A OE1 1 
ATOM   39   O  OE2 . GLU A 1 5  ? -7.159  6.260   -5.863  1.00 10.86 ? 5   GLU A OE2 1 
ATOM   40   N  N   . ARG A 1 6  ? -6.648  0.581   -2.579  1.00 10.41 ? 6   ARG A N   1 
ATOM   41   C  CA  . ARG A 1 6  ? -5.677  -0.189  -1.829  1.00 13.02 ? 6   ARG A CA  1 
ATOM   42   C  C   . ARG A 1 6  ? -5.779  -1.683  -2.143  1.00 9.02  ? 6   ARG A C   1 
ATOM   43   O  O   . ARG A 1 6  ? -4.772  -2.360  -2.242  1.00 17.08 ? 6   ARG A O   1 
ATOM   44   C  CB  . ARG A 1 6  ? -5.848  0.075   -0.322  1.00 9.03  ? 6   ARG A CB  1 
ATOM   45   C  CG  . ARG A 1 6  ? -5.641  1.544   0.071   1.00 8.20  ? 6   ARG A CG  1 
ATOM   46   C  CD  . ARG A 1 6  ? -6.126  1.796   1.515   1.00 7.60  ? 6   ARG A CD  1 
ATOM   47   N  NE  . ARG A 1 6  ? -5.389  0.998   2.482   1.00 13.46 ? 6   ARG A NE  1 
ATOM   48   C  CZ  . ARG A 1 6  ? -5.742  0.845   3.756   1.00 13.53 ? 6   ARG A CZ  1 
ATOM   49   N  NH1 . ARG A 1 6  ? -6.828  1.438   4.215   1.00 13.88 ? 6   ARG A NH1 1 
ATOM   50   N  NH2 . ARG A 1 6  ? -5.015  0.081   4.555   1.00 13.84 ? 6   ARG A NH2 1 
ATOM   51   N  N   . VAL A 1 7  ? -6.993  -2.205  -2.272  1.00 11.85 ? 7   VAL A N   1 
ATOM   52   C  CA  . VAL A 1 7  ? -7.131  -3.617  -2.618  1.00 11.60 ? 7   VAL A CA  1 
ATOM   53   C  C   . VAL A 1 7  ? -6.594  -3.846  -4.058  1.00 15.84 ? 7   VAL A C   1 
ATOM   54   O  O   . VAL A 1 7  ? -5.790  -4.781  -4.289  1.00 12.34 ? 7   VAL A O   1 
ATOM   55   C  CB  . VAL A 1 7  ? -8.609  -4.063  -2.522  1.00 11.35 ? 7   VAL A CB  1 
ATOM   56   C  CG1 . VAL A 1 7  ? -8.789  -5.434  -3.118  1.00 14.72 ? 7   VAL A CG1 1 
ATOM   57   C  CG2 . VAL A 1 7  ? -9.066  -4.085  -1.069  1.00 10.59 ? 7   VAL A CG2 1 
ATOM   58   N  N   . LYS A 1 8  ? -6.986  -3.007  -5.025  1.00 8.65  ? 8   LYS A N   1 
ATOM   59   C  CA  . LYS A 1 8  ? -6.475  -3.211  -6.382  1.00 14.00 ? 8   LYS A CA  1 
ATOM   60   C  C   . LYS A 1 8  ? -4.960  -3.163  -6.454  1.00 19.10 ? 8   LYS A C   1 
ATOM   61   O  O   . LYS A 1 8  ? -4.348  -3.936  -7.201  1.00 14.72 ? 8   LYS A O   1 
ATOM   62   C  CB  . LYS A 1 8  ? -7.024  -2.202  -7.380  1.00 4.36  ? 8   LYS A CB  1 
ATOM   63   C  CG  . LYS A 1 8  ? -8.506  -2.341  -7.579  1.00 9.55  ? 8   LYS A CG  1 
ATOM   64   C  CD  . LYS A 1 8  ? -8.901  -1.453  -8.757  1.00 8.16  ? 8   LYS A CD  1 
ATOM   65   C  CE  . LYS A 1 8  ? -10.360 -1.631  -9.044  1.00 7.78  ? 8   LYS A CE  1 
ATOM   66   N  NZ  . LYS A 1 8  ? -10.665 -0.922  -10.338 1.00 16.84 ? 8   LYS A NZ  1 
ATOM   67   N  N   . LYS A 1 9  ? -4.352  -2.256  -5.704  1.00 15.36 ? 9   LYS A N   1 
ATOM   68   C  CA  . LYS A 1 9  ? -2.897  -2.167  -5.718  1.00 10.26 ? 9   LYS A CA  1 
ATOM   69   C  C   . LYS A 1 9  ? -2.255  -3.481  -5.238  1.00 15.31 ? 9   LYS A C   1 
ATOM   70   O  O   . LYS A 1 9  ? -1.323  -3.980  -5.878  1.00 11.95 ? 9   LYS A O   1 
ATOM   71   C  CB  . LYS A 1 9  ? -2.405  -1.013  -4.846  1.00 20.69 ? 9   LYS A CB  1 
ATOM   72   C  CG  . LYS A 1 9  ? -0.883  -0.979  -4.697  1.00 25.12 ? 9   LYS A CG  1 
ATOM   73   C  CD  . LYS A 1 9  ? -0.380  0.282   -3.983  1.00 20.09 ? 9   LYS A CD  1 
ATOM   74   C  CE  . LYS A 1 9  ? -0.727  1.519   -4.805  1.00 39.20 ? 9   LYS A CE  1 
ATOM   75   N  NZ  . LYS A 1 9  ? 0.441   2.410   -4.992  1.00 36.32 ? 9   LYS A NZ  1 
ATOM   76   N  N   . ILE A 1 10 ? -2.731  -4.027  -4.115  1.00 9.70  ? 10  ILE A N   1 
ATOM   77   C  CA  . ILE A 1 10 ? -2.159  -5.264  -3.589  1.00 8.54  ? 10  ILE A CA  1 
ATOM   78   C  C   . ILE A 1 10 ? -2.308  -6.414  -4.577  1.00 12.82 ? 10  ILE A C   1 
ATOM   79   O  O   . ILE A 1 10 ? -1.369  -7.207  -4.781  1.00 10.71 ? 10  ILE A O   1 
ATOM   80   C  CB  . ILE A 1 10 ? -2.782  -5.624  -2.197  1.00 10.96 ? 10  ILE A CB  1 
ATOM   81   C  CG1 . ILE A 1 10 ? -2.228  -4.668  -1.150  1.00 12.02 ? 10  ILE A CG1 1 
ATOM   82   C  CG2 . ILE A 1 10 ? -2.407  -7.034  -1.795  1.00 16.10 ? 10  ILE A CG2 1 
ATOM   83   C  CD1 . ILE A 1 10 ? -2.682  -4.985  0.265   1.00 17.55 ? 10  ILE A CD1 1 
ATOM   84   N  N   . ILE A 1 11 ? -3.483  -6.507  -5.194  1.00 8.13  ? 11  ILE A N   1 
ATOM   85   C  CA  . ILE A 1 11 ? -3.730  -7.577  -6.195  1.00 8.36  ? 11  ILE A CA  1 
ATOM   86   C  C   . ILE A 1 11 ? -2.731  -7.477  -7.358  1.00 9.55  ? 11  ILE A C   1 
ATOM   87   O  O   . ILE A 1 11 ? -2.153  -8.492  -7.785  1.00 9.62  ? 11  ILE A O   1 
ATOM   88   C  CB  . ILE A 1 11 ? -5.197  -7.480  -6.729  1.00 5.64  ? 11  ILE A CB  1 
ATOM   89   C  CG1 . ILE A 1 11 ? -6.138  -7.896  -5.619  1.00 10.39 ? 11  ILE A CG1 1 
ATOM   90   C  CG2 . ILE A 1 11 ? -5.427  -8.358  -7.976  1.00 12.09 ? 11  ILE A CG2 1 
ATOM   91   C  CD1 . ILE A 1 11 ? -7.621  -7.516  -5.885  1.00 13.06 ? 11  ILE A CD1 1 
ATOM   92   N  N   . GLY A 1 12 ? -2.569  -6.272  -7.896  1.00 12.48 ? 12  GLY A N   1 
ATOM   93   C  CA  . GLY A 1 12 ? -1.632  -6.065  -8.995  1.00 10.85 ? 12  GLY A CA  1 
ATOM   94   C  C   . GLY A 1 12 ? -0.240  -6.494  -8.575  1.00 17.10 ? 12  GLY A C   1 
ATOM   95   O  O   . GLY A 1 12 ? 0.438   -7.237  -9.258  1.00 15.35 ? 12  GLY A O   1 
ATOM   96   N  N   . GLU A 1 13 ? 0.179   -6.065  -7.401  1.00 9.85  ? 13  GLU A N   1 
ATOM   97   C  CA  . GLU A 1 13 ? 1.502   -6.398  -6.927  1.00 20.14 ? 13  GLU A CA  1 
ATOM   98   C  C   . GLU A 1 13 ? 1.710   -7.893  -6.732  1.00 12.95 ? 13  GLU A C   1 
ATOM   99   O  O   . GLU A 1 13 ? 2.749   -8.433  -7.151  1.00 13.23 ? 13  GLU A O   1 
ATOM   100  C  CB  . GLU A 1 13 ? 1.780   -5.637  -5.629  1.00 26.01 ? 13  GLU A CB  1 
ATOM   101  C  CG  . GLU A 1 13 ? 3.157   -5.864  -5.035  1.00 37.59 ? 13  GLU A CG  1 
ATOM   102  C  CD  . GLU A 1 13 ? 4.284   -5.555  -6.005  1.00 50.74 ? 13  GLU A CD  1 
ATOM   103  O  OE1 . GLU A 1 13 ? 4.390   -4.396  -6.472  1.00 50.94 ? 13  GLU A OE1 1 
ATOM   104  O  OE2 . GLU A 1 13 ? 5.069   -6.481  -6.298  1.00 51.60 ? 13  GLU A OE2 1 
ATOM   105  N  N   . GLN A 1 14 ? 0.732   -8.545  -6.097  1.00 12.44 ? 14  GLN A N   1 
ATOM   106  C  CA  . GLN A 1 14 ? 0.785   -9.989  -5.833  1.00 12.57 ? 14  GLN A CA  1 
ATOM   107  C  C   . GLN A 1 14 ? 0.744   -10.835 -7.088  1.00 19.10 ? 14  GLN A C   1 
ATOM   108  O  O   . GLN A 1 14 ? 1.445   -11.851 -7.177  1.00 16.57 ? 14  GLN A O   1 
ATOM   109  C  CB  . GLN A 1 14 ? -0.365  -10.424 -4.911  1.00 10.23 ? 14  GLN A CB  1 
ATOM   110  C  CG  . GLN A 1 14 ? -0.239  -9.974  -3.458  1.00 7.93  ? 14  GLN A CG  1 
ATOM   111  C  CD  . GLN A 1 14 ? 1.013   -10.457 -2.773  1.00 10.28 ? 14  GLN A CD  1 
ATOM   112  O  OE1 . GLN A 1 14 ? 1.698   -9.671  -2.126  1.00 26.19 ? 14  GLN A OE1 1 
ATOM   113  N  NE2 . GLN A 1 14 ? 1.329   -11.745 -2.911  1.00 12.52 ? 14  GLN A NE2 1 
ATOM   114  N  N   . LEU A 1 15 ? -0.072  -10.430 -8.059  1.00 16.36 ? 15  LEU A N   1 
ATOM   115  C  CA  . LEU A 1 15 ? -0.214  -11.200 -9.291  1.00 16.66 ? 15  LEU A CA  1 
ATOM   116  C  C   . LEU A 1 15 ? 0.718   -10.774 -10.415 1.00 13.21 ? 15  LEU A C   1 
ATOM   117  O  O   . LEU A 1 15 ? 0.775   -11.413 -11.465 1.00 15.73 ? 15  LEU A O   1 
ATOM   118  C  CB  . LEU A 1 15 ? -1.670  -11.159 -9.780  1.00 15.63 ? 15  LEU A CB  1 
ATOM   119  C  CG  . LEU A 1 15 ? -2.697  -11.761 -8.816  1.00 16.63 ? 15  LEU A CG  1 
ATOM   120  C  CD1 . LEU A 1 15 ? -3.984  -11.993 -9.548  1.00 10.06 ? 15  LEU A CD1 1 
ATOM   121  C  CD2 . LEU A 1 15 ? -2.194  -13.094 -8.237  1.00 21.16 ? 15  LEU A CD2 1 
ATOM   122  N  N   . GLY A 1 16 ? 1.447   -9.695  -10.207 1.00 18.16 ? 16  GLY A N   1 
ATOM   123  C  CA  . GLY A 1 16 ? 2.351   -9.250  -11.247 1.00 24.11 ? 16  GLY A CA  1 
ATOM   124  C  C   . GLY A 1 16 ? 1.626   -8.782  -12.501 1.00 25.17 ? 16  GLY A C   1 
ATOM   125  O  O   . GLY A 1 16 ? 2.115   -9.000  -13.616 1.00 16.44 ? 16  GLY A O   1 
ATOM   126  N  N   . VAL A 1 17 ? 0.458   -8.159  -12.323 1.00 16.45 ? 17  VAL A N   1 
ATOM   127  C  CA  . VAL A 1 17 ? -0.317  -7.619  -13.441 1.00 18.35 ? 17  VAL A CA  1 
ATOM   128  C  C   . VAL A 1 17 ? -0.433  -6.089  -13.328 1.00 20.19 ? 17  VAL A C   1 
ATOM   129  O  O   . VAL A 1 17 ? -0.523  -5.538  -12.231 1.00 14.96 ? 17  VAL A O   1 
ATOM   130  C  CB  . VAL A 1 17 ? -1.721  -8.229  -13.504 1.00 20.76 ? 17  VAL A CB  1 
ATOM   131  C  CG1 . VAL A 1 17 ? -1.632  -9.741  -13.352 1.00 32.48 ? 17  VAL A CG1 1 
ATOM   132  C  CG2 . VAL A 1 17 ? -2.604  -7.636  -12.457 1.00 13.67 ? 17  VAL A CG2 1 
ATOM   133  N  N   . LYS A 1 18 ? -0.401  -5.403  -14.473 1.00 20.08 ? 18  LYS A N   1 
ATOM   134  C  CA  . LYS A 1 18 ? -0.485  -3.952  -14.492 1.00 15.45 ? 18  LYS A CA  1 
ATOM   135  C  C   . LYS A 1 18 ? -1.830  -3.439  -13.981 1.00 11.48 ? 18  LYS A C   1 
ATOM   136  O  O   . LYS A 1 18 ? -2.878  -4.085  -14.147 1.00 18.14 ? 18  LYS A O   1 
ATOM   137  C  CB  . LYS A 1 18 ? -0.180  -3.409  -15.912 1.00 28.55 ? 18  LYS A CB  1 
ATOM   138  C  CG  . LYS A 1 18 ? -1.079  -3.937  -17.022 1.00 22.35 ? 18  LYS A CG  1 
ATOM   139  C  CD  . LYS A 1 18 ? -0.430  -3.796  -18.403 1.00 18.34 ? 18  LYS A CD  1 
ATOM   140  C  CE  . LYS A 1 18 ? -1.395  -4.259  -19.478 1.00 19.76 ? 18  LYS A CE  1 
ATOM   141  N  NZ  . LYS A 1 18 ? -0.794  -4.232  -20.849 1.00 21.34 ? 18  LYS A NZ  1 
ATOM   142  N  N   . GLN A 1 19 ? -1.789  -2.279  -13.342 1.00 16.87 ? 19  GLN A N   1 
ATOM   143  C  CA  . GLN A 1 19 ? -2.982  -1.677  -12.743 1.00 21.44 ? 19  GLN A CA  1 
ATOM   144  C  C   . GLN A 1 19 ? -4.196  -1.503  -13.622 1.00 18.21 ? 19  GLN A C   1 
ATOM   145  O  O   . GLN A 1 19 ? -5.297  -1.763  -13.175 1.00 16.83 ? 19  GLN A O   1 
ATOM   146  C  CB  . GLN A 1 19 ? -2.656  -0.322  -12.095 1.00 24.89 ? 19  GLN A CB  1 
ATOM   147  C  CG  . GLN A 1 19 ? -2.065  -0.405  -10.670 1.00 37.30 ? 19  GLN A CG  1 
ATOM   148  C  CD  . GLN A 1 19 ? -3.035  -0.929  -9.607  1.00 32.71 ? 19  GLN A CD  1 
ATOM   149  O  OE1 . GLN A 1 19 ? -3.330  -2.124  -9.541  1.00 34.26 ? 19  GLN A OE1 1 
ATOM   150  N  NE2 . GLN A 1 19 ? -3.532  -0.025  -8.768  1.00 25.73 ? 19  GLN A NE2 1 
ATOM   151  N  N   . GLU A 1 20 ? -4.013  -1.030  -14.854 1.00 21.30 ? 20  GLU A N   1 
ATOM   152  C  CA  . GLU A 1 20 ? -5.156  -0.839  -15.743 1.00 15.15 ? 20  GLU A CA  1 
ATOM   153  C  C   . GLU A 1 20 ? -5.845  -2.169  -16.045 1.00 18.31 ? 20  GLU A C   1 
ATOM   154  O  O   . GLU A 1 20 ? -6.963  -2.196  -16.536 1.00 16.88 ? 20  GLU A O   1 
ATOM   155  C  CB  . GLU A 1 20 ? -4.714  -0.157  -17.049 1.00 24.64 ? 20  GLU A CB  1 
ATOM   156  C  CG  . GLU A 1 20 ? -3.544  -0.821  -17.728 1.00 28.07 ? 20  GLU A CG  1 
ATOM   157  C  CD  . GLU A 1 20 ? -2.218  -0.270  -17.267 1.00 22.05 ? 20  GLU A CD  1 
ATOM   158  O  OE1 . GLU A 1 20 ? -2.045  -0.034  -16.054 1.00 21.64 ? 20  GLU A OE1 1 
ATOM   159  O  OE2 . GLU A 1 20 ? -1.333  -0.073  -18.126 1.00 31.93 ? 20  GLU A OE2 1 
ATOM   160  N  N   . GLU A 1 21 ? -5.185  -3.278  -15.723 1.00 15.18 ? 21  GLU A N   1 
ATOM   161  C  CA  . GLU A 1 21 ? -5.766  -4.605  -15.975 1.00 19.59 ? 21  GLU A CA  1 
ATOM   162  C  C   . GLU A 1 21 ? -6.600  -5.156  -14.809 1.00 17.42 ? 21  GLU A C   1 
ATOM   163  O  O   . GLU A 1 21 ? -7.374  -6.104  -14.952 1.00 19.40 ? 21  GLU A O   1 
ATOM   164  C  CB  . GLU A 1 21 ? -4.633  -5.574  -16.285 1.00 24.64 ? 21  GLU A CB  1 
ATOM   165  C  CG  . GLU A 1 21 ? -5.047  -6.822  -17.023 1.00 36.40 ? 21  GLU A CG  1 
ATOM   166  C  CD  . GLU A 1 21 ? -3.847  -7.686  -17.335 1.00 37.44 ? 21  GLU A CD  1 
ATOM   167  O  OE1 . GLU A 1 21 ? -2.836  -7.119  -17.816 1.00 27.92 ? 21  GLU A OE1 1 
ATOM   168  O  OE2 . GLU A 1 21 ? -3.919  -8.915  -17.097 1.00 43.02 ? 21  GLU A OE2 1 
ATOM   169  N  N   . VAL A 1 22 ? -6.447  -4.543  -13.644 1.00 15.65 ? 22  VAL A N   1 
ATOM   170  C  CA  . VAL A 1 22 ? -7.161  -5.006  -12.465 1.00 20.34 ? 22  VAL A CA  1 
ATOM   171  C  C   . VAL A 1 22 ? -8.480  -4.255  -12.354 1.00 20.57 ? 22  VAL A C   1 
ATOM   172  O  O   . VAL A 1 22 ? -8.577  -3.257  -11.642 1.00 20.62 ? 22  VAL A O   1 
ATOM   173  C  CB  . VAL A 1 22 ? -6.309  -4.783  -11.212 1.00 14.47 ? 22  VAL A CB  1 
ATOM   174  C  CG1 . VAL A 1 22 ? -7.038  -5.326  -9.965  1.00 15.06 ? 22  VAL A CG1 1 
ATOM   175  C  CG2 . VAL A 1 22 ? -4.965  -5.481  -11.367 1.00 12.84 ? 22  VAL A CG2 1 
ATOM   176  N  N   . THR A 1 23 ? -9.482  -4.738  -13.082 1.00 15.10 ? 23  THR A N   1 
ATOM   177  C  CA  . THR A 1 23 ? -10.812 -4.131  -13.102 1.00 25.71 ? 23  THR A CA  1 
ATOM   178  C  C   . THR A 1 23 ? -11.697 -4.837  -12.077 1.00 19.70 ? 23  THR A C   1 
ATOM   179  O  O   . THR A 1 23 ? -11.454 -5.989  -11.738 1.00 20.78 ? 23  THR A O   1 
ATOM   180  C  CB  . THR A 1 23 ? -11.454 -4.243  -14.515 1.00 21.62 ? 23  THR A CB  1 
ATOM   181  O  OG1 . THR A 1 23 ? -11.652 -5.625  -14.855 1.00 24.71 ? 23  THR A OG1 1 
ATOM   182  C  CG2 . THR A 1 23 ? -10.546 -3.604  -15.554 1.00 24.86 ? 23  THR A CG2 1 
ATOM   183  N  N   . ASN A 1 24 ? -12.720 -4.149  -11.593 1.00 16.87 ? 24  ASN A N   1 
ATOM   184  C  CA  . ASN A 1 24 ? -13.625 -4.703  -10.591 1.00 11.14 ? 24  ASN A CA  1 
ATOM   185  C  C   . ASN A 1 24 ? -14.282 -6.024  -10.956 1.00 18.94 ? 24  ASN A C   1 
ATOM   186  O  O   . ASN A 1 24 ? -14.643 -6.801  -10.071 1.00 21.91 ? 24  ASN A O   1 
ATOM   187  C  CB  . ASN A 1 24 ? -14.708 -3.679  -10.282 1.00 18.38 ? 24  ASN A CB  1 
ATOM   188  C  CG  . ASN A 1 24 ? -14.146 -2.409  -9.729  1.00 14.40 ? 24  ASN A CG  1 
ATOM   189  O  OD1 . ASN A 1 24 ? -13.323 -1.747  -10.374 1.00 20.73 ? 24  ASN A OD1 1 
ATOM   190  N  ND2 . ASN A 1 24 ? -14.574 -2.049  -8.524  1.00 13.86 ? 24  ASN A ND2 1 
ATOM   191  N  N   . ASN A 1 25 ? -14.424 -6.277  -12.253 1.00 20.91 ? 25  ASN A N   1 
ATOM   192  C  CA  . ASN A 1 25 ? -15.085 -7.488  -12.751 1.00 26.79 ? 25  ASN A CA  1 
ATOM   193  C  C   . ASN A 1 25 ? -14.133 -8.637  -13.086 1.00 21.81 ? 25  ASN A C   1 
ATOM   194  O  O   . ASN A 1 25 ? -14.569 -9.759  -13.361 1.00 28.26 ? 25  ASN A O   1 
ATOM   195  C  CB  . ASN A 1 25 ? -15.890 -7.148  -14.001 1.00 25.91 ? 25  ASN A CB  1 
ATOM   196  C  CG  . ASN A 1 25 ? -14.999 -6.753  -15.184 1.00 41.46 ? 25  ASN A CG  1 
ATOM   197  O  OD1 . ASN A 1 25 ? -14.303 -7.586  -15.773 1.00 42.41 ? 25  ASN A OD1 1 
ATOM   198  N  ND2 . ASN A 1 25 ? -15.013 -5.469  -15.524 1.00 45.71 ? 25  ASN A ND2 1 
ATOM   199  N  N   . ALA A 1 26 ? -12.840 -8.346  -13.075 1.00 18.70 ? 26  ALA A N   1 
ATOM   200  C  CA  . ALA A 1 26 ? -11.809 -9.321  -13.400 1.00 11.27 ? 26  ALA A CA  1 
ATOM   201  C  C   . ALA A 1 26 ? -11.793 -10.528 -12.458 1.00 16.74 ? 26  ALA A C   1 
ATOM   202  O  O   . ALA A 1 26 ? -11.908 -10.366 -11.251 1.00 19.19 ? 26  ALA A O   1 
ATOM   203  C  CB  . ALA A 1 26 ? -10.453 -8.629  -13.370 1.00 13.55 ? 26  ALA A CB  1 
ATOM   204  N  N   . SER A 1 27 ? -11.665 -11.717 -13.039 1.00 19.25 ? 27  SER A N   1 
ATOM   205  C  CA  . SER A 1 27 ? -11.591 -13.010 -12.352 1.00 15.90 ? 27  SER A CA  1 
ATOM   206  C  C   . SER A 1 27 ? -10.108 -13.225 -12.049 1.00 11.55 ? 27  SER A C   1 
ATOM   207  O  O   . SER A 1 27 ? -9.280  -13.069 -12.920 1.00 13.55 ? 27  SER A O   1 
ATOM   208  C  CB  . SER A 1 27 ? -12.072 -14.128 -13.302 1.00 21.24 ? 27  SER A CB  1 
ATOM   209  O  OG  . SER A 1 27 ? -11.796 -15.424 -12.798 1.00 32.61 ? 27  SER A OG  1 
ATOM   210  N  N   . PHE A 1 28 ? -9.783  -13.540 -10.805 1.00 14.00 ? 28  PHE A N   1 
ATOM   211  C  CA  . PHE A 1 28 ? -8.395  -13.750 -10.427 1.00 15.18 ? 28  PHE A CA  1 
ATOM   212  C  C   . PHE A 1 28 ? -7.757  -14.817 -11.323 1.00 12.66 ? 28  PHE A C   1 
ATOM   213  O  O   . PHE A 1 28 ? -6.693  -14.618 -11.895 1.00 11.82 ? 28  PHE A O   1 
ATOM   214  C  CB  . PHE A 1 28 ? -8.316  -14.209 -8.956  1.00 18.52 ? 28  PHE A CB  1 
ATOM   215  C  CG  . PHE A 1 28 ? -8.716  -13.139 -7.951  1.00 14.76 ? 28  PHE A CG  1 
ATOM   216  C  CD1 . PHE A 1 28 ? -9.809  -13.316 -7.124  1.00 17.54 ? 28  PHE A CD1 1 
ATOM   217  C  CD2 . PHE A 1 28 ? -8.004  -11.959 -7.859  1.00 12.80 ? 28  PHE A CD2 1 
ATOM   218  C  CE1 . PHE A 1 28 ? -10.217 -12.314 -6.240  1.00 23.18 ? 28  PHE A CE1 1 
ATOM   219  C  CE2 . PHE A 1 28 ? -8.407  -10.932 -6.960  1.00 11.54 ? 28  PHE A CE2 1 
ATOM   220  C  CZ  . PHE A 1 28 ? -9.508  -11.122 -6.151  1.00 15.07 ? 28  PHE A CZ  1 
ATOM   221  N  N   . VAL A 1 29 ? -8.408  -15.961 -11.434 1.00 17.96 ? 29  VAL A N   1 
ATOM   222  C  CA  . VAL A 1 29 ? -7.851  -17.054 -12.228 1.00 14.79 ? 29  VAL A CA  1 
ATOM   223  C  C   . VAL A 1 29 ? -8.076  -16.918 -13.735 1.00 21.55 ? 29  VAL A C   1 
ATOM   224  O  O   . VAL A 1 29 ? -7.134  -17.022 -14.503 1.00 17.99 ? 29  VAL A O   1 
ATOM   225  C  CB  . VAL A 1 29 ? -8.414  -18.406 -11.754 1.00 11.58 ? 29  VAL A CB  1 
ATOM   226  C  CG1 . VAL A 1 29 ? -7.867  -19.541 -12.633 1.00 18.26 ? 29  VAL A CG1 1 
ATOM   227  C  CG2 . VAL A 1 29 ? -8.011  -18.651 -10.300 1.00 25.80 ? 29  VAL A CG2 1 
ATOM   228  N  N   . GLU A 1 30 ? -9.319  -16.691 -14.153 1.00 27.11 ? 30  GLU A N   1 
ATOM   229  C  CA  . GLU A 1 30 ? -9.629  -16.575 -15.579 1.00 25.76 ? 30  GLU A CA  1 
ATOM   230  C  C   . GLU A 1 30 ? -9.106  -15.330 -16.284 1.00 20.22 ? 30  GLU A C   1 
ATOM   231  O  O   . GLU A 1 30 ? -8.696  -15.397 -17.440 1.00 26.02 ? 30  GLU A O   1 
ATOM   232  C  CB  . GLU A 1 30 ? -11.134 -16.656 -15.799 1.00 33.99 ? 30  GLU A CB  1 
ATOM   233  C  CG  . GLU A 1 30 ? -11.754 -17.997 -15.472 1.00 49.01 ? 30  GLU A CG  1 
ATOM   234  C  CD  . GLU A 1 30 ? -13.267 -17.970 -15.589 1.00 59.82 ? 30  GLU A CD  1 
ATOM   235  O  OE1 . GLU A 1 30 ? -13.925 -17.439 -14.665 1.00 69.52 ? 30  GLU A OE1 1 
ATOM   236  O  OE2 . GLU A 1 30 ? -13.792 -18.463 -16.612 1.00 62.83 ? 30  GLU A OE2 1 
ATOM   237  N  N   . ASP A 1 31 ? -9.122  -14.189 -15.604 1.00 15.98 ? 31  ASP A N   1 
ATOM   238  C  CA  . ASP A 1 31 ? -8.663  -12.962 -16.214 1.00 22.01 ? 31  ASP A CA  1 
ATOM   239  C  C   . ASP A 1 31 ? -7.258  -12.527 -15.802 1.00 19.76 ? 31  ASP A C   1 
ATOM   240  O  O   . ASP A 1 31 ? -6.451  -12.120 -16.641 1.00 23.20 ? 31  ASP A O   1 
ATOM   241  C  CB  . ASP A 1 31 ? -9.679  -11.848 -15.917 1.00 21.72 ? 31  ASP A CB  1 
ATOM   242  C  CG  . ASP A 1 31 ? -11.061 -12.171 -16.459 1.00 20.98 ? 31  ASP A CG  1 
ATOM   243  O  OD1 . ASP A 1 31 ? -11.117 -12.686 -17.590 1.00 28.29 ? 31  ASP A OD1 1 
ATOM   244  O  OD2 . ASP A 1 31 ? -12.078 -11.917 -15.778 1.00 27.35 ? 31  ASP A OD2 1 
ATOM   245  N  N   . LEU A 1 32 ? -6.940  -12.640 -14.518 1.00 22.65 ? 32  LEU A N   1 
ATOM   246  C  CA  . LEU A 1 32 ? -5.641  -12.188 -14.075 1.00 15.44 ? 32  LEU A CA  1 
ATOM   247  C  C   . LEU A 1 32 ? -4.552  -13.264 -14.072 1.00 26.32 ? 32  LEU A C   1 
ATOM   248  O  O   . LEU A 1 32 ? -3.415  -13.006 -13.660 1.00 21.99 ? 32  LEU A O   1 
ATOM   249  C  CB  . LEU A 1 32 ? -5.785  -11.494 -12.709 1.00 18.42 ? 32  LEU A CB  1 
ATOM   250  C  CG  . LEU A 1 32 ? -6.785  -10.317 -12.724 1.00 16.95 ? 32  LEU A CG  1 
ATOM   251  C  CD1 . LEU A 1 32 ? -6.874  -9.709  -11.350 1.00 14.32 ? 32  LEU A CD1 1 
ATOM   252  C  CD2 . LEU A 1 32 ? -6.370  -9.260  -13.738 1.00 16.45 ? 32  LEU A CD2 1 
ATOM   253  N  N   . GLY A 1 33 ? -4.884  -14.459 -14.564 1.00 14.86 ? 33  GLY A N   1 
ATOM   254  C  CA  . GLY A 1 33 ? -3.895  -15.527 -14.629 1.00 14.52 ? 33  GLY A CA  1 
ATOM   255  C  C   . GLY A 1 33 ? -3.323  -16.128 -13.342 1.00 26.61 ? 33  GLY A C   1 
ATOM   256  O  O   . GLY A 1 33 ? -2.276  -16.784 -13.394 1.00 23.88 ? 33  GLY A O   1 
ATOM   257  N  N   . ALA A 1 34 ? -3.987  -15.927 -12.201 1.00 16.82 ? 34  ALA A N   1 
ATOM   258  C  CA  . ALA A 1 34 ? -3.500  -16.457 -10.921 1.00 18.80 ? 34  ALA A CA  1 
ATOM   259  C  C   . ALA A 1 34 ? -3.376  -17.989 -10.848 1.00 13.49 ? 34  ALA A C   1 
ATOM   260  O  O   . ALA A 1 34 ? -4.242  -18.704 -11.349 1.00 19.82 ? 34  ALA A O   1 
ATOM   261  C  CB  . ALA A 1 34 ? -4.406  -15.975 -9.795  1.00 12.40 ? 34  ALA A CB  1 
ATOM   262  N  N   . ASP A 1 35 ? -2.296  -18.484 -10.240 1.00 10.93 ? 35  ASP A N   1 
ATOM   263  C  CA  . ASP A 1 35 ? -2.131  -19.937 -10.084 1.00 7.58  ? 35  ASP A CA  1 
ATOM   264  C  C   . ASP A 1 35 ? -2.368  -20.386 -8.622  1.00 21.41 ? 35  ASP A C   1 
ATOM   265  O  O   . ASP A 1 35 ? -2.718  -19.572 -7.747  1.00 16.88 ? 35  ASP A O   1 
ATOM   266  C  CB  . ASP A 1 35 ? -0.765  -20.412 -10.637 1.00 10.03 ? 35  ASP A CB  1 
ATOM   267  C  CG  . ASP A 1 35 ? 0.450   -19.909 -9.842  1.00 22.82 ? 35  ASP A CG  1 
ATOM   268  O  OD1 . ASP A 1 35 ? 0.297   -19.409 -8.712  1.00 19.63 ? 35  ASP A OD1 1 
ATOM   269  O  OD2 . ASP A 1 35 ? 1.591   -20.046 -10.352 1.00 12.04 ? 35  ASP A OD2 1 
ATOM   270  N  N   . SER A 1 36 ? -2.203  -21.672 -8.336  1.00 14.15 ? 36  SER A N   1 
ATOM   271  C  CA  . SER A 1 36 ? -2.447  -22.127 -6.974  1.00 15.99 ? 36  SER A CA  1 
ATOM   272  C  C   . SER A 1 36 ? -1.704  -21.371 -5.859  1.00 7.80  ? 36  SER A C   1 
ATOM   273  O  O   . SER A 1 36 ? -2.334  -20.931 -4.889  1.00 15.72 ? 36  SER A O   1 
ATOM   274  C  CB  . SER A 1 36 ? -2.144  -23.597 -6.846  1.00 20.24 ? 36  SER A CB  1 
ATOM   275  O  OG  . SER A 1 36 ? -2.955  -24.483 -7.611  1.00 22.98 ? 36  SER A OG  1 
ATOM   276  N  N   . LEU A 1 37 ? -0.393  -21.213 -5.970  1.00 14.29 ? 37  LEU A N   1 
ATOM   277  C  CA  . LEU A 1 37 ? 0.332   -20.472 -4.943  1.00 11.43 ? 37  LEU A CA  1 
ATOM   278  C  C   . LEU A 1 37 ? -0.162  -19.027 -4.873  1.00 13.72 ? 37  LEU A C   1 
ATOM   279  O  O   . LEU A 1 37 ? -0.366  -18.502 -3.762  1.00 17.59 ? 37  LEU A O   1 
ATOM   280  C  CB  . LEU A 1 37 ? 1.864   -20.496 -5.191  1.00 6.13  ? 37  LEU A CB  1 
ATOM   281  C  CG  . LEU A 1 37 ? 2.651   -19.662 -4.152  1.00 8.67  ? 37  LEU A CG  1 
ATOM   282  C  CD1 . LEU A 1 37 ? 2.610   -20.366 -2.786  1.00 22.88 ? 37  LEU A CD1 1 
ATOM   283  C  CD2 . LEU A 1 37 ? 4.096   -19.488 -4.617  1.00 11.32 ? 37  LEU A CD2 1 
ATOM   284  N  N   . ASP A 1 38 ? -0.373  -18.383 -6.023  1.00 8.87  ? 38  ASP A N   1 
ATOM   285  C  CA  . ASP A 1 38 ? -0.843  -16.981 -6.040  1.00 20.83 ? 38  ASP A CA  1 
ATOM   286  C  C   . ASP A 1 38 ? -2.063  -16.788 -5.131  1.00 15.05 ? 38  ASP A C   1 
ATOM   287  O  O   . ASP A 1 38 ? -2.192  -15.785 -4.420  1.00 14.48 ? 38  ASP A O   1 
ATOM   288  C  CB  . ASP A 1 38 ? -1.257  -16.525 -7.444  1.00 8.87  ? 38  ASP A CB  1 
ATOM   289  C  CG  . ASP A 1 38 ? -0.110  -16.458 -8.424  1.00 15.48 ? 38  ASP A CG  1 
ATOM   290  O  OD1 . ASP A 1 38 ? 1.054   -16.209 -8.033  1.00 20.63 ? 38  ASP A OD1 1 
ATOM   291  O  OD2 . ASP A 1 38 ? -0.396  -16.621 -9.635  1.00 21.46 ? 38  ASP A OD2 1 
ATOM   292  N  N   . THR A 1 39 ? -2.977  -17.744 -5.190  1.00 15.19 ? 39  THR A N   1 
ATOM   293  C  CA  . THR A 1 39 ? -4.189  -17.728 -4.384  1.00 21.20 ? 39  THR A CA  1 
ATOM   294  C  C   . THR A 1 39 ? -3.850  -17.644 -2.882  1.00 24.70 ? 39  THR A C   1 
ATOM   295  O  O   . THR A 1 39 ? -4.368  -16.779 -2.141  1.00 20.89 ? 39  THR A O   1 
ATOM   296  C  CB  . THR A 1 39 ? -5.019  -19.020 -4.676  1.00 26.61 ? 39  THR A CB  1 
ATOM   297  O  OG1 . THR A 1 39 ? -5.679  -18.882 -5.940  1.00 26.93 ? 39  THR A OG1 1 
ATOM   298  C  CG2 . THR A 1 39 ? -6.041  -19.279 -3.588  1.00 34.51 ? 39  THR A CG2 1 
ATOM   299  N  N   . VAL A 1 40 ? -2.972  -18.536 -2.437  1.00 20.42 ? 40  VAL A N   1 
ATOM   300  C  CA  . VAL A 1 40 ? -2.553  -18.576 -1.030  1.00 13.41 ? 40  VAL A CA  1 
ATOM   301  C  C   . VAL A 1 40 ? -1.872  -17.270 -0.622  1.00 18.81 ? 40  VAL A C   1 
ATOM   302  O  O   . VAL A 1 40 ? -2.199  -16.669 0.414   1.00 19.56 ? 40  VAL A O   1 
ATOM   303  C  CB  . VAL A 1 40 ? -1.561  -19.754 -0.774  1.00 18.71 ? 40  VAL A CB  1 
ATOM   304  C  CG1 . VAL A 1 40 ? -1.012  -19.701 0.658   1.00 13.41 ? 40  VAL A CG1 1 
ATOM   305  C  CG2 . VAL A 1 40 ? -2.268  -21.069 -0.990  1.00 22.26 ? 40  VAL A CG2 1 
ATOM   306  N  N   . GLU A 1 41 ? -0.926  -16.829 -1.435  1.00 14.88 ? 41  GLU A N   1 
ATOM   307  C  CA  . GLU A 1 41 ? -0.194  -15.606 -1.129  1.00 10.11 ? 41  GLU A CA  1 
ATOM   308  C  C   . GLU A 1 41 ? -1.056  -14.341 -1.170  1.00 8.53  ? 41  GLU A C   1 
ATOM   309  O  O   . GLU A 1 41 ? -0.834  -13.421 -0.382  1.00 17.00 ? 41  GLU A O   1 
ATOM   310  C  CB  . GLU A 1 41 ? 0.996   -15.470 -2.075  1.00 21.04 ? 41  GLU A CB  1 
ATOM   311  C  CG  . GLU A 1 41 ? 1.965   -16.647 -1.981  1.00 21.05 ? 41  GLU A CG  1 
ATOM   312  C  CD  . GLU A 1 41 ? 3.213   -16.420 -2.819  1.00 16.67 ? 41  GLU A CD  1 
ATOM   313  O  OE1 . GLU A 1 41 ? 3.081   -15.908 -3.946  1.00 31.33 ? 41  GLU A OE1 1 
ATOM   314  O  OE2 . GLU A 1 41 ? 4.319   -16.765 -2.344  1.00 46.97 ? 41  GLU A OE2 1 
ATOM   315  N  N   . LEU A 1 42 ? -2.027  -14.288 -2.080  1.00 10.00 ? 42  LEU A N   1 
ATOM   316  C  CA  . LEU A 1 42 ? -2.912  -13.120 -2.195  1.00 10.43 ? 42  LEU A CA  1 
ATOM   317  C  C   . LEU A 1 42 ? -3.792  -12.988 -0.946  1.00 19.49 ? 42  LEU A C   1 
ATOM   318  O  O   . LEU A 1 42 ? -3.884  -11.906 -0.318  1.00 10.07 ? 42  LEU A O   1 
ATOM   319  C  CB  . LEU A 1 42 ? -3.788  -13.244 -3.454  1.00 20.21 ? 42  LEU A CB  1 
ATOM   320  C  CG  . LEU A 1 42 ? -4.807  -12.108 -3.618  1.00 17.24 ? 42  LEU A CG  1 
ATOM   321  C  CD1 . LEU A 1 42 ? -4.078  -10.783 -3.412  1.00 12.86 ? 42  LEU A CD1 1 
ATOM   322  C  CD2 . LEU A 1 42 ? -5.472  -12.186 -5.003  1.00 11.21 ? 42  LEU A CD2 1 
ATOM   323  N  N   . VAL A 1 43 ? -4.422  -14.100 -0.589  1.00 12.58 ? 43  VAL A N   1 
ATOM   324  C  CA  . VAL A 1 43 ? -5.296  -14.150 0.573   1.00 11.82 ? 43  VAL A CA  1 
ATOM   325  C  C   . VAL A 1 43 ? -4.520  -13.734 1.823   1.00 19.61 ? 43  VAL A C   1 
ATOM   326  O  O   . VAL A 1 43 ? -5.007  -12.927 2.609   1.00 15.30 ? 43  VAL A O   1 
ATOM   327  C  CB  . VAL A 1 43 ? -5.899  -15.561 0.795   1.00 14.96 ? 43  VAL A CB  1 
ATOM   328  C  CG1 . VAL A 1 43 ? -6.509  -15.675 2.181   1.00 10.30 ? 43  VAL A CG1 1 
ATOM   329  C  CG2 . VAL A 1 43 ? -6.966  -15.816 -0.236  1.00 13.53 ? 43  VAL A CG2 1 
ATOM   330  N  N   . MET A 1 44 ? -3.308  -14.254 1.995   1.00 13.80 ? 44  MET A N   1 
ATOM   331  C  CA  . MET A 1 44 ? -2.523  -13.880 3.179   1.00 10.90 ? 44  MET A CA  1 
ATOM   332  C  C   . MET A 1 44 ? -2.067  -12.412 3.191   1.00 15.57 ? 44  MET A C   1 
ATOM   333  O  O   . MET A 1 44 ? -1.951  -11.759 4.265   1.00 7.61  ? 44  MET A O   1 
ATOM   334  C  CB  . MET A 1 44 ? -1.346  -14.848 3.354   1.00 12.89 ? 44  MET A CB  1 
ATOM   335  C  CG  . MET A 1 44 ? -1.838  -16.262 3.678   1.00 18.27 ? 44  MET A CG  1 
ATOM   336  S  SD  . MET A 1 44 ? -0.684  -17.299 4.592   1.00 30.60 ? 44  MET A SD  1 
ATOM   337  C  CE  . MET A 1 44 ? 0.767   -17.068 3.608   1.00 30.28 ? 44  MET A CE  1 
ATOM   338  N  N   . ALA A 1 45 ? -1.838  -11.865 2.010   1.00 10.63 ? 45  ALA A N   1 
ATOM   339  C  CA  . ALA A 1 45 ? -1.445  -10.456 1.908   1.00 9.35  ? 45  ALA A CA  1 
ATOM   340  C  C   . ALA A 1 45 ? -2.583  -9.533  2.342   1.00 13.83 ? 45  ALA A C   1 
ATOM   341  O  O   . ALA A 1 45 ? -2.365  -8.549  3.021   1.00 12.70 ? 45  ALA A O   1 
ATOM   342  C  CB  . ALA A 1 45 ? -1.051  -10.131 0.468   1.00 11.40 ? 45  ALA A CB  1 
ATOM   343  N  N   . LEU A 1 46 ? -3.791  -9.850  1.904   1.00 9.84  ? 46  LEU A N   1 
ATOM   344  C  CA  . LEU A 1 46 ? -4.972  -9.072  2.251   1.00 15.07 ? 46  LEU A CA  1 
ATOM   345  C  C   . LEU A 1 46 ? -5.376  -9.262  3.717   1.00 8.87  ? 46  LEU A C   1 
ATOM   346  O  O   . LEU A 1 46 ? -5.879  -8.325  4.342   1.00 14.95 ? 46  LEU A O   1 
ATOM   347  C  CB  . LEU A 1 46 ? -6.123  -9.433  1.316   1.00 10.41 ? 46  LEU A CB  1 
ATOM   348  C  CG  . LEU A 1 46 ? -5.931  -8.943  -0.145  1.00 10.75 ? 46  LEU A CG  1 
ATOM   349  C  CD1 . LEU A 1 46 ? -7.030  -9.551  -1.029  1.00 10.80 ? 46  LEU A CD1 1 
ATOM   350  C  CD2 . LEU A 1 46 ? -5.964  -7.372  -0.237  1.00 9.29  ? 46  LEU A CD2 1 
ATOM   351  N  N   . GLU A 1 47 ? -5.178  -10.468 4.254   1.00 9.57  ? 47  GLU A N   1 
ATOM   352  C  CA  . GLU A 1 47 ? -5.485  -10.716 5.662   1.00 11.70 ? 47  GLU A CA  1 
ATOM   353  C  C   . GLU A 1 47 ? -4.552  -9.847  6.498   1.00 9.09  ? 47  GLU A C   1 
ATOM   354  O  O   . GLU A 1 47 ? -4.961  -9.304  7.498   1.00 12.53 ? 47  GLU A O   1 
ATOM   355  C  CB  . GLU A 1 47 ? -5.323  -12.199 6.027   1.00 7.64  ? 47  GLU A CB  1 
ATOM   356  C  CG  . GLU A 1 47 ? -6.433  -13.073 5.415   1.00 13.72 ? 47  GLU A CG  1 
ATOM   357  C  CD  . GLU A 1 47 ? -6.265  -14.563 5.630   1.00 17.76 ? 47  GLU A CD  1 
ATOM   358  O  OE1 . GLU A 1 47 ? -5.150  -15.052 5.468   1.00 13.82 ? 47  GLU A OE1 1 
ATOM   359  O  OE2 . GLU A 1 47 ? -7.249  -15.263 5.941   1.00 11.12 ? 47  GLU A OE2 1 
ATOM   360  N  N   . GLU A 1 48 ? -3.296  -9.705  6.084   1.00 11.28 ? 48  GLU A N   1 
ATOM   361  C  CA  . GLU A 1 48 ? -2.363  -8.848  6.847   1.00 17.05 ? 48  GLU A CA  1 
ATOM   362  C  C   . GLU A 1 48 ? -2.675  -7.331  6.743   1.00 13.62 ? 48  GLU A C   1 
ATOM   363  O  O   . GLU A 1 48 ? -2.759  -6.616  7.753   1.00 12.33 ? 48  GLU A O   1 
ATOM   364  C  CB  . GLU A 1 48 ? -0.939  -9.142  6.386   1.00 11.11 ? 48  GLU A CB  1 
ATOM   365  C  CG  . GLU A 1 48 ? 0.081   -8.024  6.587   1.00 18.69 ? 48  GLU A CG  1 
ATOM   366  C  CD  . GLU A 1 48 ? 0.282   -7.575  8.031   1.00 22.47 ? 48  GLU A CD  1 
ATOM   367  O  OE1 . GLU A 1 48 ? -0.137  -8.271  8.984   1.00 21.56 ? 48  GLU A OE1 1 
ATOM   368  O  OE2 . GLU A 1 48 ? 0.885   -6.498  8.212   1.00 29.10 ? 48  GLU A OE2 1 
ATOM   369  N  N   . GLU A 1 49 ? -2.863  -6.833  5.525   1.00 11.18 ? 49  GLU A N   1 
ATOM   370  C  CA  . GLU A 1 49 ? -3.142  -5.415  5.329   1.00 9.67  ? 49  GLU A CA  1 
ATOM   371  C  C   . GLU A 1 49 ? -4.396  -4.930  6.060   1.00 14.42 ? 49  GLU A C   1 
ATOM   372  O  O   . GLU A 1 49 ? -4.386  -3.867  6.704   1.00 16.43 ? 49  GLU A O   1 
ATOM   373  C  CB  . GLU A 1 49 ? -3.275  -5.136  3.818   1.00 17.16 ? 49  GLU A CB  1 
ATOM   374  C  CG  . GLU A 1 49 ? -3.518  -3.668  3.432   1.00 17.36 ? 49  GLU A CG  1 
ATOM   375  C  CD  . GLU A 1 49 ? -2.413  -2.724  3.887   1.00 20.21 ? 49  GLU A CD  1 
ATOM   376  O  OE1 . GLU A 1 49 ? -1.265  -3.176  4.070   1.00 19.92 ? 49  GLU A OE1 1 
ATOM   377  O  OE2 . GLU A 1 49 ? -2.683  -1.504  4.043   1.00 27.73 ? 49  GLU A OE2 1 
ATOM   378  N  N   . PHE A 1 50 ? -5.463  -5.720  5.991   1.00 14.46 ? 50  PHE A N   1 
ATOM   379  C  CA  . PHE A 1 50 ? -6.719  -5.344  6.601   1.00 9.12  ? 50  PHE A CA  1 
ATOM   380  C  C   . PHE A 1 50 ? -7.031  -6.001  7.980   1.00 11.15 ? 50  PHE A C   1 
ATOM   381  O  O   . PHE A 1 50 ? -8.154  -5.943  8.487   1.00 14.95 ? 50  PHE A O   1 
ATOM   382  C  CB  . PHE A 1 50 ? -7.837  -5.515  5.542   1.00 11.59 ? 50  PHE A CB  1 
ATOM   383  C  CG  . PHE A 1 50 ? -7.602  -4.675  4.294   1.00 11.18 ? 50  PHE A CG  1 
ATOM   384  C  CD1 . PHE A 1 50 ? -7.009  -5.229  3.148   1.00 12.71 ? 50  PHE A CD1 1 
ATOM   385  C  CD2 . PHE A 1 50 ? -7.837  -3.296  4.306   1.00 8.04  ? 50  PHE A CD2 1 
ATOM   386  C  CE1 . PHE A 1 50 ? -6.624  -4.410  2.048   1.00 10.30 ? 50  PHE A CE1 1 
ATOM   387  C  CE2 . PHE A 1 50 ? -7.461  -2.469  3.244   1.00 9.36  ? 50  PHE A CE2 1 
ATOM   388  C  CZ  . PHE A 1 50 ? -6.856  -3.027  2.091   1.00 14.30 ? 50  PHE A CZ  1 
ATOM   389  N  N   . ASP A 1 51 ? -6.009  -6.630  8.556   1.00 11.77 ? 51  ASP A N   1 
ATOM   390  C  CA  . ASP A 1 51 ? -6.074  -7.249  9.881   1.00 15.38 ? 51  ASP A CA  1 
ATOM   391  C  C   . ASP A 1 51 ? -7.349  -8.101  10.111  1.00 16.13 ? 51  ASP A C   1 
ATOM   392  O  O   . ASP A 1 51 ? -8.070  -7.901  11.080  1.00 18.49 ? 51  ASP A O   1 
ATOM   393  C  CB  . ASP A 1 51 ? -5.932  -6.095  10.909  1.00 15.07 ? 51  ASP A CB  1 
ATOM   394  C  CG  . ASP A 1 51 ? -5.793  -6.590  12.347  1.00 31.30 ? 51  ASP A CG  1 
ATOM   395  O  OD1 . ASP A 1 51 ? -5.094  -7.600  12.571  1.00 23.31 ? 51  ASP A OD1 1 
ATOM   396  O  OD2 . ASP A 1 51 ? -6.371  -5.947  13.253  1.00 30.58 ? 51  ASP A OD2 1 
ATOM   397  N  N   . THR A 1 52 ? -7.618  -9.061  9.217   1.00 17.14 ? 52  THR A N   1 
ATOM   398  C  CA  . THR A 1 52 ? -8.805  -9.923  9.320   1.00 21.11 ? 52  THR A CA  1 
ATOM   399  C  C   . THR A 1 52 ? -8.592  -11.302 8.693   1.00 18.73 ? 52  THR A C   1 
ATOM   400  O  O   . THR A 1 52 ? -8.104  -11.404 7.578   1.00 25.85 ? 52  THR A O   1 
ATOM   401  C  CB  . THR A 1 52 ? -10.051 -9.274  8.644   1.00 17.87 ? 52  THR A CB  1 
ATOM   402  O  OG1 . THR A 1 52 ? -11.196 -10.100 8.874   1.00 33.45 ? 52  THR A OG1 1 
ATOM   403  C  CG2 . THR A 1 52 ? -9.880  -9.133  7.164   1.00 20.92 ? 52  THR A CG2 1 
ATOM   404  N  N   . GLU A 1 53 ? -8.967  -12.356 9.410   1.00 14.26 ? 53  GLU A N   1 
ATOM   405  C  CA  . GLU A 1 53 ? -8.788  -13.707 8.891   1.00 9.77  ? 53  GLU A CA  1 
ATOM   406  C  C   . GLU A 1 53 ? -10.077 -14.194 8.196   1.00 10.31 ? 53  GLU A C   1 
ATOM   407  O  O   . GLU A 1 53 ? -11.173 -14.094 8.743   1.00 16.43 ? 53  GLU A O   1 
ATOM   408  C  CB  . GLU A 1 53 ? -8.408  -14.695 10.017  1.00 19.16 ? 53  GLU A CB  1 
ATOM   409  C  CG  . GLU A 1 53 ? -7.038  -14.501 10.704  1.00 11.70 ? 53  GLU A CG  1 
ATOM   410  C  CD  . GLU A 1 53 ? -5.793  -15.140 9.992   1.00 12.16 ? 53  GLU A CD  1 
ATOM   411  O  OE1 . GLU A 1 53 ? -4.665  -14.901 10.468  1.00 16.11 ? 53  GLU A OE1 1 
ATOM   412  O  OE2 . GLU A 1 53 ? -5.892  -15.883 8.995   1.00 5.94  ? 53  GLU A OE2 1 
ATOM   413  N  N   . ILE A 1 54 ? -9.930  -14.721 6.981   1.00 7.60  ? 54  ILE A N   1 
ATOM   414  C  CA  . ILE A 1 54 ? -11.049 -15.261 6.226   1.00 18.12 ? 54  ILE A CA  1 
ATOM   415  C  C   . ILE A 1 54 ? -11.004 -16.794 6.176   1.00 16.15 ? 54  ILE A C   1 
ATOM   416  O  O   . ILE A 1 54 ? -9.961  -17.385 5.880   1.00 18.35 ? 54  ILE A O   1 
ATOM   417  C  CB  . ILE A 1 54 ? -11.070 -14.699 4.771   1.00 14.24 ? 54  ILE A CB  1 
ATOM   418  C  CG1 . ILE A 1 54 ? -12.308 -15.199 4.048   1.00 11.51 ? 54  ILE A CG1 1 
ATOM   419  C  CG2 . ILE A 1 54 ? -9.848  -15.133 3.999   1.00 17.73 ? 54  ILE A CG2 1 
ATOM   420  C  CD1 . ILE A 1 54 ? -12.568 -14.518 2.703   1.00 20.11 ? 54  ILE A CD1 1 
ATOM   421  N  N   . PRO A 1 55 ? -12.124 -17.462 6.489   1.00 13.94 ? 55  PRO A N   1 
ATOM   422  C  CA  . PRO A 1 55 ? -12.092 -18.932 6.432   1.00 15.54 ? 55  PRO A CA  1 
ATOM   423  C  C   . PRO A 1 55 ? -11.717 -19.374 5.030   1.00 22.06 ? 55  PRO A C   1 
ATOM   424  O  O   . PRO A 1 55 ? -12.175 -18.781 4.049   1.00 18.06 ? 55  PRO A O   1 
ATOM   425  C  CB  . PRO A 1 55 ? -13.512 -19.312 6.844   1.00 19.28 ? 55  PRO A CB  1 
ATOM   426  C  CG  . PRO A 1 55 ? -13.829 -18.237 7.893   1.00 17.41 ? 55  PRO A CG  1 
ATOM   427  C  CD  . PRO A 1 55 ? -13.339 -16.983 7.171   1.00 16.57 ? 55  PRO A CD  1 
ATOM   428  N  N   . ASP A 1 56 ? -10.883 -20.410 4.923   1.00 15.33 ? 56  ASP A N   1 
ATOM   429  C  CA  . ASP A 1 56 ? -10.426 -20.867 3.614   1.00 17.89 ? 56  ASP A CA  1 
ATOM   430  C  C   . ASP A 1 56 ? -11.557 -21.259 2.662   1.00 11.98 ? 56  ASP A C   1 
ATOM   431  O  O   . ASP A 1 56 ? -11.469 -21.016 1.462   1.00 16.73 ? 56  ASP A O   1 
ATOM   432  C  CB  . ASP A 1 56 ? -9.436  -22.041 3.774   1.00 16.05 ? 56  ASP A CB  1 
ATOM   433  C  CG  . ASP A 1 56 ? -8.081  -21.610 4.350   1.00 22.83 ? 56  ASP A CG  1 
ATOM   434  O  OD1 . ASP A 1 56 ? -7.797  -20.397 4.450   1.00 28.25 ? 56  ASP A OD1 1 
ATOM   435  O  OD2 . ASP A 1 56 ? -7.285  -22.496 4.704   1.00 19.20 ? 56  ASP A OD2 1 
ATOM   436  N  N   . GLU A 1 57 ? -12.623 -21.853 3.189   1.00 20.29 ? 57  GLU A N   1 
ATOM   437  C  CA  . GLU A 1 57 ? -13.721 -22.248 2.326   1.00 23.84 ? 57  GLU A CA  1 
ATOM   438  C  C   . GLU A 1 57 ? -14.412 -21.014 1.777   1.00 15.36 ? 57  GLU A C   1 
ATOM   439  O  O   . GLU A 1 57 ? -14.885 -21.022 0.641   1.00 19.79 ? 57  GLU A O   1 
ATOM   440  C  CB  . GLU A 1 57 ? -14.700 -23.163 3.069   1.00 16.45 ? 57  GLU A CB  1 
ATOM   441  C  CG  . GLU A 1 57 ? -14.232 -24.616 3.134   1.00 39.51 ? 57  GLU A CG  1 
ATOM   442  C  CD  . GLU A 1 57 ? -13.961 -25.222 1.752   1.00 44.93 ? 57  GLU A CD  1 
ATOM   443  O  OE1 . GLU A 1 57 ? -14.920 -25.457 0.990   1.00 47.25 ? 57  GLU A OE1 1 
ATOM   444  O  OE2 . GLU A 1 57 ? -12.780 -25.463 1.423   1.00 49.15 ? 57  GLU A OE2 1 
ATOM   445  N  N   . GLU A 1 58 ? -14.433 -19.943 2.567   1.00 18.38 ? 58  GLU A N   1 
ATOM   446  C  CA  . GLU A 1 58 ? -15.043 -18.685 2.133   1.00 18.49 ? 58  GLU A CA  1 
ATOM   447  C  C   . GLU A 1 58 ? -14.171 -17.988 1.090   1.00 22.30 ? 58  GLU A C   1 
ATOM   448  O  O   . GLU A 1 58 ? -14.673 -17.477 0.092   1.00 20.18 ? 58  GLU A O   1 
ATOM   449  C  CB  . GLU A 1 58 ? -15.254 -17.762 3.333   1.00 16.10 ? 58  GLU A CB  1 
ATOM   450  C  CG  . GLU A 1 58 ? -16.718 -17.544 3.678   1.00 38.49 ? 58  GLU A CG  1 
ATOM   451  C  CD  . GLU A 1 58 ? -16.925 -16.758 4.968   1.00 33.40 ? 58  GLU A CD  1 
ATOM   452  O  OE1 . GLU A 1 58 ? -16.754 -17.339 6.059   1.00 29.92 ? 58  GLU A OE1 1 
ATOM   453  O  OE2 . GLU A 1 58 ? -17.255 -15.557 4.887   1.00 52.05 ? 58  GLU A OE2 1 
ATOM   454  N  N   . ALA A 1 59 ? -12.857 -17.992 1.305   1.00 14.89 ? 59  ALA A N   1 
ATOM   455  C  CA  . ALA A 1 59 ? -11.961 -17.316 0.383   1.00 11.47 ? 59  ALA A CA  1 
ATOM   456  C  C   . ALA A 1 59 ? -12.032 -17.941 -0.990  1.00 16.88 ? 59  ALA A C   1 
ATOM   457  O  O   . ALA A 1 59 ? -11.854 -17.265 -2.010  1.00 23.76 ? 59  ALA A O   1 
ATOM   458  C  CB  . ALA A 1 59 ? -10.516 -17.357 0.924   1.00 10.45 ? 59  ALA A CB  1 
ATOM   459  N  N   . GLU A 1 60 ? -12.301 -19.240 -0.998  1.00 23.06 ? 60  GLU A N   1 
ATOM   460  C  CA  . GLU A 1 60 ? -12.394 -20.033 -2.214  1.00 20.70 ? 60  GLU A CA  1 
ATOM   461  C  C   . GLU A 1 60 ? -13.484 -19.546 -3.160  1.00 29.28 ? 60  GLU A C   1 
ATOM   462  O  O   . GLU A 1 60 ? -13.352 -19.676 -4.371  1.00 24.81 ? 60  GLU A O   1 
ATOM   463  C  CB  . GLU A 1 60 ? -12.644 -21.494 -1.833  1.00 39.56 ? 60  GLU A CB  1 
ATOM   464  C  CG  . GLU A 1 60 ? -12.491 -22.482 -2.960  1.00 45.70 ? 60  GLU A CG  1 
ATOM   465  C  CD  . GLU A 1 60 ? -12.554 -23.915 -2.468  1.00 60.50 ? 60  GLU A CD  1 
ATOM   466  O  OE1 . GLU A 1 60 ? -11.747 -24.269 -1.582  1.00 53.63 ? 60  GLU A OE1 1 
ATOM   467  O  OE2 . GLU A 1 60 ? -13.408 -24.684 -2.966  1.00 67.98 ? 60  GLU A OE2 1 
ATOM   468  N  N   . LYS A 1 61 ? -14.556 -18.994 -2.605  1.00 30.85 ? 61  LYS A N   1 
ATOM   469  C  CA  . LYS A 1 61 ? -15.653 -18.497 -3.422  1.00 31.23 ? 61  LYS A CA  1 
ATOM   470  C  C   . LYS A 1 61 ? -15.480 -17.049 -3.872  1.00 28.94 ? 61  LYS A C   1 
ATOM   471  O  O   . LYS A 1 61 ? -16.250 -16.574 -4.706  1.00 37.74 ? 61  LYS A O   1 
ATOM   472  C  CB  . LYS A 1 61 ? -16.970 -18.644 -2.673  1.00 32.92 ? 61  LYS A CB  1 
ATOM   473  C  CG  . LYS A 1 61 ? -17.404 -20.078 -2.472  1.00 36.85 ? 61  LYS A CG  1 
ATOM   474  C  CD  . LYS A 1 61 ? -18.783 -20.116 -1.841  1.00 39.66 ? 61  LYS A CD  1 
ATOM   475  C  CE  . LYS A 1 61 ? -19.298 -21.541 -1.719  1.00 51.31 ? 61  LYS A CE  1 
ATOM   476  N  NZ  . LYS A 1 61 ? -20.720 -21.560 -1.248  1.00 47.90 ? 61  LYS A NZ  1 
ATOM   477  N  N   . ILE A 1 62 ? -14.488 -16.347 -3.325  1.00 23.02 ? 62  ILE A N   1 
ATOM   478  C  CA  . ILE A 1 62 ? -14.235 -14.958 -3.727  1.00 18.68 ? 62  ILE A CA  1 
ATOM   479  C  C   . ILE A 1 62 ? -13.397 -15.016 -4.988  1.00 16.97 ? 62  ILE A C   1 
ATOM   480  O  O   . ILE A 1 62 ? -12.166 -15.044 -4.959  1.00 19.29 ? 62  ILE A O   1 
ATOM   481  C  CB  . ILE A 1 62 ? -13.528 -14.137 -2.591  1.00 12.77 ? 62  ILE A CB  1 
ATOM   482  C  CG1 . ILE A 1 62 ? -14.460 -14.096 -1.380  1.00 15.43 ? 62  ILE A CG1 1 
ATOM   483  C  CG2 . ILE A 1 62 ? -13.298 -12.683 -3.044  1.00 12.83 ? 62  ILE A CG2 1 
ATOM   484  C  CD1 . ILE A 1 62 ? -13.902 -13.364 -0.183  1.00 32.87 ? 62  ILE A CD1 1 
ATOM   485  N  N   . THR A 1 63 ? -14.095 -15.013 -6.117  1.00 19.89 ? 63  THR A N   1 
ATOM   486  C  CA  . THR A 1 63 ? -13.457 -15.152 -7.421  1.00 25.71 ? 63  THR A CA  1 
ATOM   487  C  C   . THR A 1 63 ? -13.149 -13.902 -8.218  1.00 19.50 ? 63  THR A C   1 
ATOM   488  O  O   . THR A 1 63 ? -12.414 -13.974 -9.209  1.00 20.05 ? 63  THR A O   1 
ATOM   489  C  CB  . THR A 1 63 ? -14.304 -16.050 -8.322  1.00 15.68 ? 63  THR A CB  1 
ATOM   490  O  OG1 . THR A 1 63 ? -15.600 -15.468 -8.473  1.00 23.94 ? 63  THR A OG1 1 
ATOM   491  C  CG2 . THR A 1 63 ? -14.448 -17.423 -7.725  1.00 18.22 ? 63  THR A CG2 1 
ATOM   492  N  N   . THR A 1 64 ? -13.707 -12.763 -7.810  1.00 20.04 ? 64  THR A N   1 
ATOM   493  C  CA  . THR A 1 64 ? -13.475 -11.526 -8.564  1.00 16.34 ? 64  THR A CA  1 
ATOM   494  C  C   . THR A 1 64 ? -12.950 -10.382 -7.701  1.00 19.87 ? 64  THR A C   1 
ATOM   495  O  O   . THR A 1 64 ? -13.122 -10.382 -6.482  1.00 15.58 ? 64  THR A O   1 
ATOM   496  C  CB  . THR A 1 64 ? -14.782 -11.035 -9.260  1.00 14.11 ? 64  THR A CB  1 
ATOM   497  O  OG1 . THR A 1 64 ? -15.846 -10.910 -8.296  1.00 16.55 ? 64  THR A OG1 1 
ATOM   498  C  CG2 . THR A 1 64 ? -15.209 -12.001 -10.334 1.00 19.17 ? 64  THR A CG2 1 
ATOM   499  N  N   . VAL A 1 65 ? -12.317 -9.404  -8.350  1.00 15.03 ? 65  VAL A N   1 
ATOM   500  C  CA  . VAL A 1 65 ? -11.793 -8.208  -7.657  1.00 14.06 ? 65  VAL A CA  1 
ATOM   501  C  C   . VAL A 1 65 ? -12.876 -7.548  -6.788  1.00 16.62 ? 65  VAL A C   1 
ATOM   502  O  O   . VAL A 1 65 ? -12.648 -7.206  -5.615  1.00 13.43 ? 65  VAL A O   1 
ATOM   503  C  CB  . VAL A 1 65 ? -11.243 -7.158  -8.706  1.00 10.36 ? 65  VAL A CB  1 
ATOM   504  C  CG1 . VAL A 1 65 ? -10.862 -5.821  -8.001  1.00 12.17 ? 65  VAL A CG1 1 
ATOM   505  C  CG2 . VAL A 1 65 ? -10.019 -7.726  -9.453  1.00 12.47 ? 65  VAL A CG2 1 
ATOM   506  N  N   . GLN A 1 66 ? -14.068 -7.390  -7.347  1.00 16.46 ? 66  GLN A N   1 
ATOM   507  C  CA  . GLN A 1 66 ? -15.153 -6.754  -6.614  1.00 16.85 ? 66  GLN A CA  1 
ATOM   508  C  C   . GLN A 1 66 ? -15.571 -7.565  -5.396  1.00 13.02 ? 66  GLN A C   1 
ATOM   509  O  O   . GLN A 1 66 ? -15.933 -6.990  -4.371  1.00 16.87 ? 66  GLN A O   1 
ATOM   510  C  CB  . GLN A 1 66 ? -16.359 -6.549  -7.536  1.00 13.12 ? 66  GLN A CB  1 
ATOM   511  C  CG  . GLN A 1 66 ? -17.517 -5.781  -6.911  1.00 15.25 ? 66  GLN A CG  1 
ATOM   512  C  CD  . GLN A 1 66 ? -17.136 -4.362  -6.546  1.00 15.85 ? 66  GLN A CD  1 
ATOM   513  O  OE1 . GLN A 1 66 ? -16.640 -3.606  -7.377  1.00 22.17 ? 66  GLN A OE1 1 
ATOM   514  N  NE2 . GLN A 1 66 ? -17.378 -3.992  -5.300  1.00 19.02 ? 66  GLN A NE2 1 
ATOM   515  N  N   . ALA A 1 67 ? -15.521 -8.891  -5.496  1.00 17.57 ? 67  ALA A N   1 
ATOM   516  C  CA  . ALA A 1 67 ? -15.896 -9.751  -4.375  1.00 18.16 ? 67  ALA A CA  1 
ATOM   517  C  C   . ALA A 1 67 ? -14.924 -9.544  -3.214  1.00 11.63 ? 67  ALA A C   1 
ATOM   518  O  O   . ALA A 1 67 ? -15.329 -9.573  -2.047  1.00 16.88 ? 67  ALA A O   1 
ATOM   519  C  CB  . ALA A 1 67 ? -15.902 -11.217 -4.809  1.00 23.15 ? 67  ALA A CB  1 
ATOM   520  N  N   . ALA A 1 68 ? -13.647 -9.326  -3.528  1.00 13.71 ? 68  ALA A N   1 
ATOM   521  C  CA  . ALA A 1 68 ? -12.650 -9.108  -2.467  1.00 10.27 ? 68  ALA A CA  1 
ATOM   522  C  C   . ALA A 1 68 ? -12.863 -7.773  -1.774  1.00 13.49 ? 68  ALA A C   1 
ATOM   523  O  O   . ALA A 1 68 ? -12.765 -7.683  -0.551  1.00 14.15 ? 68  ALA A O   1 
ATOM   524  C  CB  . ALA A 1 68 ? -11.247 -9.147  -3.044  1.00 9.10  ? 68  ALA A CB  1 
ATOM   525  N  N   . ILE A 1 69 ? -13.123 -6.736  -2.566  1.00 13.52 ? 69  ILE A N   1 
ATOM   526  C  CA  . ILE A 1 69 ? -13.357 -5.403  -2.017  1.00 12.35 ? 69  ILE A CA  1 
ATOM   527  C  C   . ILE A 1 69 ? -14.576 -5.467  -1.084  1.00 16.26 ? 69  ILE A C   1 
ATOM   528  O  O   . ILE A 1 69 ? -14.570 -4.937  0.041   1.00 16.61 ? 69  ILE A O   1 
ATOM   529  C  CB  . ILE A 1 69 ? -13.643 -4.387  -3.149  1.00 10.87 ? 69  ILE A CB  1 
ATOM   530  C  CG1 . ILE A 1 69 ? -12.434 -4.216  -4.049  1.00 12.82 ? 69  ILE A CG1 1 
ATOM   531  C  CG2 . ILE A 1 69 ? -14.015 -3.016  -2.552  1.00 13.92 ? 69  ILE A CG2 1 
ATOM   532  C  CD1 . ILE A 1 69 ? -12.746 -3.503  -5.355  1.00 11.91 ? 69  ILE A CD1 1 
ATOM   533  N  N   . ASP A 1 70 ? -15.630 -6.120  -1.537  1.00 11.11 ? 70  ASP A N   1 
ATOM   534  C  CA  . ASP A 1 70 ? -16.817 -6.241  -0.712  1.00 10.91 ? 70  ASP A CA  1 
ATOM   535  C  C   . ASP A 1 70 ? -16.584 -6.943  0.639   1.00 11.52 ? 70  ASP A C   1 
ATOM   536  O  O   . ASP A 1 70 ? -17.116 -6.486  1.656   1.00 15.75 ? 70  ASP A O   1 
ATOM   537  C  CB  . ASP A 1 70 ? -17.927 -6.982  -1.478  1.00 14.97 ? 70  ASP A CB  1 
ATOM   538  C  CG  . ASP A 1 70 ? -18.391 -6.248  -2.721  1.00 13.38 ? 70  ASP A CG  1 
ATOM   539  O  OD1 . ASP A 1 70 ? -18.324 -4.994  -2.778  1.00 17.45 ? 70  ASP A OD1 1 
ATOM   540  O  OD2 . ASP A 1 70 ? -18.848 -6.933  -3.661  1.00 30.48 ? 70  ASP A OD2 1 
ATOM   541  N  N   . TYR A 1 71 ? -15.807 -8.027  0.643   1.00 10.74 ? 71  TYR A N   1 
ATOM   542  C  CA  . TYR A 1 71 ? -15.527 -8.798  1.849   1.00 10.84 ? 71  TYR A CA  1 
ATOM   543  C  C   . TYR A 1 71 ? -14.832 -7.887  2.847   1.00 8.92  ? 71  TYR A C   1 
ATOM   544  O  O   . TYR A 1 71 ? -15.203 -7.806  4.015   1.00 15.56 ? 71  TYR A O   1 
ATOM   545  C  CB  . TYR A 1 71 ? -14.618 -10.011 1.535   1.00 13.52 ? 71  TYR A CB  1 
ATOM   546  C  CG  . TYR A 1 71 ? -14.443 -10.951 2.708   1.00 12.49 ? 71  TYR A CG  1 
ATOM   547  C  CD1 . TYR A 1 71 ? -15.314 -12.028 2.903   1.00 16.83 ? 71  TYR A CD1 1 
ATOM   548  C  CD2 . TYR A 1 71 ? -13.482 -10.690 3.698   1.00 12.66 ? 71  TYR A CD2 1 
ATOM   549  C  CE1 . TYR A 1 71 ? -15.256 -12.805 4.051   1.00 21.84 ? 71  TYR A CE1 1 
ATOM   550  C  CE2 . TYR A 1 71 ? -13.415 -11.473 4.866   1.00 18.88 ? 71  TYR A CE2 1 
ATOM   551  C  CZ  . TYR A 1 71 ? -14.312 -12.523 5.035   1.00 24.96 ? 71  TYR A CZ  1 
ATOM   552  O  OH  . TYR A 1 71 ? -14.340 -13.231 6.222   1.00 18.48 ? 71  TYR A OH  1 
ATOM   553  N  N   . ILE A 1 72 ? -13.816 -7.194  2.361   1.00 10.39 ? 72  ILE A N   1 
ATOM   554  C  CA  . ILE A 1 72 ? -13.063 -6.279  3.175   1.00 9.60  ? 72  ILE A CA  1 
ATOM   555  C  C   . ILE A 1 72 ? -13.921 -5.156  3.765   1.00 17.75 ? 72  ILE A C   1 
ATOM   556  O  O   . ILE A 1 72 ? -13.833 -4.882  4.978   1.00 15.47 ? 72  ILE A O   1 
ATOM   557  C  CB  . ILE A 1 72 ? -11.936 -5.731  2.341   1.00 10.23 ? 72  ILE A CB  1 
ATOM   558  C  CG1 . ILE A 1 72 ? -11.034 -6.917  1.955   1.00 10.62 ? 72  ILE A CG1 1 
ATOM   559  C  CG2 . ILE A 1 72 ? -11.168 -4.676  3.113   1.00 11.65 ? 72  ILE A CG2 1 
ATOM   560  C  CD1 . ILE A 1 72 ? -10.049 -6.581  0.935   1.00 12.11 ? 72  ILE A CD1 1 
ATOM   561  N  N   . ASN A 1 73 ? -14.755 -4.522  2.933   1.00 15.54 ? 73  ASN A N   1 
ATOM   562  C  CA  . ASN A 1 73 ? -15.628 -3.450  3.430   1.00 20.97 ? 73  ASN A CA  1 
ATOM   563  C  C   . ASN A 1 73 ? -16.580 -4.021  4.475   1.00 15.12 ? 73  ASN A C   1 
ATOM   564  O  O   . ASN A 1 73 ? -16.915 -3.348  5.444   1.00 17.36 ? 73  ASN A O   1 
ATOM   565  C  CB  . ASN A 1 73 ? -16.444 -2.802  2.310   1.00 21.29 ? 73  ASN A CB  1 
ATOM   566  C  CG  . ASN A 1 73 ? -15.634 -1.843  1.471   1.00 11.48 ? 73  ASN A CG  1 
ATOM   567  O  OD1 . ASN A 1 73 ? -14.691 -1.214  1.948   1.00 13.73 ? 73  ASN A OD1 1 
ATOM   568  N  ND2 . ASN A 1 73 ? -16.022 -1.700  0.222   1.00 10.42 ? 73  ASN A ND2 1 
ATOM   569  N  N   . GLY A 1 74 ? -16.997 -5.270  4.282   1.00 11.57 ? 74  GLY A N   1 
ATOM   570  C  CA  . GLY A 1 74 ? -17.861 -5.919  5.258   1.00 17.59 ? 74  GLY A CA  1 
ATOM   571  C  C   . GLY A 1 74 ? -17.188 -6.471  6.527   1.00 15.83 ? 74  GLY A C   1 
ATOM   572  O  O   . GLY A 1 74 ? -17.862 -6.649  7.526   1.00 21.52 ? 74  GLY A O   1 
ATOM   573  N  N   . HIS A 1 75 ? -15.872 -6.733  6.531   1.00 12.44 ? 75  HIS A N   1 
ATOM   574  C  CA  . HIS A 1 75 ? -15.262 -7.285  7.723   1.00 10.76 ? 75  HIS A CA  1 
ATOM   575  C  C   . HIS A 1 75 ? -14.138 -6.528  8.452   1.00 14.20 ? 75  HIS A C   1 
ATOM   576  O  O   . HIS A 1 75 ? -13.850 -6.837  9.619   1.00 22.07 ? 75  HIS A O   1 
ATOM   577  C  CB  . HIS A 1 75 ? -14.780 -8.705  7.428   1.00 23.84 ? 75  HIS A CB  1 
ATOM   578  C  CG  . HIS A 1 75 ? -15.849 -9.599  6.883   1.00 15.70 ? 75  HIS A CG  1 
ATOM   579  N  ND1 . HIS A 1 75 ? -16.317 -9.494  5.589   1.00 18.16 ? 75  HIS A ND1 1 
ATOM   580  C  CD2 . HIS A 1 75 ? -16.555 -10.601 7.457   1.00 21.70 ? 75  HIS A CD2 1 
ATOM   581  C  CE1 . HIS A 1 75 ? -17.262 -10.392 5.390   1.00 22.02 ? 75  HIS A CE1 1 
ATOM   582  N  NE2 . HIS A 1 75 ? -17.427 -11.074 6.508   1.00 20.28 ? 75  HIS A NE2 1 
ATOM   583  N  N   . GLN A 1 76 ? -13.491 -5.554  7.809   1.00 12.05 ? 76  GLN A N   1 
ATOM   584  C  CA  . GLN A 1 76 ? -12.414 -4.875  8.530   1.00 18.09 ? 76  GLN A CA  1 
ATOM   585  C  C   . GLN A 1 76 ? -12.950 -4.100  9.701   1.00 21.88 ? 76  GLN A C   1 
ATOM   586  O  O   . GLN A 1 76 ? -14.056 -3.528  9.607   1.00 13.11 ? 76  GLN A O   1 
ATOM   587  C  CB  . GLN A 1 76 ? -11.642 -3.906  7.639   1.00 15.33 ? 76  GLN A CB  1 
ATOM   588  C  CG  . GLN A 1 76 ? -10.407 -3.355  8.353   1.00 17.87 ? 76  GLN A CG  1 
ATOM   589  C  CD  . GLN A 1 76 ? -9.623  -2.289  7.577   1.00 20.42 ? 76  GLN A CD  1 
ATOM   590  O  OE1 . GLN A 1 76 ? -8.425  -2.092  7.842   1.00 12.63 ? 76  GLN A OE1 1 
ATOM   591  N  NE2 . GLN A 1 76 ? -10.285 -1.579  6.649   1.00 16.14 ? 76  GLN A NE2 1 
ATOM   592  N  N   . ALA A 1 77 ? -12.169 -4.083  10.794  1.00 13.66 ? 77  ALA A N   1 
ATOM   593  C  CA  . ALA A 1 77 ? -12.511 -3.332  12.019  1.00 19.83 ? 77  ALA A CA  1 
ATOM   594  C  C   . ALA A 1 77 ? -11.351 -2.508  12.582  1.00 24.95 ? 77  ALA A C   1 
ATOM   595  O  O   . ALA A 1 77 ? -11.614 -1.833  13.626  1.00 7.69  ? 77  ALA A O   1 
ATOM   596  C  CB  . ALA A 1 77 ? -13.039 -4.280  13.117  1.00 13.45 ? 77  ALA A CB  1 
ATOM   597  O  OXT . ALA A 1 77 ? -10.235 -2.535  11.992  1.00 14.59 ? 77  ALA A OXT 1 
ATOM   598  N  N   . SER B 1 1  ? -2.869  -3.173  8.917   1.00 16.15 ? 1   SER B N   1 
ATOM   599  C  CA  . SER B 1 1  ? -1.486  -2.696  9.175   1.00 11.33 ? 1   SER B CA  1 
ATOM   600  C  C   . SER B 1 1  ? -1.525  -1.315  9.845   1.00 16.63 ? 1   SER B C   1 
ATOM   601  O  O   . SER B 1 1  ? -2.534  -0.597  9.771   1.00 23.92 ? 1   SER B O   1 
ATOM   602  C  CB  . SER B 1 1  ? -0.698  -2.629  7.851   1.00 19.87 ? 1   SER B CB  1 
ATOM   603  O  OG  . SER B 1 1  ? -1.234  -1.667  6.969   1.00 25.18 ? 1   SER B OG  1 
ATOM   604  N  N   . THR B 1 2  ? -0.436  -0.946  10.510  1.00 10.57 ? 2   THR B N   1 
ATOM   605  C  CA  . THR B 1 2  ? -0.374  0.326   11.207  1.00 17.51 ? 2   THR B CA  1 
ATOM   606  C  C   . THR B 1 2  ? 0.050   1.431   10.264  1.00 15.27 ? 2   THR B C   1 
ATOM   607  O  O   . THR B 1 2  ? 0.493   1.158   9.150   1.00 19.73 ? 2   THR B O   1 
ATOM   608  C  CB  . THR B 1 2  ? 0.630   0.295   12.360  1.00 11.74 ? 2   THR B CB  1 
ATOM   609  O  OG1 . THR B 1 2  ? 1.957   0.161   11.821  1.00 12.99 ? 2   THR B OG1 1 
ATOM   610  C  CG2 . THR B 1 2  ? 0.338   -0.896  13.297  1.00 19.58 ? 2   THR B CG2 1 
ATOM   611  N  N   . ILE B 1 3  ? -0.083  2.672   10.719  1.00 12.40 ? 3   ILE B N   1 
ATOM   612  C  CA  . ILE B 1 3  ? 0.310   3.818   9.889   1.00 13.39 ? 3   ILE B CA  1 
ATOM   613  C  C   . ILE B 1 3  ? 1.811   3.711   9.571   1.00 17.62 ? 3   ILE B C   1 
ATOM   614  O  O   . ILE B 1 3  ? 2.211   3.926   8.432   1.00 12.53 ? 3   ILE B O   1 
ATOM   615  C  CB  . ILE B 1 3  ? -0.021  5.160   10.606  1.00 12.15 ? 3   ILE B CB  1 
ATOM   616  C  CG1 . ILE B 1 3  ? -1.543  5.363   10.657  1.00 13.21 ? 3   ILE B CG1 1 
ATOM   617  C  CG2 . ILE B 1 3  ? 0.621   6.327   9.898   1.00 13.06 ? 3   ILE B CG2 1 
ATOM   618  C  CD1 . ILE B 1 3  ? -2.214  5.412   9.301   1.00 24.39 ? 3   ILE B CD1 1 
ATOM   619  N  N   . GLU B 1 4  ? 2.615   3.325   10.575  1.00 15.38 ? 4   GLU B N   1 
ATOM   620  C  CA  . GLU B 1 4  ? 4.068   3.161   10.432  1.00 11.51 ? 4   GLU B CA  1 
ATOM   621  C  C   . GLU B 1 4  ? 4.387   2.172   9.324   1.00 15.29 ? 4   GLU B C   1 
ATOM   622  O  O   . GLU B 1 4  ? 5.264   2.416   8.499   1.00 12.47 ? 4   GLU B O   1 
ATOM   623  C  CB  . GLU B 1 4  ? 4.668   2.660   11.756  1.00 18.82 ? 4   GLU B CB  1 
ATOM   624  C  CG  . GLU B 1 4  ? 6.107   2.211   11.656  1.00 19.36 ? 4   GLU B CG  1 
ATOM   625  C  CD  . GLU B 1 4  ? 6.691   1.752   12.984  1.00 27.03 ? 4   GLU B CD  1 
ATOM   626  O  OE1 . GLU B 1 4  ? 7.629   2.418   13.483  1.00 19.86 ? 4   GLU B OE1 1 
ATOM   627  O  OE2 . GLU B 1 4  ? 6.223   0.726   13.523  1.00 22.58 ? 4   GLU B OE2 1 
ATOM   628  N  N   . GLU B 1 5  ? 3.684   1.044   9.302   1.00 10.41 ? 5   GLU B N   1 
ATOM   629  C  CA  . GLU B 1 5  ? 3.915   0.036   8.276   1.00 16.25 ? 5   GLU B CA  1 
ATOM   630  C  C   . GLU B 1 5  ? 3.562   0.558   6.893   1.00 15.14 ? 5   GLU B C   1 
ATOM   631  O  O   . GLU B 1 5  ? 4.302   0.340   5.937   1.00 14.49 ? 5   GLU B O   1 
ATOM   632  C  CB  . GLU B 1 5  ? 3.112   -1.227  8.577   1.00 15.01 ? 5   GLU B CB  1 
ATOM   633  C  CG  . GLU B 1 5  ? 3.633   -1.988  9.786   1.00 12.37 ? 5   GLU B CG  1 
ATOM   634  C  CD  . GLU B 1 5  ? 2.765   -3.172  10.111  1.00 18.40 ? 5   GLU B CD  1 
ATOM   635  O  OE1 . GLU B 1 5  ? 1.575   -2.928  10.379  1.00 21.49 ? 5   GLU B OE1 1 
ATOM   636  O  OE2 . GLU B 1 5  ? 3.261   -4.325  10.074  1.00 19.08 ? 5   GLU B OE2 1 
ATOM   637  N  N   . ARG B 1 6  ? 2.444   1.275   6.795   1.00 11.99 ? 6   ARG B N   1 
ATOM   638  C  CA  . ARG B 1 6  ? 2.006   1.825   5.520   1.00 18.02 ? 6   ARG B CA  1 
ATOM   639  C  C   . ARG B 1 6  ? 2.946   2.883   4.946   1.00 7.64  ? 6   ARG B C   1 
ATOM   640  O  O   . ARG B 1 6  ? 3.231   2.858   3.765   1.00 7.14  ? 6   ARG B O   1 
ATOM   641  C  CB  . ARG B 1 6  ? 0.584   2.385   5.668   1.00 19.98 ? 6   ARG B CB  1 
ATOM   642  C  CG  . ARG B 1 6  ? -0.433  1.266   5.884   1.00 17.01 ? 6   ARG B CG  1 
ATOM   643  C  CD  . ARG B 1 6  ? -1.828  1.803   6.222   1.00 15.66 ? 6   ARG B CD  1 
ATOM   644  N  NE  . ARG B 1 6  ? -2.364  2.588   5.125   1.00 16.70 ? 6   ARG B NE  1 
ATOM   645  C  CZ  . ARG B 1 6  ? -3.487  3.296   5.199   1.00 13.33 ? 6   ARG B CZ  1 
ATOM   646  N  NH1 . ARG B 1 6  ? -4.175  3.315   6.327   1.00 12.59 ? 6   ARG B NH1 1 
ATOM   647  N  NH2 . ARG B 1 6  ? -3.921  3.979   4.151   1.00 16.14 ? 6   ARG B NH2 1 
ATOM   648  N  N   . VAL B 1 7  ? 3.380   3.811   5.786   1.00 9.03  ? 7   VAL B N   1 
ATOM   649  C  CA  . VAL B 1 7  ? 4.271   4.882   5.379   1.00 7.22  ? 7   VAL B CA  1 
ATOM   650  C  C   . VAL B 1 7  ? 5.616   4.259   4.976   1.00 9.85  ? 7   VAL B C   1 
ATOM   651  O  O   . VAL B 1 7  ? 6.174   4.619   3.959   1.00 8.46  ? 7   VAL B O   1 
ATOM   652  C  CB  . VAL B 1 7  ? 4.517   5.902   6.536   1.00 13.08 ? 7   VAL B CB  1 
ATOM   653  C  CG1 . VAL B 1 7  ? 5.631   6.895   6.145   1.00 9.68  ? 7   VAL B CG1 1 
ATOM   654  C  CG2 . VAL B 1 7  ? 3.231   6.679   6.842   1.00 13.62 ? 7   VAL B CG2 1 
ATOM   655  N  N   . LYS B 1 8  ? 6.131   3.323   5.770   1.00 10.70 ? 8   LYS B N   1 
ATOM   656  C  CA  . LYS B 1 8  ? 7.408   2.700   5.398   1.00 10.59 ? 8   LYS B CA  1 
ATOM   657  C  C   . LYS B 1 8  ? 7.358   1.948   4.072   1.00 13.66 ? 8   LYS B C   1 
ATOM   658  O  O   . LYS B 1 8  ? 8.372   1.882   3.349   1.00 9.08  ? 8   LYS B O   1 
ATOM   659  C  CB  . LYS B 1 8  ? 7.898   1.742   6.488   1.00 11.42 ? 8   LYS B CB  1 
ATOM   660  C  CG  . LYS B 1 8  ? 8.498   2.437   7.677   1.00 8.36  ? 8   LYS B CG  1 
ATOM   661  C  CD  . LYS B 1 8  ? 8.942   1.431   8.707   1.00 6.57  ? 8   LYS B CD  1 
ATOM   662  C  CE  . LYS B 1 8  ? 9.715   2.109   9.822   1.00 16.37 ? 8   LYS B CE  1 
ATOM   663  N  NZ  . LYS B 1 8  ? 10.544  1.128   10.561  1.00 16.00 ? 8   LYS B NZ  1 
ATOM   664  N  N   . LYS B 1 9  ? 6.204   1.375   3.746   1.00 15.73 ? 9   LYS B N   1 
ATOM   665  C  CA  . LYS B 1 9  ? 6.080   0.623   2.507   1.00 12.42 ? 9   LYS B CA  1 
ATOM   666  C  C   . LYS B 1 9  ? 6.100   1.563   1.310   1.00 16.50 ? 9   LYS B C   1 
ATOM   667  O  O   . LYS B 1 9  ? 6.704   1.265   0.267   1.00 10.63 ? 9   LYS B O   1 
ATOM   668  C  CB  . LYS B 1 9  ? 4.796   -0.213  2.465   1.00 16.17 ? 9   LYS B CB  1 
ATOM   669  C  CG  . LYS B 1 9  ? 4.797   -1.201  1.269   1.00 15.91 ? 9   LYS B CG  1 
ATOM   670  C  CD  . LYS B 1 9  ? 3.490   -1.939  1.116   1.00 29.94 ? 9   LYS B CD  1 
ATOM   671  C  CE  . LYS B 1 9  ? 3.222   -2.837  2.304   1.00 42.23 ? 9   LYS B CE  1 
ATOM   672  N  NZ  . LYS B 1 9  ? 1.932   -3.559  2.135   1.00 54.73 ? 9   LYS B NZ  1 
ATOM   673  N  N   . ILE B 1 10 ? 5.429   2.700   1.459   1.00 12.54 ? 10  ILE B N   1 
ATOM   674  C  CA  . ILE B 1 10 ? 5.401   3.680   0.391   1.00 13.19 ? 10  ILE B CA  1 
ATOM   675  C  C   . ILE B 1 10 ? 6.796   4.268   0.190   1.00 9.51  ? 10  ILE B C   1 
ATOM   676  O  O   . ILE B 1 10 ? 7.218   4.495   -0.959  1.00 15.68 ? 10  ILE B O   1 
ATOM   677  C  CB  . ILE B 1 10 ? 4.406   4.827   0.696   1.00 15.88 ? 10  ILE B CB  1 
ATOM   678  C  CG1 . ILE B 1 10 ? 2.971   4.314   0.552   1.00 17.55 ? 10  ILE B CG1 1 
ATOM   679  C  CG2 . ILE B 1 10 ? 4.666   6.003   -0.212  1.00 12.63 ? 10  ILE B CG2 1 
ATOM   680  C  CD1 . ILE B 1 10 ? 1.938   5.332   0.895   1.00 20.38 ? 10  ILE B CD1 1 
ATOM   681  N  N   . ILE B 1 11 ? 7.502   4.532   1.294   1.00 13.94 ? 11  ILE B N   1 
ATOM   682  C  CA  . ILE B 1 11 ? 8.850   5.091   1.214   1.00 8.67  ? 11  ILE B CA  1 
ATOM   683  C  C   . ILE B 1 11 ? 9.778   4.152   0.461   1.00 13.31 ? 11  ILE B C   1 
ATOM   684  O  O   . ILE B 1 11 ? 10.558  4.596   -0.403  1.00 10.24 ? 11  ILE B O   1 
ATOM   685  C  CB  . ILE B 1 11 ? 9.455   5.380   2.621   1.00 12.03 ? 11  ILE B CB  1 
ATOM   686  C  CG1 . ILE B 1 11 ? 8.771   6.587   3.266   1.00 12.10 ? 11  ILE B CG1 1 
ATOM   687  C  CG2 . ILE B 1 11 ? 10.957  5.671   2.496   1.00 16.47 ? 11  ILE B CG2 1 
ATOM   688  C  CD1 . ILE B 1 11 ? 9.100   6.723   4.753   1.00 9.97  ? 11  ILE B CD1 1 
ATOM   689  N  N   . GLY B 1 12 ? 9.694   2.852   0.755   1.00 11.09 ? 12  GLY B N   1 
ATOM   690  C  CA  . GLY B 1 12 ? 10.588  1.923   0.074   1.00 13.21 ? 12  GLY B CA  1 
ATOM   691  C  C   . GLY B 1 12 ? 10.249  1.770   -1.399  1.00 13.50 ? 12  GLY B C   1 
ATOM   692  O  O   . GLY B 1 12 ? 11.130  1.610   -2.251  1.00 12.42 ? 12  GLY B O   1 
ATOM   693  N  N   . GLU B 1 13 ? 8.966   1.816   -1.727  1.00 10.98 ? 13  GLU B N   1 
ATOM   694  C  CA  . GLU B 1 13 ? 8.578   1.650   -3.134  1.00 12.51 ? 13  GLU B CA  1 
ATOM   695  C  C   . GLU B 1 13 ? 9.004   2.878   -3.927  1.00 8.21  ? 13  GLU B C   1 
ATOM   696  O  O   . GLU B 1 13 ? 9.557   2.766   -5.013  1.00 12.32 ? 13  GLU B O   1 
ATOM   697  C  CB  . GLU B 1 13 ? 7.058   1.478   -3.259  1.00 16.34 ? 13  GLU B CB  1 
ATOM   698  C  CG  . GLU B 1 13 ? 6.472   0.277   -2.531  1.00 37.54 ? 13  GLU B CG  1 
ATOM   699  C  CD  . GLU B 1 13 ? 4.943   0.237   -2.602  1.00 50.69 ? 13  GLU B CD  1 
ATOM   700  O  OE1 . GLU B 1 13 ? 4.298   1.195   -2.110  1.00 34.65 ? 13  GLU B OE1 1 
ATOM   701  O  OE2 . GLU B 1 13 ? 4.391   -0.750  -3.147  1.00 53.76 ? 13  GLU B OE2 1 
ATOM   702  N  N   . GLN B 1 14 ? 8.766   4.057   -3.361  1.00 9.09  ? 14  GLN B N   1 
ATOM   703  C  CA  . GLN B 1 14 ? 9.093   5.291   -4.051  1.00 11.89 ? 14  GLN B CA  1 
ATOM   704  C  C   . GLN B 1 14 ? 10.609  5.461   -4.303  1.00 13.16 ? 14  GLN B C   1 
ATOM   705  O  O   . GLN B 1 14 ? 10.998  5.813   -5.420  1.00 15.86 ? 14  GLN B O   1 
ATOM   706  C  CB  . GLN B 1 14 ? 8.526   6.489   -3.271  1.00 13.09 ? 14  GLN B CB  1 
ATOM   707  C  CG  . GLN B 1 14 ? 7.020   6.654   -3.404  1.00 13.26 ? 14  GLN B CG  1 
ATOM   708  C  CD  . GLN B 1 14 ? 6.586   7.027   -4.828  1.00 20.72 ? 14  GLN B CD  1 
ATOM   709  O  OE1 . GLN B 1 14 ? 7.160   7.919   -5.448  1.00 21.29 ? 14  GLN B OE1 1 
ATOM   710  N  NE2 . GLN B 1 14 ? 5.560   6.350   -5.338  1.00 14.40 ? 14  GLN B NE2 1 
ATOM   711  N  N   . LEU B 1 15 ? 11.440  5.206   -3.290  1.00 10.17 ? 15  LEU B N   1 
ATOM   712  C  CA  . LEU B 1 15 ? 12.898  5.366   -3.404  1.00 12.24 ? 15  LEU B CA  1 
ATOM   713  C  C   . LEU B 1 15 ? 13.665  4.123   -3.871  1.00 16.60 ? 15  LEU B C   1 
ATOM   714  O  O   . LEU B 1 15 ? 14.885  4.179   -4.081  1.00 16.41 ? 15  LEU B O   1 
ATOM   715  C  CB  . LEU B 1 15 ? 13.492  5.838   -2.064  1.00 9.01  ? 15  LEU B CB  1 
ATOM   716  C  CG  . LEU B 1 15 ? 12.693  6.968   -1.412  1.00 10.96 ? 15  LEU B CG  1 
ATOM   717  C  CD1 . LEU B 1 15 ? 13.395  7.554   -0.229  1.00 14.22 ? 15  LEU B CD1 1 
ATOM   718  C  CD2 . LEU B 1 15 ? 12.495  8.067   -2.476  1.00 17.40 ? 15  LEU B CD2 1 
ATOM   719  N  N   . GLY B 1 16 ? 12.967  3.006   -4.033  1.00 8.08  ? 16  GLY B N   1 
ATOM   720  C  CA  . GLY B 1 16 ? 13.645  1.781   -4.456  1.00 18.60 ? 16  GLY B CA  1 
ATOM   721  C  C   . GLY B 1 16 ? 14.619  1.216   -3.422  1.00 19.13 ? 16  GLY B C   1 
ATOM   722  O  O   . GLY B 1 16 ? 15.702  0.751   -3.787  1.00 20.69 ? 16  GLY B O   1 
ATOM   723  N  N   . VAL B 1 17 ? 14.239  1.244   -2.139  1.00 14.05 ? 17  VAL B N   1 
ATOM   724  C  CA  . VAL B 1 17 ? 15.083  0.723   -1.058  1.00 14.26 ? 17  VAL B CA  1 
ATOM   725  C  C   . VAL B 1 17 ? 14.356  -0.404  -0.309  1.00 16.32 ? 17  VAL B C   1 
ATOM   726  O  O   . VAL B 1 17 ? 13.122  -0.347  -0.114  1.00 13.04 ? 17  VAL B O   1 
ATOM   727  C  CB  . VAL B 1 17 ? 15.468  1.864   -0.061  1.00 9.96  ? 17  VAL B CB  1 
ATOM   728  C  CG1 . VAL B 1 17 ? 16.024  3.037   -0.844  1.00 15.38 ? 17  VAL B CG1 1 
ATOM   729  C  CG2 . VAL B 1 17 ? 14.250  2.308   0.727   1.00 24.47 ? 17  VAL B CG2 1 
ATOM   730  N  N   . LYS B 1 18 ? 15.094  -1.442  0.081   1.00 13.07 ? 18  LYS B N   1 
ATOM   731  C  CA  . LYS B 1 18 ? 14.477  -2.559  0.804   1.00 14.23 ? 18  LYS B CA  1 
ATOM   732  C  C   . LYS B 1 18 ? 13.995  -2.150  2.200   1.00 15.69 ? 18  LYS B C   1 
ATOM   733  O  O   . LYS B 1 18 ? 14.541  -1.236  2.825   1.00 17.45 ? 18  LYS B O   1 
ATOM   734  C  CB  . LYS B 1 18 ? 15.437  -3.763  0.886   1.00 16.88 ? 18  LYS B CB  1 
ATOM   735  C  CG  . LYS B 1 18 ? 16.789  -3.470  1.446   1.00 16.75 ? 18  LYS B CG  1 
ATOM   736  C  CD  . LYS B 1 18 ? 17.775  -4.582  1.029   1.00 25.00 ? 18  LYS B CD  1 
ATOM   737  C  CE  . LYS B 1 18 ? 19.207  -4.211  1.361   1.00 27.15 ? 18  LYS B CE  1 
ATOM   738  N  NZ  . LYS B 1 18 ? 20.137  -5.143  0.639   1.00 27.61 ? 18  LYS B NZ  1 
ATOM   739  N  N   . GLN B 1 19 ? 12.970  -2.840  2.689   1.00 15.60 ? 19  GLN B N   1 
ATOM   740  C  CA  . GLN B 1 19 ? 12.374  -2.498  3.978   1.00 17.27 ? 19  GLN B CA  1 
ATOM   741  C  C   . GLN B 1 19 ? 13.282  -2.424  5.183   1.00 17.49 ? 19  GLN B C   1 
ATOM   742  O  O   . GLN B 1 19 ? 13.122  -1.530  6.000   1.00 17.90 ? 19  GLN B O   1 
ATOM   743  C  CB  . GLN B 1 19 ? 11.188  -3.408  4.283   1.00 27.43 ? 19  GLN B CB  1 
ATOM   744  C  CG  . GLN B 1 19 ? 9.938   -3.088  3.448   1.00 27.56 ? 19  GLN B CG  1 
ATOM   745  C  CD  . GLN B 1 19 ? 9.300   -1.734  3.781   1.00 35.95 ? 19  GLN B CD  1 
ATOM   746  O  OE1 . GLN B 1 19 ? 9.704   -0.668  3.274   1.00 23.01 ? 19  GLN B OE1 1 
ATOM   747  N  NE2 . GLN B 1 19 ? 8.292   -1.773  4.640   1.00 36.79 ? 19  GLN B NE2 1 
ATOM   748  N  N   . GLU B 1 20 ? 14.228  -3.350  5.305   1.00 18.63 ? 20  GLU B N   1 
ATOM   749  C  CA  . GLU B 1 20 ? 15.154  -3.308  6.422   1.00 22.68 ? 20  GLU B CA  1 
ATOM   750  C  C   . GLU B 1 20 ? 15.932  -1.970  6.504   1.00 14.70 ? 20  GLU B C   1 
ATOM   751  O  O   . GLU B 1 20 ? 16.296  -1.537  7.594   1.00 16.13 ? 20  GLU B O   1 
ATOM   752  C  CB  . GLU B 1 20 ? 16.115  -4.511  6.352   1.00 28.77 ? 20  GLU B CB  1 
ATOM   753  C  CG  . GLU B 1 20 ? 16.688  -4.776  4.969   1.00 33.47 ? 20  GLU B CG  1 
ATOM   754  C  CD  . GLU B 1 20 ? 15.907  -5.813  4.157   1.00 32.60 ? 20  GLU B CD  1 
ATOM   755  O  OE1 . GLU B 1 20 ? 14.680  -5.676  3.959   1.00 26.24 ? 20  GLU B OE1 1 
ATOM   756  O  OE2 . GLU B 1 20 ? 16.551  -6.781  3.696   1.00 44.19 ? 20  GLU B OE2 1 
ATOM   757  N  N   . GLU B 1 21 ? 16.175  -1.294  5.374   1.00 20.59 ? 21  GLU B N   1 
ATOM   758  C  CA  . GLU B 1 21 ? 16.891  -0.003  5.409   1.00 11.05 ? 21  GLU B CA  1 
ATOM   759  C  C   . GLU B 1 21 ? 16.017  1.215   5.767   1.00 17.14 ? 21  GLU B C   1 
ATOM   760  O  O   . GLU B 1 21 ? 16.532  2.290   6.118   1.00 14.36 ? 21  GLU B O   1 
ATOM   761  C  CB  . GLU B 1 21 ? 17.582  0.257   4.065   1.00 17.35 ? 21  GLU B CB  1 
ATOM   762  C  CG  . GLU B 1 21 ? 18.669  -0.752  3.751   1.00 20.81 ? 21  GLU B CG  1 
ATOM   763  C  CD  . GLU B 1 21 ? 19.364  -0.470  2.417   1.00 30.67 ? 21  GLU B CD  1 
ATOM   764  O  OE1 . GLU B 1 21 ? 18.676  -0.064  1.447   1.00 14.50 ? 21  GLU B OE1 1 
ATOM   765  O  OE2 . GLU B 1 21 ? 20.600  -0.661  2.339   1.00 39.89 ? 21  GLU B OE2 1 
ATOM   766  N  N   . VAL B 1 22 ? 14.696  1.061   5.676   1.00 14.62 ? 22  VAL B N   1 
ATOM   767  C  CA  . VAL B 1 22 ? 13.790  2.159   6.018   1.00 13.82 ? 22  VAL B CA  1 
ATOM   768  C  C   . VAL B 1 22 ? 13.548  2.180   7.533   1.00 14.03 ? 22  VAL B C   1 
ATOM   769  O  O   . VAL B 1 22 ? 12.433  1.906   8.030   1.00 15.41 ? 22  VAL B O   1 
ATOM   770  C  CB  . VAL B 1 22 ? 12.437  2.034   5.292   1.00 6.83  ? 22  VAL B CB  1 
ATOM   771  C  CG1 . VAL B 1 22 ? 11.625  3.326   5.500   1.00 13.80 ? 22  VAL B CG1 1 
ATOM   772  C  CG2 . VAL B 1 22 ? 12.656  1.784   3.790   1.00 17.34 ? 22  VAL B CG2 1 
ATOM   773  N  N   . THR B 1 23 ? 14.600  2.493   8.276   1.00 16.47 ? 23  THR B N   1 
ATOM   774  C  CA  . THR B 1 23 ? 14.479  2.562   9.725   1.00 20.08 ? 23  THR B CA  1 
ATOM   775  C  C   . THR B 1 23 ? 13.831  3.898   10.080  1.00 19.92 ? 23  THR B C   1 
ATOM   776  O  O   . THR B 1 23 ? 13.751  4.796   9.244   1.00 16.85 ? 23  THR B O   1 
ATOM   777  C  CB  . THR B 1 23 ? 15.859  2.425   10.421  1.00 18.13 ? 23  THR B CB  1 
ATOM   778  O  OG1 . THR B 1 23 ? 16.767  3.407   9.913   1.00 25.72 ? 23  THR B OG1 1 
ATOM   779  C  CG2 . THR B 1 23 ? 16.446  1.030   10.156  1.00 22.40 ? 23  THR B CG2 1 
ATOM   780  N  N   . ASN B 1 24 ? 13.368  4.031   11.317  1.00 19.58 ? 24  ASN B N   1 
ATOM   781  C  CA  . ASN B 1 24 ? 12.713  5.253   11.754  1.00 16.96 ? 24  ASN B CA  1 
ATOM   782  C  C   . ASN B 1 24 ? 13.635  6.473   11.828  1.00 16.49 ? 24  ASN B C   1 
ATOM   783  O  O   . ASN B 1 24 ? 13.156  7.613   11.725  1.00 18.63 ? 24  ASN B O   1 
ATOM   784  C  CB  . ASN B 1 24 ? 12.049  5.029   13.124  1.00 20.19 ? 24  ASN B CB  1 
ATOM   785  C  CG  . ASN B 1 24 ? 10.997  3.933   13.088  1.00 13.60 ? 24  ASN B CG  1 
ATOM   786  O  OD1 . ASN B 1 24 ? 11.310  2.763   12.877  1.00 22.64 ? 24  ASN B OD1 1 
ATOM   787  N  ND2 . ASN B 1 24 ? 9.752   4.306   13.269  1.00 17.73 ? 24  ASN B ND2 1 
ATOM   788  N  N   . ASN B 1 25 ? 14.936  6.243   12.000  1.00 15.03 ? 25  ASN B N   1 
ATOM   789  C  CA  . ASN B 1 25 ? 15.909  7.330   12.116  1.00 18.77 ? 25  ASN B CA  1 
ATOM   790  C  C   . ASN B 1 25 ? 16.545  7.736   10.785  1.00 23.82 ? 25  ASN B C   1 
ATOM   791  O  O   . ASN B 1 25 ? 17.296  8.719   10.719  1.00 17.57 ? 25  ASN B O   1 
ATOM   792  C  CB  . ASN B 1 25 ? 17.021  6.934   13.100  1.00 26.26 ? 25  ASN B CB  1 
ATOM   793  C  CG  . ASN B 1 25 ? 17.585  5.534   12.832  1.00 36.86 ? 25  ASN B CG  1 
ATOM   794  O  OD1 . ASN B 1 25 ? 18.377  5.325   11.908  1.00 39.02 ? 25  ASN B OD1 1 
ATOM   795  N  ND2 . ASN B 1 25 ? 17.165  4.569   13.642  1.00 48.64 ? 25  ASN B ND2 1 
ATOM   796  N  N   . ALA B 1 26 ? 16.224  6.995   9.729   1.00 17.13 ? 26  ALA B N   1 
ATOM   797  C  CA  . ALA B 1 26 ? 16.800  7.258   8.419   1.00 13.98 ? 26  ALA B CA  1 
ATOM   798  C  C   . ALA B 1 26 ? 16.407  8.590   7.779   1.00 11.86 ? 26  ALA B C   1 
ATOM   799  O  O   . ALA B 1 26 ? 15.260  9.028   7.839   1.00 18.60 ? 26  ALA B O   1 
ATOM   800  C  CB  . ALA B 1 26 ? 16.473  6.101   7.457   1.00 13.61 ? 26  ALA B CB  1 
ATOM   801  N  N   . SER B 1 27 ? 17.395  9.211   7.152   1.00 15.56 ? 27  SER B N   1 
ATOM   802  C  CA  . SER B 1 27 ? 17.218  10.467  6.458   1.00 15.26 ? 27  SER B CA  1 
ATOM   803  C  C   . SER B 1 27 ? 16.914  10.109  5.013   1.00 17.02 ? 27  SER B C   1 
ATOM   804  O  O   . SER B 1 27 ? 17.574  9.241   4.446   1.00 20.12 ? 27  SER B O   1 
ATOM   805  C  CB  . SER B 1 27 ? 18.503  11.280  6.507   1.00 20.90 ? 27  SER B CB  1 
ATOM   806  O  OG  . SER B 1 27 ? 18.376  12.440  5.723   1.00 30.49 ? 27  SER B OG  1 
ATOM   807  N  N   . PHE B 1 28 ? 15.930  10.765  4.415   1.00 11.28 ? 28  PHE B N   1 
ATOM   808  C  CA  . PHE B 1 28 ? 15.608  10.447  3.016   1.00 16.01 ? 28  PHE B CA  1 
ATOM   809  C  C   . PHE B 1 28 ? 16.769  10.700  2.046   1.00 11.09 ? 28  PHE B C   1 
ATOM   810  O  O   . PHE B 1 28 ? 17.064  9.851   1.199   1.00 12.64 ? 28  PHE B O   1 
ATOM   811  C  CB  . PHE B 1 28 ? 14.375  11.227  2.538   1.00 12.63 ? 28  PHE B CB  1 
ATOM   812  C  CG  . PHE B 1 28 ? 13.128  10.973  3.358   1.00 12.12 ? 28  PHE B CG  1 
ATOM   813  C  CD1 . PHE B 1 28 ? 12.603  11.988  4.177   1.00 19.00 ? 28  PHE B CD1 1 
ATOM   814  C  CD2 . PHE B 1 28 ? 12.481  9.724   3.317   1.00 13.07 ? 28  PHE B CD2 1 
ATOM   815  C  CE1 . PHE B 1 28 ? 11.463  11.772  4.946   1.00 20.96 ? 28  PHE B CE1 1 
ATOM   816  C  CE2 . PHE B 1 28 ? 11.338  9.498   4.084   1.00 9.51  ? 28  PHE B CE2 1 
ATOM   817  C  CZ  . PHE B 1 28 ? 10.823  10.535  4.902   1.00 12.04 ? 28  PHE B CZ  1 
ATOM   818  N  N   . VAL B 1 29 ? 17.406  11.871  2.151   1.00 15.94 ? 29  VAL B N   1 
ATOM   819  C  CA  . VAL B 1 29 ? 18.516  12.244  1.261   1.00 15.16 ? 29  VAL B CA  1 
ATOM   820  C  C   . VAL B 1 29 ? 19.836  11.542  1.591   1.00 12.24 ? 29  VAL B C   1 
ATOM   821  O  O   . VAL B 1 29 ? 20.447  10.871  0.747   1.00 17.34 ? 29  VAL B O   1 
ATOM   822  C  CB  . VAL B 1 29 ? 18.780  13.771  1.322   1.00 16.36 ? 29  VAL B CB  1 
ATOM   823  C  CG1 . VAL B 1 29 ? 20.012  14.139  0.472   1.00 19.24 ? 29  VAL B CG1 1 
ATOM   824  C  CG2 . VAL B 1 29 ? 17.582  14.521  0.810   1.00 26.92 ? 29  VAL B CG2 1 
ATOM   825  N  N   . GLU B 1 30 ? 20.245  11.697  2.847   1.00 17.06 ? 30  GLU B N   1 
ATOM   826  C  CA  . GLU B 1 30 ? 21.509  11.163  3.337   1.00 16.68 ? 30  GLU B CA  1 
ATOM   827  C  C   . GLU B 1 30 ? 21.619  9.636   3.504   1.00 23.36 ? 30  GLU B C   1 
ATOM   828  O  O   . GLU B 1 30 ? 22.671  9.053   3.232   1.00 23.92 ? 30  GLU B O   1 
ATOM   829  C  CB  . GLU B 1 30 ? 21.851  11.900  4.631   1.00 25.21 ? 30  GLU B CB  1 
ATOM   830  C  CG  . GLU B 1 30 ? 21.594  13.400  4.520   1.00 33.66 ? 30  GLU B CG  1 
ATOM   831  C  CD  . GLU B 1 30 ? 22.307  14.194  5.592   1.00 49.54 ? 30  GLU B CD  1 
ATOM   832  O  OE1 . GLU B 1 30 ? 22.236  13.795  6.774   1.00 56.04 ? 30  GLU B OE1 1 
ATOM   833  O  OE2 . GLU B 1 30 ? 22.932  15.220  5.249   1.00 55.93 ? 30  GLU B OE2 1 
ATOM   834  N  N   . ASP B 1 31 ? 20.541  8.981   3.921   1.00 23.10 ? 31  ASP B N   1 
ATOM   835  C  CA  . ASP B 1 31 ? 20.571  7.535   4.086   1.00 18.55 ? 31  ASP B CA  1 
ATOM   836  C  C   . ASP B 1 31 ? 19.855  6.750   2.998   1.00 19.41 ? 31  ASP B C   1 
ATOM   837  O  O   . ASP B 1 31 ? 20.329  5.693   2.612   1.00 17.77 ? 31  ASP B O   1 
ATOM   838  C  CB  . ASP B 1 31 ? 19.976  7.134   5.428   1.00 23.63 ? 31  ASP B CB  1 
ATOM   839  C  CG  . ASP B 1 31 ? 20.617  7.857   6.569   1.00 25.26 ? 31  ASP B CG  1 
ATOM   840  O  OD1 . ASP B 1 31 ? 21.859  7.946   6.588   1.00 29.28 ? 31  ASP B OD1 1 
ATOM   841  O  OD2 . ASP B 1 31 ? 19.878  8.330   7.439   1.00 19.87 ? 31  ASP B OD2 1 
ATOM   842  N  N   . LEU B 1 32 ? 18.727  7.255   2.497   1.00 12.06 ? 32  LEU B N   1 
ATOM   843  C  CA  . LEU B 1 32 ? 17.974  6.490   1.483   1.00 13.92 ? 32  LEU B CA  1 
ATOM   844  C  C   . LEU B 1 32 ? 18.210  6.904   0.022   1.00 11.20 ? 32  LEU B C   1 
ATOM   845  O  O   . LEU B 1 32 ? 17.527  6.448   -0.888  1.00 16.62 ? 32  LEU B O   1 
ATOM   846  C  CB  . LEU B 1 32 ? 16.477  6.530   1.854   1.00 11.89 ? 32  LEU B CB  1 
ATOM   847  C  CG  . LEU B 1 32 ? 16.166  6.044   3.295   1.00 11.74 ? 32  LEU B CG  1 
ATOM   848  C  CD1 . LEU B 1 32 ? 14.691  6.090   3.528   1.00 10.97 ? 32  LEU B CD1 1 
ATOM   849  C  CD2 . LEU B 1 32 ? 16.672  4.638   3.529   1.00 11.78 ? 32  LEU B CD2 1 
ATOM   850  N  N   . GLY B 1 33 ? 19.201  7.765   -0.172  1.00 14.69 ? 33  GLY B N   1 
ATOM   851  C  CA  . GLY B 1 33 ? 19.604  8.227   -1.489  1.00 15.53 ? 33  GLY B CA  1 
ATOM   852  C  C   . GLY B 1 33 ? 18.621  8.996   -2.359  1.00 21.69 ? 33  GLY B C   1 
ATOM   853  O  O   . GLY B 1 33 ? 18.769  9.005   -3.584  1.00 22.56 ? 33  GLY B O   1 
ATOM   854  N  N   . ALA B 1 34 ? 17.650  9.667   -1.752  1.00 15.44 ? 34  ALA B N   1 
ATOM   855  C  CA  . ALA B 1 34 ? 16.669  10.405  -2.530  1.00 12.98 ? 34  ALA B CA  1 
ATOM   856  C  C   . ALA B 1 34 ? 17.270  11.622  -3.213  1.00 19.55 ? 34  ALA B C   1 
ATOM   857  O  O   . ALA B 1 34 ? 17.913  12.462  -2.560  1.00 18.93 ? 34  ALA B O   1 
ATOM   858  C  CB  . ALA B 1 34 ? 15.512  10.854  -1.632  1.00 15.56 ? 34  ALA B CB  1 
ATOM   859  N  N   . ASP B 1 35 ? 17.084  11.717  -4.525  1.00 17.11 ? 35  ASP B N   1 
ATOM   860  C  CA  . ASP B 1 35 ? 17.546  12.894  -5.240  1.00 16.67 ? 35  ASP B CA  1 
ATOM   861  C  C   . ASP B 1 35 ? 16.418  13.933  -5.173  1.00 20.87 ? 35  ASP B C   1 
ATOM   862  O  O   . ASP B 1 35 ? 15.366  13.675  -4.560  1.00 13.24 ? 35  ASP B O   1 
ATOM   863  C  CB  . ASP B 1 35 ? 17.963  12.572  -6.691  1.00 17.91 ? 35  ASP B CB  1 
ATOM   864  C  CG  . ASP B 1 35 ? 16.904  11.831  -7.470  1.00 20.20 ? 35  ASP B CG  1 
ATOM   865  O  OD1 . ASP B 1 35 ? 15.727  12.239  -7.428  1.00 21.35 ? 35  ASP B OD1 1 
ATOM   866  O  OD2 . ASP B 1 35 ? 17.258  10.850  -8.144  1.00 11.88 ? 35  ASP B OD2 1 
ATOM   867  N  N   . SER B 1 36 ? 16.633  15.096  -5.789  1.00 21.84 ? 36  SER B N   1 
ATOM   868  C  CA  . SER B 1 36 ? 15.659  16.179  -5.740  1.00 18.71 ? 36  SER B CA  1 
ATOM   869  C  C   . SER B 1 36 ? 14.293  15.800  -6.240  1.00 16.46 ? 36  SER B C   1 
ATOM   870  O  O   . SER B 1 36 ? 13.284  16.158  -5.640  1.00 14.46 ? 36  SER B O   1 
ATOM   871  C  CB  . SER B 1 36 ? 16.105  17.374  -6.559  1.00 31.58 ? 36  SER B CB  1 
ATOM   872  O  OG  . SER B 1 36 ? 17.403  17.858  -6.292  1.00 40.57 ? 36  SER B OG  1 
ATOM   873  N  N   . LEU B 1 37 ? 14.236  15.084  -7.348  1.00 15.12 ? 37  LEU B N   1 
ATOM   874  C  CA  . LEU B 1 37 ? 12.948  14.702  -7.885  1.00 16.73 ? 37  LEU B CA  1 
ATOM   875  C  C   . LEU B 1 37 ? 12.271  13.658  -6.990  1.00 16.48 ? 37  LEU B C   1 
ATOM   876  O  O   . LEU B 1 37 ? 11.051  13.664  -6.846  1.00 13.10 ? 37  LEU B O   1 
ATOM   877  C  CB  . LEU B 1 37 ? 13.122  14.149  -9.304  1.00 22.44 ? 37  LEU B CB  1 
ATOM   878  C  CG  . LEU B 1 37 ? 11.851  13.684  -10.021 1.00 29.63 ? 37  LEU B CG  1 
ATOM   879  C  CD1 . LEU B 1 37 ? 10.796  14.800  -10.038 1.00 33.04 ? 37  LEU B CD1 1 
ATOM   880  C  CD2 . LEU B 1 37 ? 12.213  13.289  -11.430 1.00 29.23 ? 37  LEU B CD2 1 
ATOM   881  N  N   . ASP B 1 38 ? 13.065  12.769  -6.404  1.00 15.94 ? 38  ASP B N   1 
ATOM   882  C  CA  . ASP B 1 38 ? 12.527  11.713  -5.551  1.00 15.58 ? 38  ASP B CA  1 
ATOM   883  C  C   . ASP B 1 38 ? 11.719  12.287  -4.400  1.00 12.23 ? 38  ASP B C   1 
ATOM   884  O  O   . ASP B 1 38 ? 10.670  11.750  -4.037  1.00 15.22 ? 38  ASP B O   1 
ATOM   885  C  CB  . ASP B 1 38 ? 13.635  10.823  -4.955  1.00 14.29 ? 38  ASP B CB  1 
ATOM   886  C  CG  . ASP B 1 38 ? 14.468  10.101  -5.999  1.00 27.60 ? 38  ASP B CG  1 
ATOM   887  O  OD1 . ASP B 1 38 ? 14.006  9.919   -7.144  1.00 27.84 ? 38  ASP B OD1 1 
ATOM   888  O  OD2 . ASP B 1 38 ? 15.600  9.689   -5.654  1.00 17.49 ? 38  ASP B OD2 1 
ATOM   889  N  N   . THR B 1 39 ? 12.208  13.367  -3.802  1.00 11.91 ? 39  THR B N   1 
ATOM   890  C  CA  . THR B 1 39 ? 11.502  13.920  -2.675  1.00 12.90 ? 39  THR B CA  1 
ATOM   891  C  C   . THR B 1 39 ? 10.163  14.484  -3.105  1.00 13.29 ? 39  THR B C   1 
ATOM   892  O  O   . THR B 1 39 ? 9.149   14.239  -2.441  1.00 17.08 ? 39  THR B O   1 
ATOM   893  C  CB  . THR B 1 39 ? 12.340  14.990  -1.937  1.00 17.88 ? 39  THR B CB  1 
ATOM   894  O  OG1 . THR B 1 39 ? 12.685  16.041  -2.833  1.00 21.85 ? 39  THR B OG1 1 
ATOM   895  C  CG2 . THR B 1 39 ? 13.607  14.370  -1.372  1.00 21.89 ? 39  THR B CG2 1 
ATOM   896  N  N   . VAL B 1 40 ? 10.143  15.247  -4.198  1.00 11.10 ? 40  VAL B N   1 
ATOM   897  C  CA  . VAL B 1 40 ? 8.886   15.813  -4.712  1.00 13.03 ? 40  VAL B CA  1 
ATOM   898  C  C   . VAL B 1 40 ? 7.868   14.678  -4.938  1.00 12.46 ? 40  VAL B C   1 
ATOM   899  O  O   . VAL B 1 40 ? 6.698   14.804  -4.559  1.00 10.62 ? 40  VAL B O   1 
ATOM   900  C  CB  . VAL B 1 40 ? 9.079   16.576  -6.062  1.00 21.26 ? 40  VAL B CB  1 
ATOM   901  C  CG1 . VAL B 1 40 ? 7.713   16.930  -6.660  1.00 29.74 ? 40  VAL B CG1 1 
ATOM   902  C  CG2 . VAL B 1 40 ? 9.876   17.846  -5.854  1.00 23.27 ? 40  VAL B CG2 1 
ATOM   903  N  N   . GLU B 1 41 ? 8.303   13.575  -5.557  1.00 13.26 ? 41  GLU B N   1 
ATOM   904  C  CA  . GLU B 1 41 ? 7.407   12.449  -5.792  1.00 11.14 ? 41  GLU B CA  1 
ATOM   905  C  C   . GLU B 1 41 ? 7.025   11.706  -4.522  1.00 8.40  ? 41  GLU B C   1 
ATOM   906  O  O   . GLU B 1 41 ? 5.921   11.195  -4.409  1.00 11.86 ? 41  GLU B O   1 
ATOM   907  C  CB  . GLU B 1 41 ? 8.015   11.460  -6.789  1.00 16.70 ? 41  GLU B CB  1 
ATOM   908  C  CG  . GLU B 1 41 ? 8.321   12.085  -8.141  1.00 19.14 ? 41  GLU B CG  1 
ATOM   909  C  CD  . GLU B 1 41 ? 8.886   11.087  -9.107  1.00 39.25 ? 41  GLU B CD  1 
ATOM   910  O  OE1 . GLU B 1 41 ? 9.931   10.493  -8.770  1.00 38.33 ? 41  GLU B OE1 1 
ATOM   911  O  OE2 . GLU B 1 41 ? 8.287   10.898  -10.191 1.00 44.96 ? 41  GLU B OE2 1 
ATOM   912  N  N   . LEU B 1 42 ? 7.921   11.615  -3.556  1.00 14.61 ? 42  LEU B N   1 
ATOM   913  C  CA  . LEU B 1 42 ? 7.558   10.930  -2.308  1.00 13.27 ? 42  LEU B CA  1 
ATOM   914  C  C   . LEU B 1 42 ? 6.477   11.758  -1.560  1.00 10.55 ? 42  LEU B C   1 
ATOM   915  O  O   . LEU B 1 42 ? 5.531   11.210  -0.965  1.00 10.75 ? 42  LEU B O   1 
ATOM   916  C  CB  . LEU B 1 42 ? 8.795   10.759  -1.438  1.00 15.13 ? 42  LEU B CB  1 
ATOM   917  C  CG  . LEU B 1 42 ? 8.629   10.202  -0.030  1.00 13.46 ? 42  LEU B CG  1 
ATOM   918  C  CD1 . LEU B 1 42 ? 8.013   8.818   -0.123  1.00 26.34 ? 42  LEU B CD1 1 
ATOM   919  C  CD2 . LEU B 1 42 ? 10.000  10.136  0.665   1.00 17.59 ? 42  LEU B CD2 1 
ATOM   920  N  N   . VAL B 1 43 ? 6.598   13.080  -1.611  1.00 10.73 ? 43  VAL B N   1 
ATOM   921  C  CA  . VAL B 1 43 ? 5.616   13.951  -0.955  1.00 13.37 ? 43  VAL B CA  1 
ATOM   922  C  C   . VAL B 1 43 ? 4.256   13.779  -1.613  1.00 11.89 ? 43  VAL B C   1 
ATOM   923  O  O   . VAL B 1 43 ? 3.240   13.590  -0.948  1.00 12.30 ? 43  VAL B O   1 
ATOM   924  C  CB  . VAL B 1 43 ? 6.006   15.444  -1.060  1.00 16.95 ? 43  VAL B CB  1 
ATOM   925  C  CG1 . VAL B 1 43 ? 4.878   16.320  -0.494  1.00 22.99 ? 43  VAL B CG1 1 
ATOM   926  C  CG2 . VAL B 1 43 ? 7.267   15.705  -0.255  1.00 20.98 ? 43  VAL B CG2 1 
ATOM   927  N  N   . MET B 1 44 ? 4.220   13.823  -2.933  1.00 7.00  ? 44  MET B N   1 
ATOM   928  C  CA  . MET B 1 44 ? 2.932   13.678  -3.608  1.00 14.12 ? 44  MET B CA  1 
ATOM   929  C  C   . MET B 1 44 ? 2.316   12.287  -3.383  1.00 14.28 ? 44  MET B C   1 
ATOM   930  O  O   . MET B 1 44 ? 1.097   12.157  -3.293  1.00 12.97 ? 44  MET B O   1 
ATOM   931  C  CB  . MET B 1 44 ? 3.070   14.000  -5.100  1.00 15.73 ? 44  MET B CB  1 
ATOM   932  C  CG  . MET B 1 44 ? 3.415   15.482  -5.340  1.00 17.28 ? 44  MET B CG  1 
ATOM   933  S  SD  . MET B 1 44 ? 3.453   15.928  -7.103  1.00 32.40 ? 44  MET B SD  1 
ATOM   934  C  CE  . MET B 1 44 ? 1.687   15.913  -7.473  1.00 36.15 ? 44  MET B CE  1 
ATOM   935  N  N   . ALA B 1 45 ? 3.145   11.251  -3.267  1.00 14.29 ? 45  ALA B N   1 
ATOM   936  C  CA  . ALA B 1 45 ? 2.621   9.901   -3.025  1.00 10.95 ? 45  ALA B CA  1 
ATOM   937  C  C   . ALA B 1 45 ? 1.945   9.799   -1.667  1.00 11.79 ? 45  ALA B C   1 
ATOM   938  O  O   . ALA B 1 45 ? 0.919   9.129   -1.514  1.00 16.60 ? 45  ALA B O   1 
ATOM   939  C  CB  . ALA B 1 45 ? 3.741   8.873   -3.080  1.00 11.44 ? 45  ALA B CB  1 
ATOM   940  N  N   . LEU B 1 46 ? 2.525   10.450  -0.668  1.00 9.44  ? 46  LEU B N   1 
ATOM   941  C  CA  . LEU B 1 46 ? 1.948   10.387  0.669   1.00 12.97 ? 46  LEU B CA  1 
ATOM   942  C  C   . LEU B 1 46 ? 0.704   11.263  0.812   1.00 9.52  ? 46  LEU B C   1 
ATOM   943  O  O   . LEU B 1 46 ? -0.175  10.952  1.604   1.00 13.55 ? 46  LEU B O   1 
ATOM   944  C  CB  . LEU B 1 46 ? 2.990   10.769  1.708   1.00 11.47 ? 46  LEU B CB  1 
ATOM   945  C  CG  . LEU B 1 46 ? 4.123   9.757   1.851   1.00 12.96 ? 46  LEU B CG  1 
ATOM   946  C  CD1 . LEU B 1 46 ? 5.186   10.406  2.629   1.00 12.49 ? 46  LEU B CD1 1 
ATOM   947  C  CD2 . LEU B 1 46 ? 3.674   8.490   2.550   1.00 14.11 ? 46  LEU B CD2 1 
ATOM   948  N  N   . GLU B 1 47 ? 0.627   12.361  0.044   1.00 8.34  ? 47  GLU B N   1 
ATOM   949  C  CA  . GLU B 1 47 ? -0.523  13.248  0.091   1.00 11.55 ? 47  GLU B CA  1 
ATOM   950  C  C   . GLU B 1 47 ? -1.718  12.504  -0.504  1.00 14.57 ? 47  GLU B C   1 
ATOM   951  O  O   . GLU B 1 47 ? -2.879  12.682  -0.093  1.00 17.86 ? 47  GLU B O   1 
ATOM   952  C  CB  . GLU B 1 47 ? -0.229  14.552  -0.685  1.00 13.90 ? 47  GLU B CB  1 
ATOM   953  C  CG  . GLU B 1 47 ? 0.851   15.386  -0.013  1.00 22.68 ? 47  GLU B CG  1 
ATOM   954  C  CD  . GLU B 1 47 ? 1.251   16.642  -0.765  1.00 17.05 ? 47  GLU B CD  1 
ATOM   955  O  OE1 . GLU B 1 47 ? 1.593   16.550  -1.965  1.00 18.41 ? 47  GLU B OE1 1 
ATOM   956  O  OE2 . GLU B 1 47 ? 1.258   17.722  -0.139  1.00 17.70 ? 47  GLU B OE2 1 
ATOM   957  N  N   . GLU B 1 48 ? -1.444  11.627  -1.453  1.00 12.83 ? 48  GLU B N   1 
ATOM   958  C  CA  . GLU B 1 48 ? -2.533  10.858  -2.043  1.00 9.91  ? 48  GLU B CA  1 
ATOM   959  C  C   . GLU B 1 48 ? -2.979  9.754   -1.122  1.00 16.47 ? 48  GLU B C   1 
ATOM   960  O  O   . GLU B 1 48 ? -4.176  9.622   -0.834  1.00 15.29 ? 48  GLU B O   1 
ATOM   961  C  CB  . GLU B 1 48 ? -2.119  10.280  -3.396  1.00 17.26 ? 48  GLU B CB  1 
ATOM   962  C  CG  . GLU B 1 48 ? -2.808  8.975   -3.793  1.00 16.43 ? 48  GLU B CG  1 
ATOM   963  C  CD  . GLU B 1 48 ? -4.268  9.124   -4.193  1.00 28.22 ? 48  GLU B CD  1 
ATOM   964  O  OE1 . GLU B 1 48 ? -4.786  10.267  -4.260  1.00 20.22 ? 48  GLU B OE1 1 
ATOM   965  O  OE2 . GLU B 1 48 ? -4.899  8.080   -4.457  1.00 19.39 ? 48  GLU B OE2 1 
ATOM   966  N  N   . GLU B 1 49 ? -2.036  8.952   -0.639  1.00 13.07 ? 49  GLU B N   1 
ATOM   967  C  CA  . GLU B 1 49 ? -2.397  7.850   0.249   1.00 19.11 ? 49  GLU B CA  1 
ATOM   968  C  C   . GLU B 1 49 ? -3.175  8.286   1.507   1.00 26.19 ? 49  GLU B C   1 
ATOM   969  O  O   . GLU B 1 49 ? -4.138  7.626   1.941   1.00 18.44 ? 49  GLU B O   1 
ATOM   970  C  CB  . GLU B 1 49 ? -1.117  7.100   0.671   1.00 11.26 ? 49  GLU B CB  1 
ATOM   971  C  CG  . GLU B 1 49 ? -1.349  5.943   1.575   1.00 25.47 ? 49  GLU B CG  1 
ATOM   972  C  CD  . GLU B 1 49 ? -2.267  4.929   0.972   1.00 19.01 ? 49  GLU B CD  1 
ATOM   973  O  OE1 . GLU B 1 49 ? -2.094  4.603   -0.228  1.00 22.35 ? 49  GLU B OE1 1 
ATOM   974  O  OE2 . GLU B 1 49 ? -3.162  4.442   1.697   1.00 31.73 ? 49  GLU B OE2 1 
ATOM   975  N  N   . PHE B 1 50 ? -2.772  9.411   2.076   1.00 15.08 ? 50  PHE B N   1 
ATOM   976  C  CA  . PHE B 1 50 ? -3.369  9.884   3.311   1.00 12.90 ? 50  PHE B CA  1 
ATOM   977  C  C   . PHE B 1 50 ? -4.285  11.108  3.262   1.00 19.92 ? 50  PHE B C   1 
ATOM   978  O  O   . PHE B 1 50 ? -4.586  11.686  4.301   1.00 23.32 ? 50  PHE B O   1 
ATOM   979  C  CB  . PHE B 1 50 ? -2.250  10.093  4.353   1.00 13.14 ? 50  PHE B CB  1 
ATOM   980  C  CG  . PHE B 1 50 ? -1.476  8.843   4.653   1.00 15.05 ? 50  PHE B CG  1 
ATOM   981  C  CD1 . PHE B 1 50 ? -0.286  8.547   3.975   1.00 14.38 ? 50  PHE B CD1 1 
ATOM   982  C  CD2 . PHE B 1 50 ? -1.964  7.920   5.569   1.00 26.68 ? 50  PHE B CD2 1 
ATOM   983  C  CE1 . PHE B 1 50 ? 0.380   7.335   4.200   1.00 14.48 ? 50  PHE B CE1 1 
ATOM   984  C  CE2 . PHE B 1 50 ? -1.297  6.715   5.796   1.00 29.02 ? 50  PHE B CE2 1 
ATOM   985  C  CZ  . PHE B 1 50 ? -0.127  6.422   5.117   1.00 25.50 ? 50  PHE B CZ  1 
ATOM   986  N  N   . ASP B 1 51 ? -4.713  11.509  2.070   1.00 18.76 ? 51  ASP B N   1 
ATOM   987  C  CA  . ASP B 1 51 ? -5.647  12.637  1.973   1.00 22.11 ? 51  ASP B CA  1 
ATOM   988  C  C   . ASP B 1 51 ? -5.240  13.860  2.771   1.00 23.07 ? 51  ASP B C   1 
ATOM   989  O  O   . ASP B 1 51 ? -5.999  14.322  3.624   1.00 26.92 ? 51  ASP B O   1 
ATOM   990  C  CB  . ASP B 1 51 ? -7.002  12.177  2.491   1.00 29.87 ? 51  ASP B CB  1 
ATOM   991  C  CG  . ASP B 1 51 ? -7.406  10.862  1.898   1.00 20.18 ? 51  ASP B CG  1 
ATOM   992  O  OD1 . ASP B 1 51 ? -7.972  10.017  2.630   1.00 22.53 ? 51  ASP B OD1 1 
ATOM   993  O  OD2 . ASP B 1 51 ? -7.149  10.694  0.691   1.00 25.62 ? 51  ASP B OD2 1 
ATOM   994  N  N   . THR B 1 52 ? -4.070  14.411  2.503   1.00 13.45 ? 52  THR B N   1 
ATOM   995  C  CA  . THR B 1 52 ? -3.647  15.570  3.261   1.00 22.26 ? 52  THR B CA  1 
ATOM   996  C  C   . THR B 1 52 ? -2.609  16.315  2.462   1.00 20.89 ? 52  THR B C   1 
ATOM   997  O  O   . THR B 1 52 ? -1.635  15.724  2.011   1.00 26.12 ? 52  THR B O   1 
ATOM   998  C  CB  . THR B 1 52 ? -3.050  15.156  4.626   1.00 24.41 ? 52  THR B CB  1 
ATOM   999  O  OG1 . THR B 1 52 ? -2.737  16.330  5.381   1.00 34.37 ? 52  THR B OG1 1 
ATOM   1000 C  CG2 . THR B 1 52 ? -1.784  14.344  4.442   1.00 30.39 ? 52  THR B CG2 1 
ATOM   1001 N  N   . GLU B 1 53 ? -2.814  17.612  2.274   1.00 18.68 ? 53  GLU B N   1 
ATOM   1002 C  CA  . GLU B 1 53 ? -1.846  18.376  1.497   1.00 11.57 ? 53  GLU B CA  1 
ATOM   1003 C  C   . GLU B 1 53 ? -0.934  19.027  2.543   1.00 14.19 ? 53  GLU B C   1 
ATOM   1004 O  O   . GLU B 1 53 ? -1.414  19.607  3.511   1.00 22.03 ? 53  GLU B O   1 
ATOM   1005 C  CB  . GLU B 1 53 ? -2.537  19.433  0.592   1.00 19.55 ? 53  GLU B CB  1 
ATOM   1006 C  CG  . GLU B 1 53 ? -3.358  18.885  -0.676  1.00 8.67  ? 53  GLU B CG  1 
ATOM   1007 C  CD  . GLU B 1 53 ? -2.561  18.626  -1.996  1.00 19.49 ? 53  GLU B CD  1 
ATOM   1008 O  OE1 . GLU B 1 53 ? -3.149  18.019  -2.911  1.00 20.42 ? 53  GLU B OE1 1 
ATOM   1009 O  OE2 . GLU B 1 53 ? -1.386  18.997  -2.187  1.00 3.59  ? 53  GLU B OE2 1 
ATOM   1010 N  N   . ILE B 1 54 ? 0.379   18.912  2.320   1.00 8.33  ? 54  ILE B N   1 
ATOM   1011 C  CA  . ILE B 1 54 ? 1.410   19.471  3.178   1.00 14.76 ? 54  ILE B CA  1 
ATOM   1012 C  C   . ILE B 1 54 ? 2.100   20.640  2.458   1.00 22.67 ? 54  ILE B C   1 
ATOM   1013 O  O   . ILE B 1 54 ? 2.626   20.460  1.347   1.00 18.13 ? 54  ILE B O   1 
ATOM   1014 C  CB  . ILE B 1 54 ? 2.510   18.440  3.458   1.00 22.61 ? 54  ILE B CB  1 
ATOM   1015 C  CG1 . ILE B 1 54 ? 1.895   17.147  3.992   1.00 38.67 ? 54  ILE B CG1 1 
ATOM   1016 C  CG2 . ILE B 1 54 ? 3.537   19.032  4.413   1.00 32.10 ? 54  ILE B CG2 1 
ATOM   1017 C  CD1 . ILE B 1 54 ? 2.880   16.021  4.185   1.00 36.01 ? 54  ILE B CD1 1 
ATOM   1018 N  N   . PRO B 1 55 ? 2.118   21.837  3.075   1.00 15.90 ? 55  PRO B N   1 
ATOM   1019 C  CA  . PRO B 1 55 ? 2.758   23.019  2.490   1.00 15.92 ? 55  PRO B CA  1 
ATOM   1020 C  C   . PRO B 1 55 ? 4.254   22.755  2.266   1.00 22.19 ? 55  PRO B C   1 
ATOM   1021 O  O   . PRO B 1 55 ? 4.957   22.280  3.165   1.00 16.31 ? 55  PRO B O   1 
ATOM   1022 C  CB  . PRO B 1 55 ? 2.505   24.088  3.542   1.00 16.79 ? 55  PRO B CB  1 
ATOM   1023 C  CG  . PRO B 1 55 ? 1.161   23.688  4.085   1.00 20.53 ? 55  PRO B CG  1 
ATOM   1024 C  CD  . PRO B 1 55 ? 1.366   22.207  4.286   1.00 16.85 ? 55  PRO B CD  1 
ATOM   1025 N  N   . ASP B 1 56 ? 4.738   23.082  1.073   1.00 15.44 ? 56  ASP B N   1 
ATOM   1026 C  CA  . ASP B 1 56 ? 6.129   22.833  0.715   1.00 19.56 ? 56  ASP B CA  1 
ATOM   1027 C  C   . ASP B 1 56 ? 7.125   23.298  1.777   1.00 14.54 ? 56  ASP B C   1 
ATOM   1028 O  O   . ASP B 1 56 ? 8.135   22.632  2.018   1.00 20.57 ? 56  ASP B O   1 
ATOM   1029 C  CB  . ASP B 1 56 ? 6.434   23.486  -0.641  1.00 16.63 ? 56  ASP B CB  1 
ATOM   1030 C  CG  . ASP B 1 56 ? 5.638   22.860  -1.792  1.00 27.91 ? 56  ASP B CG  1 
ATOM   1031 O  OD1 . ASP B 1 56 ? 5.127   21.726  -1.649  1.00 27.63 ? 56  ASP B OD1 1 
ATOM   1032 O  OD2 . ASP B 1 56 ? 5.528   23.496  -2.855  1.00 17.45 ? 56  ASP B OD2 1 
ATOM   1033 N  N   . GLU B 1 57 ? 6.836   24.437  2.398   1.00 16.96 ? 57  GLU B N   1 
ATOM   1034 C  CA  . GLU B 1 57 ? 7.674   25.010  3.447   1.00 20.17 ? 57  GLU B CA  1 
ATOM   1035 C  C   . GLU B 1 57 ? 7.842   23.973  4.559   1.00 19.98 ? 57  GLU B C   1 
ATOM   1036 O  O   . GLU B 1 57 ? 8.952   23.716  5.027   1.00 30.02 ? 57  GLU B O   1 
ATOM   1037 C  CB  . GLU B 1 57 ? 7.026   26.281  4.022   1.00 35.11 ? 57  GLU B CB  1 
ATOM   1038 C  CG  . GLU B 1 57 ? 6.851   27.425  3.035   1.00 49.25 ? 57  GLU B CG  1 
ATOM   1039 C  CD  . GLU B 1 57 ? 6.212   28.656  3.657   1.00 61.05 ? 57  GLU B CD  1 
ATOM   1040 O  OE1 . GLU B 1 57 ? 6.931   29.458  4.295   1.00 51.62 ? 57  GLU B OE1 1 
ATOM   1041 O  OE2 . GLU B 1 57 ? 4.981   28.817  3.508   1.00 67.09 ? 57  GLU B OE2 1 
ATOM   1042 N  N   . GLU B 1 58 ? 6.717   23.397  4.978   1.00 18.54 ? 58  GLU B N   1 
ATOM   1043 C  CA  . GLU B 1 58 ? 6.708   22.363  6.006   1.00 16.52 ? 58  GLU B CA  1 
ATOM   1044 C  C   . GLU B 1 58 ? 7.369   21.066  5.526   1.00 16.18 ? 58  GLU B C   1 
ATOM   1045 O  O   . GLU B 1 58 ? 8.195   20.477  6.241   1.00 22.49 ? 58  GLU B O   1 
ATOM   1046 C  CB  . GLU B 1 58 ? 5.270   22.087  6.445   1.00 20.26 ? 58  GLU B CB  1 
ATOM   1047 C  CG  . GLU B 1 58 ? 4.577   23.304  7.062   1.00 31.86 ? 58  GLU B CG  1 
ATOM   1048 C  CD  . GLU B 1 58 ? 3.165   23.013  7.567   1.00 34.15 ? 58  GLU B CD  1 
ATOM   1049 O  OE1 . GLU B 1 58 ? 2.298   23.902  7.443   1.00 46.35 ? 58  GLU B OE1 1 
ATOM   1050 O  OE2 . GLU B 1 58 ? 2.922   21.911  8.096   1.00 50.18 ? 58  GLU B OE2 1 
ATOM   1051 N  N   . ALA B 1 59 ? 7.011   20.616  4.326   1.00 15.34 ? 59  ALA B N   1 
ATOM   1052 C  CA  . ALA B 1 59 ? 7.578   19.383  3.786   1.00 12.92 ? 59  ALA B CA  1 
ATOM   1053 C  C   . ALA B 1 59 ? 9.118   19.418  3.753   1.00 14.49 ? 59  ALA B C   1 
ATOM   1054 O  O   . ALA B 1 59 ? 9.783   18.408  3.997   1.00 20.71 ? 59  ALA B O   1 
ATOM   1055 C  CB  . ALA B 1 59 ? 7.011   19.118  2.387   1.00 20.74 ? 59  ALA B CB  1 
ATOM   1056 N  N   . GLU B 1 60 ? 9.675   20.596  3.486   1.00 18.97 ? 60  GLU B N   1 
ATOM   1057 C  CA  . GLU B 1 60 ? 11.126  20.789  3.432   1.00 20.58 ? 60  GLU B CA  1 
ATOM   1058 C  C   . GLU B 1 60 ? 11.791  20.496  4.788   1.00 21.19 ? 60  GLU B C   1 
ATOM   1059 O  O   . GLU B 1 60 ? 13.013  20.299  4.865   1.00 20.62 ? 60  GLU B O   1 
ATOM   1060 C  CB  . GLU B 1 60 ? 11.412  22.233  3.023   1.00 24.20 ? 60  GLU B CB  1 
ATOM   1061 C  CG  . GLU B 1 60 ? 12.871  22.578  2.806   1.00 40.79 ? 60  GLU B CG  1 
ATOM   1062 C  CD  . GLU B 1 60 ? 13.058  24.046  2.477   1.00 55.74 ? 60  GLU B CD  1 
ATOM   1063 O  OE1 . GLU B 1 60 ? 12.521  24.495  1.440   1.00 57.58 ? 60  GLU B OE1 1 
ATOM   1064 O  OE2 . GLU B 1 60 ? 13.731  24.752  3.257   1.00 63.80 ? 60  GLU B OE2 1 
ATOM   1065 N  N   . LYS B 1 61 ? 10.988  20.468  5.848   1.00 24.88 ? 61  LYS B N   1 
ATOM   1066 C  CA  . LYS B 1 61 ? 11.499  20.215  7.191   1.00 25.29 ? 61  LYS B CA  1 
ATOM   1067 C  C   . LYS B 1 61 ? 11.406  18.758  7.654   1.00 29.86 ? 61  LYS B C   1 
ATOM   1068 O  O   . LYS B 1 61 ? 12.050  18.383  8.636   1.00 30.31 ? 61  LYS B O   1 
ATOM   1069 C  CB  . LYS B 1 61 ? 10.790  21.128  8.192   1.00 32.66 ? 61  LYS B CB  1 
ATOM   1070 C  CG  . LYS B 1 61 ? 11.028  22.608  7.932   1.00 41.93 ? 61  LYS B CG  1 
ATOM   1071 C  CD  . LYS B 1 61 ? 10.410  23.451  9.029   1.00 48.11 ? 61  LYS B CD  1 
ATOM   1072 C  CE  . LYS B 1 61 ? 10.685  24.924  8.816   1.00 55.63 ? 61  LYS B CE  1 
ATOM   1073 N  NZ  . LYS B 1 61 ? 10.149  25.721  9.952   1.00 55.26 ? 61  LYS B NZ  1 
ATOM   1074 N  N   . ILE B 1 62 ? 10.613  17.946  6.952   1.00 18.49 ? 62  ILE B N   1 
ATOM   1075 C  CA  . ILE B 1 62 ? 10.455  16.526  7.279   1.00 15.35 ? 62  ILE B CA  1 
ATOM   1076 C  C   . ILE B 1 62 ? 11.606  15.750  6.630   1.00 23.53 ? 62  ILE B C   1 
ATOM   1077 O  O   . ILE B 1 62 ? 11.482  15.183  5.547   1.00 17.88 ? 62  ILE B O   1 
ATOM   1078 C  CB  . ILE B 1 62 ? 9.100   16.034  6.780   1.00 17.72 ? 62  ILE B CB  1 
ATOM   1079 C  CG1 . ILE B 1 62 ? 8.015   16.866  7.460   1.00 18.72 ? 62  ILE B CG1 1 
ATOM   1080 C  CG2 . ILE B 1 62 ? 8.899   14.548  7.104   1.00 16.45 ? 62  ILE B CG2 1 
ATOM   1081 C  CD1 . ILE B 1 62 ? 6.611   16.488  7.106   1.00 17.56 ? 62  ILE B CD1 1 
ATOM   1082 N  N   . THR B 1 63 ? 12.740  15.714  7.315   1.00 15.95 ? 63  THR B N   1 
ATOM   1083 C  CA  . THR B 1 63 ? 13.926  15.064  6.758   1.00 18.26 ? 63  THR B CA  1 
ATOM   1084 C  C   . THR B 1 63 ? 14.111  13.567  7.038   1.00 13.30 ? 63  THR B C   1 
ATOM   1085 O  O   . THR B 1 63 ? 14.918  12.910  6.364   1.00 14.62 ? 63  THR B O   1 
ATOM   1086 C  CB  . THR B 1 63 ? 15.194  15.777  7.246   1.00 24.57 ? 63  THR B CB  1 
ATOM   1087 O  OG1 . THR B 1 63 ? 15.242  15.711  8.676   1.00 25.03 ? 63  THR B OG1 1 
ATOM   1088 C  CG2 . THR B 1 63 ? 15.195  17.248  6.821   1.00 26.97 ? 63  THR B CG2 1 
ATOM   1089 N  N   . THR B 1 64 ? 13.405  13.033  8.030   1.00 18.31 ? 64  THR B N   1 
ATOM   1090 C  CA  . THR B 1 64 ? 13.557  11.624  8.375   1.00 14.79 ? 64  THR B CA  1 
ATOM   1091 C  C   . THR B 1 64 ? 12.251  10.860  8.326   1.00 13.00 ? 64  THR B C   1 
ATOM   1092 O  O   . THR B 1 64 ? 11.174  11.457  8.310   1.00 14.88 ? 64  THR B O   1 
ATOM   1093 C  CB  . THR B 1 64 ? 14.169  11.447  9.787   1.00 13.81 ? 64  THR B CB  1 
ATOM   1094 O  OG1 . THR B 1 64 ? 13.333  12.095  10.764  1.00 20.60 ? 64  THR B OG1 1 
ATOM   1095 C  CG2 . THR B 1 64 ? 15.577  12.029  9.837   1.00 13.49 ? 64  THR B CG2 1 
ATOM   1096 N  N   . VAL B 1 65 ? 12.362  9.536   8.299   1.00 14.00 ? 65  VAL B N   1 
ATOM   1097 C  CA  . VAL B 1 65 ? 11.200  8.632   8.269   1.00 9.72  ? 65  VAL B CA  1 
ATOM   1098 C  C   . VAL B 1 65 ? 10.265  8.901   9.438   1.00 16.61 ? 65  VAL B C   1 
ATOM   1099 O  O   . VAL B 1 65 ? 9.034   8.988   9.255   1.00 12.77 ? 65  VAL B O   1 
ATOM   1100 C  CB  . VAL B 1 65 ? 11.653  7.148   8.327   1.00 13.96 ? 65  VAL B CB  1 
ATOM   1101 C  CG1 . VAL B 1 65 ? 10.445  6.252   8.503   1.00 12.10 ? 65  VAL B CG1 1 
ATOM   1102 C  CG2 . VAL B 1 65 ? 12.405  6.761   7.038   1.00 11.92 ? 65  VAL B CG2 1 
ATOM   1103 N  N   . GLN B 1 66 ? 10.838  9.041   10.639  1.00 15.26 ? 66  GLN B N   1 
ATOM   1104 C  CA  . GLN B 1 66 ? 10.033  9.302   11.824  1.00 21.21 ? 66  GLN B CA  1 
ATOM   1105 C  C   . GLN B 1 66 ? 9.258   10.598  11.700  1.00 18.80 ? 66  GLN B C   1 
ATOM   1106 O  O   . GLN B 1 66 ? 8.109   10.658  12.089  1.00 13.06 ? 66  GLN B O   1 
ATOM   1107 C  CB  . GLN B 1 66 ? 10.875  9.382   13.098  1.00 18.09 ? 66  GLN B CB  1 
ATOM   1108 C  CG  . GLN B 1 66 ? 10.001  9.402   14.339  1.00 25.16 ? 66  GLN B CG  1 
ATOM   1109 C  CD  . GLN B 1 66 ? 9.219   8.110   14.491  1.00 34.71 ? 66  GLN B CD  1 
ATOM   1110 O  OE1 . GLN B 1 66 ? 9.803   7.038   14.683  1.00 35.36 ? 66  GLN B OE1 1 
ATOM   1111 N  NE2 . GLN B 1 66 ? 7.898   8.197   14.393  1.00 23.69 ? 66  GLN B NE2 1 
ATOM   1112 N  N   . ALA B 1 67 ? 9.889   11.636  11.171  1.00 17.62 ? 67  ALA B N   1 
ATOM   1113 C  CA  . ALA B 1 67 ? 9.191   12.919  11.009  1.00 18.12 ? 67  ALA B CA  1 
ATOM   1114 C  C   . ALA B 1 67 ? 7.984   12.756  10.081  1.00 21.37 ? 67  ALA B C   1 
ATOM   1115 O  O   . ALA B 1 67 ? 6.942   13.392  10.272  1.00 16.07 ? 67  ALA B O   1 
ATOM   1116 C  CB  . ALA B 1 67 ? 10.158  13.962  10.457  1.00 23.34 ? 67  ALA B CB  1 
ATOM   1117 N  N   . ALA B 1 68 ? 8.133   11.916  9.057   1.00 10.63 ? 68  ALA B N   1 
ATOM   1118 C  CA  . ALA B 1 68 ? 7.040   11.650  8.131   1.00 13.06 ? 68  ALA B CA  1 
ATOM   1119 C  C   . ALA B 1 68 ? 5.909   10.940  8.853   1.00 12.68 ? 68  ALA B C   1 
ATOM   1120 O  O   . ALA B 1 68 ? 4.772   11.351  8.748   1.00 14.31 ? 68  ALA B O   1 
ATOM   1121 C  CB  . ALA B 1 68 ? 7.531   10.812  6.953   1.00 15.15 ? 68  ALA B CB  1 
ATOM   1122 N  N   . ILE B 1 69 ? 6.214   9.873   9.597   1.00 11.42 ? 69  ILE B N   1 
ATOM   1123 C  CA  . ILE B 1 69 ? 5.160   9.175   10.323  1.00 13.29 ? 69  ILE B CA  1 
ATOM   1124 C  C   . ILE B 1 69 ? 4.448   10.127  11.294  1.00 18.22 ? 69  ILE B C   1 
ATOM   1125 O  O   . ILE B 1 69 ? 3.245   10.142  11.366  1.00 12.99 ? 69  ILE B O   1 
ATOM   1126 C  CB  . ILE B 1 69 ? 5.731   7.984   11.086  1.00 12.28 ? 69  ILE B CB  1 
ATOM   1127 C  CG1 . ILE B 1 69 ? 6.144   6.887   10.096  1.00 10.14 ? 69  ILE B CG1 1 
ATOM   1128 C  CG2 . ILE B 1 69 ? 4.689   7.440   12.082  1.00 10.59 ? 69  ILE B CG2 1 
ATOM   1129 C  CD1 . ILE B 1 69 ? 7.112   5.879   10.699  1.00 16.46 ? 69  ILE B CD1 1 
ATOM   1130 N  N   . ASP B 1 70 ? 5.203   10.933  12.023  1.00 22.23 ? 70  ASP B N   1 
ATOM   1131 C  CA  . ASP B 1 70 ? 4.603   11.869  12.966  1.00 23.79 ? 70  ASP B CA  1 
ATOM   1132 C  C   . ASP B 1 70 ? 3.668   12.874  12.298  1.00 14.76 ? 70  ASP B C   1 
ATOM   1133 O  O   . ASP B 1 70 ? 2.630   13.245  12.853  1.00 16.82 ? 70  ASP B O   1 
ATOM   1134 C  CB  . ASP B 1 70 ? 5.704   12.618  13.716  1.00 17.86 ? 70  ASP B CB  1 
ATOM   1135 C  CG  . ASP B 1 70 ? 6.491   11.716  14.653  1.00 25.29 ? 70  ASP B CG  1 
ATOM   1136 O  OD1 . ASP B 1 70 ? 6.119   10.529  14.811  1.00 24.40 ? 70  ASP B OD1 1 
ATOM   1137 O  OD2 . ASP B 1 70 ? 7.476   12.197  15.241  1.00 23.45 ? 70  ASP B OD2 1 
ATOM   1138 N  N   . TYR B 1 71 ? 4.017   13.316  11.094  1.00 17.09 ? 71  TYR B N   1 
ATOM   1139 C  CA  . TYR B 1 71 ? 3.193   14.304  10.415  1.00 13.27 ? 71  TYR B CA  1 
ATOM   1140 C  C   . TYR B 1 71 ? 1.870   13.700  9.942   1.00 16.59 ? 71  TYR B C   1 
ATOM   1141 O  O   . TYR B 1 71 ? 0.837   14.345  10.027  1.00 15.87 ? 71  TYR B O   1 
ATOM   1142 C  CB  . TYR B 1 71 ? 3.932   14.905  9.202   1.00 17.52 ? 71  TYR B CB  1 
ATOM   1143 C  CG  . TYR B 1 71 ? 3.162   16.042  8.559   1.00 13.10 ? 71  TYR B CG  1 
ATOM   1144 C  CD1 . TYR B 1 71 ? 3.384   17.354  8.942   1.00 18.77 ? 71  TYR B CD1 1 
ATOM   1145 C  CD2 . TYR B 1 71 ? 2.166   15.789  7.625   1.00 21.69 ? 71  TYR B CD2 1 
ATOM   1146 C  CE1 . TYR B 1 71 ? 2.629   18.400  8.410   1.00 18.99 ? 71  TYR B CE1 1 
ATOM   1147 C  CE2 . TYR B 1 71 ? 1.397   16.820  7.101   1.00 18.92 ? 71  TYR B CE2 1 
ATOM   1148 C  CZ  . TYR B 1 71 ? 1.633   18.115  7.497   1.00 19.07 ? 71  TYR B CZ  1 
ATOM   1149 O  OH  . TYR B 1 71 ? 0.842   19.129  7.003   1.00 27.88 ? 71  TYR B OH  1 
ATOM   1150 N  N   . ILE B 1 72 ? 1.910   12.468  9.442   1.00 14.01 ? 72  ILE B N   1 
ATOM   1151 C  CA  . ILE B 1 72 ? 0.698   11.802  8.969   1.00 10.13 ? 72  ILE B CA  1 
ATOM   1152 C  C   . ILE B 1 72 ? -0.268  11.529  10.130  1.00 16.94 ? 72  ILE B C   1 
ATOM   1153 O  O   . ILE B 1 72 ? -1.494  11.742  10.008  1.00 17.39 ? 72  ILE B O   1 
ATOM   1154 C  CB  . ILE B 1 72 ? 1.064   10.486  8.235   1.00 13.22 ? 72  ILE B CB  1 
ATOM   1155 C  CG1 . ILE B 1 72 ? 1.905   10.817  6.980   1.00 16.88 ? 72  ILE B CG1 1 
ATOM   1156 C  CG2 . ILE B 1 72 ? -0.206  9.718   7.811   1.00 9.44  ? 72  ILE B CG2 1 
ATOM   1157 C  CD1 . ILE B 1 72 ? 1.171   11.678  5.985   1.00 12.92 ? 72  ILE B CD1 1 
ATOM   1158 N  N   . ASN B 1 73 ? 0.267   11.062  11.251  1.00 23.51 ? 73  ASN B N   1 
ATOM   1159 C  CA  . ASN B 1 73 ? -0.587  10.781  12.412  1.00 22.06 ? 73  ASN B CA  1 
ATOM   1160 C  C   . ASN B 1 73 ? -1.193  12.066  12.943  1.00 21.83 ? 73  ASN B C   1 
ATOM   1161 O  O   . ASN B 1 73 ? -2.361  12.091  13.324  1.00 22.27 ? 73  ASN B O   1 
ATOM   1162 C  CB  . ASN B 1 73 ? 0.196   10.084  13.523  1.00 21.03 ? 73  ASN B CB  1 
ATOM   1163 C  CG  . ASN B 1 73 ? 0.346   8.589   13.285  1.00 12.69 ? 73  ASN B CG  1 
ATOM   1164 O  OD1 . ASN B 1 73 ? -0.532  7.940   12.703  1.00 18.39 ? 73  ASN B OD1 1 
ATOM   1165 N  ND2 . ASN B 1 73 ? 1.429   8.033   13.766  1.00 7.97  ? 73  ASN B ND2 1 
ATOM   1166 N  N   . GLY B 1 74 ? -0.396  13.134  12.954  1.00 16.32 ? 74  GLY B N   1 
ATOM   1167 C  CA  . GLY B 1 74 ? -0.889  14.424  13.411  1.00 25.16 ? 74  GLY B CA  1 
ATOM   1168 C  C   . GLY B 1 74 ? -1.854  15.131  12.460  1.00 26.63 ? 74  GLY B C   1 
ATOM   1169 O  O   . GLY B 1 74 ? -2.761  15.824  12.912  1.00 25.48 ? 74  GLY B O   1 
ATOM   1170 N  N   . HIS B 1 75 ? -1.699  14.942  11.152  1.00 29.19 ? 75  HIS B N   1 
ATOM   1171 C  CA  . HIS B 1 75 ? -2.563  15.623  10.187  1.00 31.24 ? 75  HIS B CA  1 
ATOM   1172 C  C   . HIS B 1 75 ? -3.544  14.788  9.355   1.00 33.71 ? 75  HIS B C   1 
ATOM   1173 O  O   . HIS B 1 75 ? -4.408  15.348  8.678   1.00 35.06 ? 75  HIS B O   1 
ATOM   1174 C  CB  . HIS B 1 75 ? -1.695  16.465  9.233   1.00 21.60 ? 75  HIS B CB  1 
ATOM   1175 C  CG  . HIS B 1 75 ? -0.814  17.453  9.938   1.00 13.24 ? 75  HIS B CG  1 
ATOM   1176 N  ND1 . HIS B 1 75 ? 0.298   17.079  10.669  1.00 15.67 ? 75  HIS B ND1 1 
ATOM   1177 C  CD2 . HIS B 1 75 ? -0.925  18.795  10.091  1.00 17.50 ? 75  HIS B CD2 1 
ATOM   1178 C  CE1 . HIS B 1 75 ? 0.824   18.145  11.246  1.00 27.24 ? 75  HIS B CE1 1 
ATOM   1179 N  NE2 . HIS B 1 75 ? 0.102   19.199  10.913  1.00 20.61 ? 75  HIS B NE2 1 
ATOM   1180 N  N   . GLN B 1 76 ? -3.431  13.463  9.390   1.00 41.30 ? 76  GLN B N   1 
ATOM   1181 C  CA  . GLN B 1 76 ? -4.330  12.619  8.597   1.00 40.15 ? 76  GLN B CA  1 
ATOM   1182 C  C   . GLN B 1 76 ? -5.802  12.832  8.923   1.00 45.52 ? 76  GLN B C   1 
ATOM   1183 O  O   . GLN B 1 76 ? -6.188  12.859  10.091  1.00 42.73 ? 76  GLN B O   1 
ATOM   1184 C  CB  . GLN B 1 76 ? -3.991  11.138  8.779   1.00 46.79 ? 76  GLN B CB  1 
ATOM   1185 C  CG  . GLN B 1 76 ? -4.827  10.220  7.895   1.00 53.09 ? 76  GLN B CG  1 
ATOM   1186 C  CD  . GLN B 1 76 ? -4.483  8.756   8.079   1.00 53.51 ? 76  GLN B CD  1 
ATOM   1187 O  OE1 . GLN B 1 76 ? -5.008  7.886   7.385   1.00 56.43 ? 76  GLN B OE1 1 
ATOM   1188 N  NE2 . GLN B 1 76 ? -3.595  8.478   9.020   1.00 58.85 ? 76  GLN B NE2 1 
ATOM   1189 N  N   . ALA B 1 77 ? -6.626  12.954  7.886   1.00 44.18 ? 77  ALA B N   1 
ATOM   1190 C  CA  . ALA B 1 77 ? -8.052  13.178  8.063   1.00 41.72 ? 77  ALA B CA  1 
ATOM   1191 C  C   . ALA B 1 77 ? -8.917  12.176  7.305   1.00 47.00 ? 77  ALA B C   1 
ATOM   1192 O  O   . ALA B 1 77 ? -9.485  12.558  6.266   1.00 35.72 ? 77  ALA B O   1 
ATOM   1193 C  CB  . ALA B 1 77 ? -8.399  14.592  7.636   1.00 45.88 ? 77  ALA B CB  1 
ATOM   1194 O  OXT . ALA B 1 77 ? -9.011  11.011  7.744   1.00 54.65 ? 77  ALA B OXT 1 
HETATM 1195 NA NA  . NA  C 2 .  ? -8.305  8.281   1.764   1.00 8.56  ? 401 NA  A NA  1 
HETATM 1196 ZN ZN  . ZN  D 3 .  ? -6.936  8.238   -5.081  1.00 15.99 ? 402 ZN  A ZN  1 
HETATM 1197 ZN ZN  . ZN  E 3 .  ? -1.160  -8.296  -18.125 1.00 20.40 ? 403 ZN  A ZN  1 
HETATM 1198 ZN ZN  . ZN  F 3 .  ? 3.220   -19.515 -9.662  1.00 17.41 ? 404 ZN  A ZN  1 
HETATM 1199 ZN ZN  . ZN  G 3 .  ? -6.197  -19.126 5.049   1.00 17.71 ? 405 ZN  A ZN  1 
HETATM 1200 ZN ZN  . ZN  H 3 .  ? 1.634   -5.985  10.223  1.00 19.50 ? 406 ZN  A ZN  1 
HETATM 1201 ZN ZN  . ZN  I 3 .  ? -8.196  -2.034  12.057  0.50 15.63 ? 407 ZN  A ZN  1 
HETATM 1202 ZN ZN  . ZN  J 3 .  ? -12.795 -26.036 -0.831  1.00 46.13 ? 408 ZN  A ZN  1 
HETATM 1203 O  O23 . PM5 K 4 .  ? -4.071  -26.142 -6.103  1.00 40.59 ? 301 PM5 A O23 1 
HETATM 1204 P  P24 . PM5 K 4 .  ? -4.248  -25.303 -7.388  1.00 37.99 ? 301 PM5 A P24 1 
HETATM 1205 O  O26 . PM5 K 4 .  ? -4.449  -26.239 -8.591  1.00 39.58 ? 301 PM5 A O26 1 
HETATM 1206 O  O27 . PM5 K 4 .  ? -5.505  -24.420 -7.214  1.00 38.53 ? 301 PM5 A O27 1 
HETATM 1207 C  C28 . PM5 K 4 .  ? -6.066  -23.511 -8.154  1.00 39.51 ? 301 PM5 A C28 1 
HETATM 1208 C  C29 . PM5 K 4 .  ? -7.403  -22.940 -7.626  1.00 39.12 ? 301 PM5 A C29 1 
HETATM 1209 C  C30 . PM5 K 4 .  ? -8.193  -22.436 -8.841  1.00 41.40 ? 301 PM5 A C30 1 
HETATM 1210 C  C31 . PM5 K 4 .  ? -8.192  -24.078 -6.956  1.00 37.60 ? 301 PM5 A C31 1 
HETATM 1211 C  C32 . PM5 K 4 .  ? -7.176  -21.774 -6.625  1.00 39.99 ? 301 PM5 A C32 1 
HETATM 1212 O  O33 . PM5 K 4 .  ? -6.483  -20.718 -7.296  1.00 32.31 ? 301 PM5 A O33 1 
HETATM 1213 C  C34 . PM5 K 4 .  ? -8.544  -21.260 -6.125  1.00 46.80 ? 301 PM5 A C34 1 
HETATM 1214 O  O35 . PM5 K 4 .  ? -9.294  -22.003 -5.485  1.00 50.67 ? 301 PM5 A O35 1 
HETATM 1215 N  N36 . PM5 K 4 .  ? -8.866  -19.993 -6.410  1.00 45.40 ? 301 PM5 A N36 1 
HETATM 1216 C  C37 . PM5 K 4 .  ? -10.131 -19.371 -6.009  1.00 42.74 ? 301 PM5 A C37 1 
HETATM 1217 C  C38 . PM5 K 4 .  ? -10.227 -17.851 -6.220  1.00 34.84 ? 301 PM5 A C38 1 
HETATM 1218 C  C39 . PM5 K 4 .  ? -9.233  -17.021 -5.422  1.00 24.40 ? 301 PM5 A C39 1 
HETATM 1219 O  O40 . PM5 K 4 .  ? -8.104  -16.806 -5.853  1.00 34.46 ? 301 PM5 A O40 1 
HETATM 1220 N  N41 . PM5 K 4 .  ? -9.709  -16.571 -4.255  1.00 41.32 ? 301 PM5 A N41 1 
HETATM 1221 C  C42 . PM5 K 4 .  ? -9.032  -15.744 -3.241  1.00 33.64 ? 301 PM5 A C42 1 
HETATM 1222 C  C43 . PM5 K 4 .  ? -9.132  -14.252 -3.572  1.00 35.12 ? 301 PM5 A C43 1 
HETATM 1223 S  S1  . PM5 K 4 .  ? -8.459  -13.011 -2.387  1.00 27.89 ? 301 PM5 A S1  1 
HETATM 1224 C  C1  . PM5 K 4 .  ? -9.505  -13.257 -0.940  1.00 35.90 ? 301 PM5 A C1  1 
HETATM 1225 O  O1  . PM5 K 4 .  ? -10.384 -14.087 -0.969  1.00 28.03 ? 301 PM5 A O1  1 
HETATM 1226 C  C2  . PM5 K 4 .  ? -9.284  -12.422 0.317   1.00 34.92 ? 301 PM5 A C2  1 
HETATM 1227 C  C3  . PM5 K 4 .  ? -10.276 -11.264 0.460   1.00 26.36 ? 301 PM5 A C3  1 
HETATM 1228 C  C4  . PM5 K 4 .  ? -10.123 -10.556 1.819   1.00 42.64 ? 301 PM5 A C4  1 
HETATM 1229 C  C5  . PM5 K 4 .  ? -9.870  -11.527 2.985   1.00 37.62 ? 301 PM5 A C5  1 
HETATM 1230 C  C6  . PM5 K 4 .  ? -9.662  -10.809 4.320   1.00 39.35 ? 301 PM5 A C6  1 
HETATM 1231 C  C7  . PM5 K 4 .  ? -8.829  -9.551  4.166   1.00 35.09 ? 301 PM5 A C7  1 
HETATM 1232 ZN ZN  . ZN  L 3 .  ? 7.035   -3.810  11.826  1.00 19.71 ? 409 ZN  B ZN  1 
HETATM 1233 O  O23 . PM5 M 4 .  ? 16.711  20.271  -6.281  1.00 41.66 ? 302 PM5 B O23 1 
HETATM 1234 P  P24 . PM5 M 4 .  ? 17.542  19.203  -5.543  1.00 45.16 ? 302 PM5 B P24 1 
HETATM 1235 O  O26 . PM5 M 4 .  ? 19.027  19.633  -5.522  1.00 35.85 ? 302 PM5 B O26 1 
HETATM 1236 O  O27 . PM5 M 4 .  ? 17.022  19.072  -4.097  1.00 40.05 ? 302 PM5 B O27 1 
HETATM 1237 C  C28 . PM5 M 4 .  ? 18.063  18.134  -3.895  1.00 35.60 ? 302 PM5 B C28 1 
HETATM 1238 C  C29 . PM5 M 4 .  ? 18.117  17.645  -2.454  1.00 38.58 ? 302 PM5 B C29 1 
HETATM 1239 C  C30 . PM5 M 4 .  ? 17.003  16.640  -2.150  1.00 39.32 ? 302 PM5 B C30 1 
HETATM 1240 C  C31 . PM5 M 4 .  ? 19.472  16.954  -2.296  1.00 40.54 ? 302 PM5 B C31 1 
HETATM 1241 C  C32 . PM5 M 4 .  ? 18.046  18.881  -1.515  1.00 38.81 ? 302 PM5 B C32 1 
HETATM 1242 O  O33 . PM5 M 4 .  ? 18.612  18.576  -0.238  1.00 41.32 ? 302 PM5 B O33 1 
HETATM 1243 C  C34 . PM5 M 4 .  ? 16.632  19.438  -1.347  1.00 44.02 ? 302 PM5 B C34 1 
HETATM 1244 O  O35 . PM5 M 4 .  ? 15.616  18.741  -1.539  1.00 48.61 ? 302 PM5 B O35 1 
HETATM 1245 N  N36 . PM5 M 4 .  ? 16.577  20.713  -0.981  1.00 41.97 ? 302 PM5 B N36 1 
HETATM 1246 C  C37 . PM5 M 4 .  ? 15.341  21.439  -0.750  1.00 37.52 ? 302 PM5 B C37 1 
HETATM 1247 C  C38 . PM5 M 4 .  ? 15.025  21.368  0.732   1.00 38.82 ? 302 PM5 B C38 1 
HETATM 1248 C  C39 . PM5 M 4 .  ? 14.882  19.922  1.200   1.00 37.87 ? 302 PM5 B C39 1 
HETATM 1249 O  O40 . PM5 M 4 .  ? 15.640  19.446  2.050   1.00 40.92 ? 302 PM5 B O40 1 
HETATM 1250 N  N41 . PM5 M 4 .  ? 13.898  19.235  0.626   1.00 33.22 ? 302 PM5 B N41 1 
HETATM 1251 C  C42 . PM5 M 4 .  ? 13.556  17.830  0.881   1.00 36.73 ? 302 PM5 B C42 1 
HETATM 1252 C  C43 . PM5 M 4 .  ? 13.651  17.343  2.331   1.00 38.52 ? 302 PM5 B C43 1 
HETATM 1253 S  S1  . PM5 M 4 .  ? 13.145  15.565  2.435   1.00 45.69 ? 302 PM5 B S1  1 
HETATM 1254 C  C1  . PM5 M 4 .  ? 11.389  15.644  1.837   1.00 39.72 ? 302 PM5 B C1  1 
HETATM 1255 O  O1  . PM5 M 4 .  ? 10.933  16.720  1.441   1.00 41.55 ? 302 PM5 B O1  1 
HETATM 1256 C  C2  . PM5 M 4 .  ? 10.460  14.423  1.812   1.00 37.15 ? 302 PM5 B C2  1 
HETATM 1257 C  C3  . PM5 M 4 .  ? 9.613   14.289  3.082   1.00 27.97 ? 302 PM5 B C3  1 
HETATM 1258 C  C4  . PM5 M 4 .  ? 8.397   13.369  2.972   1.00 38.45 ? 302 PM5 B C4  1 
HETATM 1259 C  C5  . PM5 M 4 .  ? 7.414   13.719  4.087   1.00 37.87 ? 302 PM5 B C5  1 
HETATM 1260 C  C6  . PM5 M 4 .  ? 6.165   12.848  4.107   1.00 37.44 ? 302 PM5 B C6  1 
HETATM 1261 C  C7  . PM5 M 4 .  ? 5.013   13.508  4.884   1.00 26.81 ? 302 PM5 B C7  1 
HETATM 1262 O  O   . HOH N 5 .  ? -13.106 -0.414  5.970   1.00 19.37 ? 409 HOH A O   1 
HETATM 1263 O  O   . HOH N 5 .  ? -13.368 3.220   0.903   1.00 15.26 ? 410 HOH A O   1 
HETATM 1264 O  O   . HOH N 5 .  ? -15.071 0.271   -2.017  1.00 17.21 ? 411 HOH A O   1 
HETATM 1265 O  O   . HOH N 5 .  ? -15.936 1.342   -8.565  1.00 21.06 ? 412 HOH A O   1 
HETATM 1266 O  O   . HOH N 5 .  ? -4.209  1.446   -6.677  1.00 21.96 ? 413 HOH A O   1 
HETATM 1267 O  O   . HOH N 5 .  ? -3.022  -0.265  1.781   1.00 15.15 ? 414 HOH A O   1 
HETATM 1268 O  O   . HOH N 5 .  ? 0.091   -1.780  -0.989  1.00 17.04 ? 415 HOH A O   1 
HETATM 1269 O  O   . HOH N 5 .  ? -0.326  -3.105  -10.610 1.00 22.84 ? 416 HOH A O   1 
HETATM 1270 O  O   . HOH N 5 .  ? 1.302   -3.293  -3.090  1.00 28.29 ? 417 HOH A O   1 
HETATM 1271 O  O   . HOH N 5 .  ? 1.536   -6.442  -1.841  1.00 23.09 ? 418 HOH A O   1 
HETATM 1272 O  O   . HOH N 5 .  ? 2.473   -13.913 -9.273  1.00 26.56 ? 419 HOH A O   1 
HETATM 1273 O  O   . HOH N 5 .  ? 0.868   -11.011 -15.879 1.00 21.07 ? 420 HOH A O   1 
HETATM 1274 O  O   . HOH N 5 .  ? -1.039  -0.425  -20.547 1.00 15.28 ? 421 HOH A O   1 
HETATM 1275 O  O   . HOH N 5 .  ? -10.838 -16.170 -9.659  1.00 23.79 ? 422 HOH A O   1 
HETATM 1276 O  O   . HOH N 5 .  ? -14.720 -12.595 -16.082 1.00 18.33 ? 423 HOH A O   1 
HETATM 1277 O  O   . HOH N 5 .  ? 5.620   -20.864 -8.105  1.00 13.39 ? 424 HOH A O   1 
HETATM 1278 O  O   . HOH N 5 .  ? 2.266   -14.661 -5.848  1.00 24.27 ? 425 HOH A O   1 
HETATM 1279 O  O   . HOH N 5 .  ? -6.417  -19.967 0.891   1.00 25.41 ? 426 HOH A O   1 
HETATM 1280 O  O   . HOH N 5 .  ? -5.286  -19.013 3.155   1.00 18.67 ? 427 HOH A O   1 
HETATM 1281 O  O   . HOH N 5 .  ? -7.505  -17.583 4.882   1.00 14.81 ? 428 HOH A O   1 
HETATM 1282 O  O   . HOH N 5 .  ? -1.317  -12.568 7.058   1.00 19.12 ? 429 HOH A O   1 
HETATM 1283 O  O   . HOH N 5 .  ? 0.336   -7.336  3.302   1.00 15.39 ? 430 HOH A O   1 
HETATM 1284 O  O   . HOH N 5 .  ? -2.074  -6.048  10.602  1.00 16.92 ? 431 HOH A O   1 
HETATM 1285 O  O   . HOH N 5 .  ? -5.962  -1.093  7.100   1.00 22.93 ? 432 HOH A O   1 
HETATM 1286 O  O   . HOH N 5 .  ? -8.433  -0.467  11.144  0.50 17.80 ? 433 HOH A O   1 
HETATM 1287 O  O   . HOH N 5 .  ? -7.957  -3.769  13.069  0.50 13.74 ? 434 HOH A O   1 
HETATM 1288 O  O   . HOH N 5 .  ? -8.525  -8.797  14.981  1.00 15.71 ? 435 HOH A O   1 
HETATM 1289 O  O   . HOH N 5 .  ? -17.216 -14.029 -6.313  1.00 27.53 ? 436 HOH A O   1 
HETATM 1290 O  O   . HOH N 5 .  ? -20.685 -4.208  -3.791  1.00 30.33 ? 437 HOH A O   1 
HETATM 1291 O  O   . HOH N 5 .  ? -18.356 -13.098 7.384   1.00 10.25 ? 438 HOH A O   1 
HETATM 1292 O  O   . HOH N 5 .  ? -17.114 -15.393 7.711   1.00 26.14 ? 439 HOH A O   1 
HETATM 1293 O  O   . HOH N 5 .  ? -19.011 -17.688 7.344   1.00 23.74 ? 440 HOH A O   1 
HETATM 1294 O  O   . HOH N 5 .  ? -15.543 -2.099  7.757   1.00 15.02 ? 441 HOH A O   1 
HETATM 1295 O  O   . HOH N 5 .  ? -20.643 -5.590  7.929   1.00 22.33 ? 442 HOH A O   1 
HETATM 1296 O  O   . HOH N 5 .  ? 0.686   -1.423  3.341   1.00 20.78 ? 443 HOH A O   1 
HETATM 1297 O  O   . HOH N 5 .  ? -12.524 4.244   -5.166  1.00 18.32 ? 444 HOH A O   1 
HETATM 1298 O  O   . HOH N 5 .  ? -11.265 6.421   -6.152  1.00 20.82 ? 445 HOH A O   1 
HETATM 1299 O  O   . HOH N 5 .  ? -13.440 2.035   -1.929  1.00 16.39 ? 446 HOH A O   1 
HETATM 1300 O  O   . HOH N 5 .  ? -16.641 -0.425  -4.202  1.00 27.41 ? 447 HOH A O   1 
HETATM 1301 O  O   . HOH N 5 .  ? -2.328  -0.941  -0.951  1.00 16.05 ? 448 HOH A O   1 
HETATM 1302 O  O   . HOH N 5 .  ? -0.451  2.657   -2.127  1.00 24.65 ? 449 HOH A O   1 
HETATM 1303 O  O   . HOH N 5 .  ? -8.043  -0.467  -12.501 1.00 19.49 ? 450 HOH A O   1 
HETATM 1304 O  O   . HOH N 5 .  ? 1.588   4.806   -3.476  1.00 30.19 ? 451 HOH A O   1 
HETATM 1305 O  O   . HOH N 5 .  ? -0.014  -13.857 -4.686  1.00 29.01 ? 452 HOH A O   1 
HETATM 1306 O  O   . HOH N 5 .  ? -0.991  -13.635 -12.597 1.00 28.69 ? 453 HOH A O   1 
HETATM 1307 O  O   . HOH N 5 .  ? 6.066   -14.735 -11.387 1.00 37.01 ? 454 HOH A O   1 
HETATM 1308 O  O   . HOH N 5 .  ? 0.624   -2.301  -21.789 1.00 23.27 ? 455 HOH A O   1 
HETATM 1309 O  O   . HOH N 5 .  ? -2.649  -6.485  -22.118 1.00 33.00 ? 456 HOH A O   1 
HETATM 1310 O  O   . HOH N 5 .  ? -2.213  -9.084  -22.675 1.00 39.69 ? 457 HOH A O   1 
HETATM 1311 O  O   . HOH N 5 .  ? 1.872   0.670   -17.933 1.00 29.85 ? 458 HOH A O   1 
HETATM 1312 O  O   . HOH N 5 .  ? -2.109  -10.022 -17.529 1.00 24.05 ? 459 HOH A O   1 
HETATM 1313 O  O   . HOH N 5 .  ? -11.866 0.080   -14.407 1.00 25.47 ? 460 HOH A O   1 
HETATM 1314 O  O   . HOH N 5 .  ? -15.657 -13.543 -17.933 1.00 30.01 ? 461 HOH A O   1 
HETATM 1315 O  O   . HOH N 5 .  ? -15.982 -14.158 -15.451 1.00 40.41 ? 462 HOH A O   1 
HETATM 1316 O  O   . HOH N 5 .  ? 1.182   -22.669 -7.910  1.00 17.14 ? 463 HOH A O   1 
HETATM 1317 O  O   . HOH N 5 .  ? 3.523   -21.175 -8.311  1.00 19.90 ? 464 HOH A O   1 
HETATM 1318 O  O   . HOH N 5 .  ? 1.486   -13.373 1.045   1.00 17.93 ? 465 HOH A O   1 
HETATM 1319 O  O   . HOH N 5 .  ? 2.028   -9.053  3.125   1.00 29.89 ? 466 HOH A O   1 
HETATM 1320 O  O   . HOH N 5 .  ? 2.332   -10.128 9.897   1.00 16.89 ? 467 HOH A O   1 
HETATM 1321 O  O   . HOH N 5 .  ? -17.469 -16.639 0.023   1.00 23.55 ? 468 HOH A O   1 
HETATM 1322 O  O   . HOH N 5 .  ? -18.002 -3.055  -0.752  1.00 28.20 ? 469 HOH A O   1 
HETATM 1323 O  O   . HOH N 5 .  ? -18.764 -2.695  8.053   1.00 19.66 ? 470 HOH A O   1 
HETATM 1324 O  O   . HOH N 5 .  ? 2.336   -4.638  6.346   1.00 30.58 ? 471 HOH A O   1 
HETATM 1325 O  O   . HOH N 5 .  ? -8.417  3.804   3.247   1.00 31.06 ? 472 HOH A O   1 
HETATM 1326 O  O   . HOH N 5 .  ? -14.281 4.498   -1.419  1.00 36.20 ? 473 HOH A O   1 
HETATM 1327 O  O   . HOH N 5 .  ? -15.086 1.588   1.548   1.00 28.92 ? 474 HOH A O   1 
HETATM 1328 O  O   . HOH N 5 .  ? -15.121 2.958   -4.439  1.00 26.72 ? 475 HOH A O   1 
HETATM 1329 O  O   . HOH N 5 .  ? -5.881  1.586   -10.044 1.00 24.89 ? 476 HOH A O   1 
HETATM 1330 O  O   . HOH N 5 .  ? -4.887  6.379   -6.796  1.00 37.44 ? 477 HOH A O   1 
HETATM 1331 O  O   . HOH N 5 .  ? -7.741  3.721   -8.918  1.00 37.60 ? 478 HOH A O   1 
HETATM 1332 O  O   . HOH N 5 .  ? -8.105  6.434   -8.442  1.00 17.48 ? 479 HOH A O   1 
HETATM 1333 O  O   . HOH N 5 .  ? -10.085 4.359   -7.262  1.00 24.01 ? 480 HOH A O   1 
HETATM 1334 O  O   . HOH N 5 .  ? -2.313  4.832   -8.117  1.00 39.29 ? 481 HOH A O   1 
HETATM 1335 O  O   . HOH N 5 .  ? 7.902   -4.371  -8.403  1.00 34.18 ? 482 HOH A O   1 
HETATM 1336 O  O   . HOH N 5 .  ? 5.463   -14.712 -8.824  1.00 25.82 ? 483 HOH A O   1 
HETATM 1337 O  O   . HOH N 5 .  ? -18.508 -9.928  -7.798  1.00 43.31 ? 484 HOH A O   1 
HETATM 1338 O  O   . HOH N 5 .  ? -15.626 -10.667 -16.733 1.00 33.19 ? 485 HOH A O   1 
HETATM 1339 O  O   . HOH N 5 .  ? -16.020 -16.169 -11.261 1.00 27.32 ? 486 HOH A O   1 
HETATM 1340 O  O   . HOH N 5 .  ? -16.922 -13.556 -12.889 1.00 38.18 ? 487 HOH A O   1 
HETATM 1341 O  O   . HOH N 5 .  ? -19.519 -13.320 -11.638 1.00 30.27 ? 488 HOH A O   1 
HETATM 1342 O  O   . HOH N 5 .  ? -5.142  -6.646  -21.675 1.00 35.59 ? 489 HOH A O   1 
HETATM 1343 O  O   . HOH N 5 .  ? -4.158  -10.144 -21.783 1.00 25.51 ? 490 HOH A O   1 
HETATM 1344 O  O   . HOH N 5 .  ? -1.455  -17.241 -16.332 1.00 31.22 ? 491 HOH A O   1 
HETATM 1345 O  O   . HOH N 5 .  ? -3.460  -23.388 -11.257 1.00 36.12 ? 492 HOH A O   1 
HETATM 1346 O  O   . HOH N 5 .  ? -11.954 -23.501 -6.328  1.00 27.74 ? 493 HOH A O   1 
HETATM 1347 O  O   . HOH N 5 .  ? -16.801 -19.976 -7.175  1.00 32.83 ? 494 HOH A O   1 
HETATM 1348 O  O   . HOH N 5 .  ? -10.562 -11.819 11.855  1.00 28.03 ? 495 HOH A O   1 
HETATM 1349 O  O   . HOH N 5 .  ? -8.800  -1.076  13.696  1.00 15.28 ? 496 HOH A O   1 
HETATM 1350 O  O   . HOH N 5 .  ? -8.737  -20.877 0.252   1.00 23.60 ? 497 HOH A O   1 
HETATM 1351 O  O   . HOH N 5 .  ? -15.702 -1.753  -5.933  1.00 43.93 ? 498 HOH A O   1 
HETATM 1352 O  O   . HOH N 5 .  ? 6.820   -6.635  -7.559  1.00 41.26 ? 499 HOH A O   1 
HETATM 1353 O  O   . HOH N 5 .  ? -14.125 -4.089  -17.917 1.00 35.45 ? 500 HOH A O   1 
HETATM 1354 O  O   . HOH N 5 .  ? 1.601   -16.482 6.987   1.00 41.12 ? 501 HOH A O   1 
HETATM 1355 O  O   . HOH N 5 .  ? -19.488 -13.345 5.366   1.00 38.14 ? 502 HOH A O   1 
HETATM 1356 O  O   . HOH N 5 .  ? -17.433 -10.540 -1.173  1.00 26.62 ? 503 HOH A O   1 
HETATM 1357 O  O   . HOH N 5 .  ? -20.724 -2.793  -0.027  1.00 33.31 ? 504 HOH A O   1 
HETATM 1358 O  O   . HOH N 5 .  ? -8.981  -7.906  -16.983 1.00 34.84 ? 505 HOH A O   1 
HETATM 1359 O  O   . HOH N 5 .  ? -4.883  -4.399  -22.440 1.00 29.52 ? 506 HOH A O   1 
HETATM 1360 O  O   . HOH N 5 .  ? -2.350  -9.845  -19.949 1.00 33.15 ? 507 HOH A O   1 
HETATM 1361 O  O   . HOH N 5 .  ? -13.980 -17.382 -11.791 1.00 38.25 ? 508 HOH A O   1 
HETATM 1362 O  O   . HOH N 5 .  ? -7.524  -10.644 14.004  1.00 37.58 ? 509 HOH A O   1 
HETATM 1363 O  O   . HOH N 5 .  ? -22.729 -0.595  -3.142  1.00 31.75 ? 510 HOH A O   1 
HETATM 1364 O  O   . HOH N 5 .  ? -1.791  -22.739 -12.762 1.00 37.06 ? 511 HOH A O   1 
HETATM 1365 O  O   . HOH N 5 .  ? -9.649  -20.182 -15.785 1.00 36.63 ? 512 HOH A O   1 
HETATM 1366 O  O   . HOH N 5 .  ? 3.079   -17.942 -8.242  1.00 21.72 ? 513 HOH A O   1 
HETATM 1367 O  O   . HOH N 5 .  ? -11.911 -5.210  -17.426 1.00 39.01 ? 514 HOH A O   1 
HETATM 1368 O  O   . HOH N 5 .  ? -9.427  -0.214  -14.785 1.00 54.99 ? 515 HOH A O   1 
HETATM 1369 O  O   . HOH N 5 .  ? -19.979 -10.222 -11.655 1.00 37.73 ? 516 HOH A O   1 
HETATM 1370 O  O   . HOH N 5 .  ? -8.637  -22.540 -13.024 1.00 44.82 ? 517 HOH A O   1 
HETATM 1371 O  O   . HOH N 5 .  ? -16.202 -18.067 -13.722 1.00 37.45 ? 518 HOH A O   1 
HETATM 1372 O  O   . HOH N 5 .  ? 4.657   -15.986 -5.833  1.00 41.16 ? 519 HOH A O   1 
HETATM 1373 O  O   . HOH N 5 .  ? -8.516  -21.458 -2.829  1.00 30.17 ? 520 HOH A O   1 
HETATM 1374 O  O   . HOH N 5 .  ? -4.232  -21.394 2.730   1.00 38.05 ? 521 HOH A O   1 
HETATM 1375 O  O   . HOH N 5 .  ? -13.438 -12.471 8.335   1.00 40.63 ? 522 HOH A O   1 
HETATM 1376 O  O   . HOH N 5 .  ? -19.119 -17.906 1.038   1.00 37.80 ? 523 HOH A O   1 
HETATM 1377 O  O   . HOH N 5 .  ? -21.209 -0.852  -6.018  1.00 39.36 ? 524 HOH A O   1 
HETATM 1378 O  O   . HOH N 5 .  ? 4.494   -9.570  -14.686 1.00 55.05 ? 525 HOH A O   1 
HETATM 1379 O  O   . HOH N 5 .  ? -20.097 -19.843 -4.889  1.00 39.87 ? 526 HOH A O   1 
HETATM 1380 O  O   . HOH N 5 .  ? -3.499  -2.578  -21.013 1.00 35.89 ? 527 HOH A O   1 
HETATM 1381 O  O   . HOH N 5 .  ? -9.892  -5.647  11.044  1.00 36.86 ? 528 HOH A O   1 
HETATM 1382 O  O   . HOH N 5 .  ? -8.504  1.248   6.400   1.00 37.93 ? 529 HOH A O   1 
HETATM 1383 O  O   . HOH N 5 .  ? 0.908   -1.108  -12.613 1.00 38.51 ? 530 HOH A O   1 
HETATM 1384 O  O   . HOH O 5 .  ? -7.159  10.121  -1.779  1.00 20.26 ? 410 HOH B O   1 
HETATM 1385 O  O   . HOH O 5 .  ? -6.494  9.483   -6.872  1.00 16.21 ? 411 HOH B O   1 
HETATM 1386 O  O   . HOH O 5 .  ? -2.695  1.993   -1.763  1.00 21.37 ? 412 HOH B O   1 
HETATM 1387 O  O   . HOH O 5 .  ? 1.314   1.295   2.300   1.00 11.64 ? 413 HOH B O   1 
HETATM 1388 O  O   . HOH O 5 .  ? -1.186  2.064   2.538   1.00 15.98 ? 414 HOH B O   1 
HETATM 1389 O  O   . HOH O 5 .  ? 1.679   0.671   -0.697  1.00 21.58 ? 415 HOH B O   1 
HETATM 1390 O  O   . HOH O 5 .  ? 3.933   -0.546  13.552  1.00 16.69 ? 416 HOH B O   1 
HETATM 1391 O  O   . HOH O 5 .  ? 5.955   -1.850  5.863   1.00 20.33 ? 417 HOH B O   1 
HETATM 1392 O  O   . HOH O 5 .  ? 10.947  -1.741  0.897   1.00 28.48 ? 418 HOH B O   1 
HETATM 1393 O  O   . HOH O 5 .  ? 16.228  13.942  3.760   1.00 20.84 ? 419 HOH B O   1 
HETATM 1394 O  O   . HOH O 5 .  ? 20.714  11.783  -1.838  1.00 28.36 ? 420 HOH B O   1 
HETATM 1395 O  O   . HOH O 5 .  ? 12.982  18.247  -4.188  1.00 31.45 ? 421 HOH B O   1 
HETATM 1396 O  O   . HOH O 5 .  ? 5.573   14.164  -8.238  1.00 39.43 ? 422 HOH B O   1 
HETATM 1397 O  O   . HOH O 5 .  ? 0.608   7.277   -3.276  1.00 19.27 ? 423 HOH B O   1 
HETATM 1398 O  O   . HOH O 5 .  ? -7.843  12.139  -1.017  1.00 22.22 ? 424 HOH B O   1 
HETATM 1399 O  O   . HOH O 5 .  ? 8.244   19.493  -1.663  1.00 23.02 ? 425 HOH B O   1 
HETATM 1400 O  O   . HOH O 5 .  ? 4.087   3.650   -3.361  1.00 33.88 ? 426 HOH B O   1 
HETATM 1401 O  O   . HOH O 5 .  ? 1.129   -5.881  0.734   1.00 29.42 ? 427 HOH B O   1 
HETATM 1402 O  O   . HOH O 5 .  ? 3.135   -7.439  10.468  1.00 23.07 ? 428 HOH B O   1 
HETATM 1403 O  O   . HOH O 5 .  ? 3.708   6.910   17.475  1.00 38.37 ? 429 HOH B O   1 
HETATM 1404 O  O   . HOH O 5 .  ? 1.982   5.390   13.762  1.00 28.91 ? 430 HOH B O   1 
HETATM 1405 O  O   . HOH O 5 .  ? 8.184   2.421   16.157  1.00 19.76 ? 431 HOH B O   1 
HETATM 1406 O  O   . HOH O 5 .  ? 8.945   -1.851  7.567   1.00 33.03 ? 432 HOH B O   1 
HETATM 1407 O  O   . HOH O 5 .  ? 10.741  -3.148  9.454   1.00 34.29 ? 433 HOH B O   1 
HETATM 1408 O  O   . HOH O 5 .  ? 7.487   -3.736  0.956   1.00 28.54 ? 434 HOH B O   1 
HETATM 1409 O  O   . HOH O 5 .  ? 10.532  3.689   -8.017  1.00 45.57 ? 435 HOH B O   1 
HETATM 1410 O  O   . HOH O 5 .  ? 9.845   8.897   -5.205  1.00 22.32 ? 436 HOH B O   1 
HETATM 1411 O  O   . HOH O 5 .  ? 11.852  -4.846  0.813   1.00 32.89 ? 437 HOH B O   1 
HETATM 1412 O  O   . HOH O 5 .  ? 15.252  -3.026  9.973   1.00 23.66 ? 438 HOH B O   1 
HETATM 1413 O  O   . HOH O 5 .  ? -9.757  9.590   5.124   0.50 1.16  ? 439 HOH B O   1 
HETATM 1414 O  O   . HOH O 5 .  ? 0.678   20.959  -0.609  1.00 29.62 ? 440 HOH B O   1 
HETATM 1415 O  O   . HOH O 5 .  ? 7.184   15.589  11.933  1.00 19.79 ? 441 HOH B O   1 
HETATM 1416 O  O   . HOH O 5 .  ? -10.023 11.320  4.030   0.50 21.12 ? 442 HOH B O   1 
HETATM 1417 O  O   . HOH O 5 .  ? -6.471  8.029   5.320   1.00 34.88 ? 443 HOH B O   1 
HETATM 1418 O  O   . HOH O 5 .  ? -5.637  6.396   3.763   1.00 36.27 ? 444 HOH B O   1 
HETATM 1419 O  O   . HOH O 5 .  ? -8.044  13.591  0.434   1.00 22.17 ? 445 HOH B O   1 
HETATM 1420 O  O   . HOH O 5 .  ? 3.141   19.219  -0.822  1.00 26.99 ? 446 HOH B O   1 
HETATM 1421 O  O   . HOH O 5 .  ? -3.765  1.931   8.825   1.00 27.98 ? 447 HOH B O   1 
HETATM 1422 O  O   . HOH O 5 .  ? 9.154   22.768  -5.171  1.00 33.51 ? 448 HOH B O   1 
HETATM 1423 O  O   . HOH O 5 .  ? 6.221   18.168  -9.367  1.00 31.26 ? 449 HOH B O   1 
HETATM 1424 O  O   . HOH O 5 .  ? -5.817  13.342  -2.118  1.00 30.79 ? 450 HOH B O   1 
HETATM 1425 O  O   . HOH O 5 .  ? 7.170   10.374  17.823  1.00 35.02 ? 451 HOH B O   1 
HETATM 1426 O  O   . HOH O 5 .  ? 6.208   -3.536  3.929   1.00 33.51 ? 452 HOH B O   1 
HETATM 1427 O  O   . HOH O 5 .  ? 19.141  -1.428  8.942   1.00 30.80 ? 453 HOH B O   1 
HETATM 1428 O  O   . HOH O 5 .  ? 20.806  3.112   3.688   1.00 36.95 ? 454 HOH B O   1 
HETATM 1429 O  O   . HOH O 5 .  ? 12.525  3.168   16.716  1.00 29.95 ? 455 HOH B O   1 
HETATM 1430 O  O   . HOH O 5 .  ? 14.482  4.355   16.339  1.00 32.86 ? 456 HOH B O   1 
HETATM 1431 O  O   . HOH O 5 .  ? 18.621  14.805  6.701   1.00 37.57 ? 457 HOH B O   1 
HETATM 1432 O  O   . HOH O 5 .  ? 10.981  -7.103  3.599   1.00 43.29 ? 458 HOH B O   1 
HETATM 1433 O  O   . HOH O 5 .  ? 15.950  2.774   15.890  1.00 39.50 ? 459 HOH B O   1 
HETATM 1434 O  O   . HOH O 5 .  ? 12.671  7.315   16.080  1.00 38.92 ? 460 HOH B O   1 
HETATM 1435 O  O   . HOH O 5 .  ? 2.017   12.952  -8.228  1.00 34.44 ? 461 HOH B O   1 
HETATM 1436 O  O   . HOH O 5 .  ? 0.341   7.715   -5.865  1.00 32.59 ? 462 HOH B O   1 
HETATM 1437 O  O   . HOH O 5 .  ? 4.276   10.485  -6.635  1.00 25.07 ? 463 HOH B O   1 
HETATM 1438 O  O   . HOH O 5 .  ? 5.651   19.481  -3.145  1.00 31.53 ? 464 HOH B O   1 
HETATM 1439 O  O   . HOH O 5 .  ? -5.644  19.017  3.292   1.00 32.94 ? 465 HOH B O   1 
HETATM 1440 O  O   . HOH O 5 .  ? -5.203  7.990   10.793  1.00 25.60 ? 466 HOH B O   1 
HETATM 1441 O  O   . HOH O 5 .  ? 9.753   6.117   -8.109  1.00 36.30 ? 467 HOH B O   1 
HETATM 1442 O  O   . HOH O 5 .  ? 12.981  -1.238  12.336  1.00 37.39 ? 468 HOH B O   1 
HETATM 1443 O  O   . HOH O 5 .  ? 18.400  15.980  4.554   1.00 36.26 ? 469 HOH B O   1 
HETATM 1444 O  O   . HOH O 5 .  ? 16.997  17.340  3.306   1.00 35.13 ? 470 HOH B O   1 
HETATM 1445 O  O   . HOH O 5 .  ? -3.060  15.040  0.191   1.00 35.68 ? 471 HOH B O   1 
HETATM 1446 O  O   . HOH O 5 .  ? -7.966  7.360   3.634   1.00 36.66 ? 472 HOH B O   1 
HETATM 1447 O  O   . HOH O 5 .  ? 5.614   26.163  10.767  1.00 36.94 ? 473 HOH B O   1 
HETATM 1448 O  O   . HOH O 5 .  ? 10.184  12.192  16.978  1.00 38.74 ? 474 HOH B O   1 
HETATM 1449 O  O   . HOH O 5 .  ? -2.967  7.192   13.006  1.00 39.23 ? 475 HOH B O   1 
HETATM 1450 O  O   . HOH O 5 .  ? 5.518   -5.267  10.628  1.00 35.08 ? 476 HOH B O   1 
HETATM 1451 O  O   . HOH O 5 .  ? 3.115   9.369   15.116  1.00 36.12 ? 477 HOH B O   1 
HETATM 1452 O  O   . HOH O 5 .  ? -8.885  8.271   8.307   1.00 39.50 ? 478 HOH B O   1 
# 
